data_9BKU
#
_entry.id   9BKU
#
_cell.length_a   1.00
_cell.length_b   1.00
_cell.length_c   1.00
_cell.angle_alpha   90.00
_cell.angle_beta   90.00
_cell.angle_gamma   90.00
#
_symmetry.space_group_name_H-M   'P 1'
#
loop_
_entity.id
_entity.type
_entity.pdbx_description
1 polymer 'Transient receptor potential cation channel subfamily V member 3'
2 non-polymer '[(2~{R})-1-[2-azanylethoxy(oxidanyl)phosphoryl]oxy-3-hexadecanoyloxy-propan-2-yl] (~{Z})-octadec-9-enoate'
#
_entity_poly.entity_id   1
_entity_poly.type   'polypeptide(L)'
_entity_poly.pdbx_seq_one_letter_code
;MKAHPKEMVPLMGKRVAAPSGNPAVLPEKRPAEITPTKKSAHFFLEIEGFEPNPTVAKTSPPVFSKPMDSNIRQCISGNC
DDMDSPQSPQDDVTETPSNPNSPSAQLAKEEQRRKKRRLKKRIFAAVSEGCVEELVELLVELQELCRRRHDEDVPDFLMH
KLTASDTGATCLMKALLNINPNTKEIVRILLAFAEENDILGRFINAEYTEEAYEGQTALNIAIERRQGDIAALLIAAGAD
VNAHAKGAFFNPKYQHEGFYFGETPLALAACTNQPEIVQLLMEHEQTDITSRDSRGNNILHALVTVAEDFKTQNDFVKRM
YDMILLRSGNWELETTRNNDGLTPLQLAAKMGKAEILKYILSREIKEKRLRSLSRKFTDWAYGPVSSSLYDLTNVDTTTD
NSVLEITVYNTNIDNRHEMLTLEPLHTLLHMKWKKFAKHMFFLSFCFYFFYNITLTLVSYYRPREEEAIPHPLALTHKMG
WLQLLGRMFVLIWAMCISVKEGIAIFLLRPSDLQSILSDAWFHFVFFIQAVLVILSVFLYLFAYKEYLACLVLAMALGWA
NMLYYTRGFQSMGMYSVMIQKVILHDVLKFLFVYIVFLLGFGVALASLIEKCPKDNKDCSSYGSFSDAVLELFKLTIGLG
DLNIQQNSKYPILFLFLLITYVILTFVLLLNMLIALMGETVENVSKESERIWRLQRARTILEFEKMLPEWLRSRFRMGEL
CKVAEDDFRLCLRINEVKWTEWKTHVSFLNEDPGPVRRTDFNKIQDSSRNNSKTTLNAFEEVEEFPETSVSNSLEVLFQ
;
_entity_poly.pdbx_strand_id   A,B,C,D
#
loop_
_chem_comp.id
_chem_comp.type
_chem_comp.name
_chem_comp.formula
6OU non-polymer '[(2~{R})-1-[2-azanylethoxy(oxidanyl)phosphoryl]oxy-3-hexadecanoyloxy-propan-2-yl] (~{Z})-octadec-9-enoate' 'C39 H76 N O8 P'
#
# COMPACT_ATOMS: atom_id res chain seq x y z
N ARG A 117 19.84 -43.23 51.83
CA ARG A 117 19.54 -42.37 50.70
C ARG A 117 18.43 -41.39 51.05
N ARG A 118 17.79 -41.60 52.20
CA ARG A 118 16.71 -40.72 52.62
C ARG A 118 17.24 -39.35 53.04
N LEU A 119 18.45 -39.32 53.60
CA LEU A 119 19.02 -38.05 54.05
C LEU A 119 19.28 -37.12 52.88
N LYS A 120 19.82 -37.65 51.78
CA LYS A 120 20.07 -36.82 50.61
C LYS A 120 18.77 -36.29 50.01
N LYS A 121 17.74 -37.14 49.97
CA LYS A 121 16.45 -36.70 49.46
C LYS A 121 15.85 -35.61 50.34
N ARG A 122 15.98 -35.75 51.66
CA ARG A 122 15.47 -34.72 52.57
C ARG A 122 16.24 -33.42 52.39
N ILE A 123 17.57 -33.50 52.23
CA ILE A 123 18.37 -32.30 52.01
C ILE A 123 17.94 -31.60 50.73
N PHE A 124 17.75 -32.37 49.66
CA PHE A 124 17.36 -31.78 48.37
C PHE A 124 15.97 -31.16 48.46
N ALA A 125 15.04 -31.84 49.13
CA ALA A 125 13.69 -31.29 49.27
C ALA A 125 13.71 -30.00 50.08
N ALA A 126 14.48 -29.97 51.18
CA ALA A 126 14.57 -28.76 51.98
C ALA A 126 15.19 -27.61 51.20
N VAL A 127 16.24 -27.91 50.42
CA VAL A 127 16.89 -26.88 49.62
C VAL A 127 15.93 -26.33 48.56
N SER A 128 15.15 -27.21 47.93
CA SER A 128 14.21 -26.78 46.91
C SER A 128 13.07 -25.96 47.53
N GLU A 129 12.59 -26.36 48.71
CA GLU A 129 11.47 -25.65 49.33
C GLU A 129 11.90 -24.30 49.88
N GLY A 130 13.04 -24.24 50.56
CA GLY A 130 13.51 -23.00 51.15
C GLY A 130 13.14 -22.80 52.60
N CYS A 131 12.66 -23.83 53.29
CA CYS A 131 12.30 -23.70 54.69
C CYS A 131 13.56 -23.59 55.53
N VAL A 132 13.74 -22.45 56.19
CA VAL A 132 14.97 -22.20 56.96
C VAL A 132 15.05 -23.15 58.15
N GLU A 133 13.95 -23.31 58.90
CA GLU A 133 13.96 -24.17 60.07
C GLU A 133 14.17 -25.64 59.67
N GLU A 134 13.49 -26.09 58.63
CA GLU A 134 13.65 -27.46 58.18
C GLU A 134 15.06 -27.72 57.68
N LEU A 135 15.64 -26.76 56.95
CA LEU A 135 17.01 -26.90 56.47
C LEU A 135 17.99 -26.94 57.62
N VAL A 136 17.76 -26.11 58.65
CA VAL A 136 18.65 -26.10 59.81
C VAL A 136 18.57 -27.43 60.56
N GLU A 137 17.35 -27.96 60.73
CA GLU A 137 17.20 -29.25 61.40
C GLU A 137 17.86 -30.37 60.60
N LEU A 138 17.70 -30.35 59.27
CA LEU A 138 18.33 -31.38 58.44
C LEU A 138 19.85 -31.27 58.49
N LEU A 139 20.38 -30.05 58.50
CA LEU A 139 21.82 -29.87 58.62
C LEU A 139 22.33 -30.35 59.97
N VAL A 140 21.57 -30.11 61.04
CA VAL A 140 21.95 -30.60 62.36
C VAL A 140 21.97 -32.12 62.37
N GLU A 141 20.95 -32.75 61.75
CA GLU A 141 20.92 -34.20 61.67
C GLU A 141 22.11 -34.74 60.87
N LEU A 142 22.44 -34.07 59.76
CA LEU A 142 23.58 -34.50 58.95
C LEU A 142 24.89 -34.38 59.72
N GLN A 143 25.05 -33.28 60.48
CA GLN A 143 26.25 -33.11 61.29
C GLN A 143 26.33 -34.17 62.38
N GLU A 144 25.20 -34.50 63.01
CA GLU A 144 25.19 -35.56 64.01
C GLU A 144 25.55 -36.91 63.41
N LEU A 145 25.03 -37.20 62.21
CA LEU A 145 25.35 -38.44 61.54
C LEU A 145 26.82 -38.51 61.17
N CYS A 146 27.39 -37.40 60.70
CA CYS A 146 28.80 -37.36 60.34
C CYS A 146 29.68 -37.54 61.57
N ARG A 147 29.31 -36.90 62.68
CA ARG A 147 30.07 -37.02 63.93
C ARG A 147 29.77 -38.33 64.64
N LEU A 158 30.93 -36.13 53.24
CA LEU A 158 29.74 -35.31 53.04
C LEU A 158 29.49 -35.07 51.56
N MET A 159 30.54 -35.25 50.75
CA MET A 159 30.40 -35.04 49.30
C MET A 159 29.45 -36.05 48.68
N HIS A 160 29.50 -37.30 49.13
CA HIS A 160 28.61 -38.32 48.59
C HIS A 160 27.16 -38.02 48.91
N LYS A 161 26.89 -37.53 50.13
CA LYS A 161 25.52 -37.18 50.51
C LYS A 161 25.05 -35.90 49.86
N LEU A 162 25.97 -34.98 49.54
CA LEU A 162 25.60 -33.70 48.97
C LEU A 162 25.48 -33.73 47.45
N THR A 163 26.15 -34.66 46.78
CA THR A 163 26.15 -34.73 45.32
C THR A 163 25.14 -35.78 44.87
N ALA A 164 24.36 -35.43 43.85
CA ALA A 164 23.37 -36.33 43.25
C ALA A 164 23.91 -36.87 41.94
N SER A 165 23.78 -38.18 41.74
CA SER A 165 24.31 -38.82 40.54
C SER A 165 23.40 -38.65 39.33
N ASP A 166 22.22 -38.05 39.50
CA ASP A 166 21.30 -37.86 38.37
C ASP A 166 21.91 -36.95 37.33
N THR A 167 22.53 -35.85 37.76
CA THR A 167 23.16 -34.92 36.82
C THR A 167 24.51 -34.40 37.34
N GLY A 168 25.03 -34.98 38.42
CA GLY A 168 26.28 -34.49 38.99
C GLY A 168 26.17 -33.10 39.56
N ALA A 169 25.01 -32.75 40.11
CA ALA A 169 24.77 -31.43 40.67
C ALA A 169 25.14 -31.41 42.15
N THR A 170 24.78 -30.33 42.84
CA THR A 170 25.06 -30.18 44.26
C THR A 170 23.89 -29.44 44.91
N CYS A 171 23.95 -29.33 46.24
CA CYS A 171 22.91 -28.62 46.98
C CYS A 171 22.86 -27.15 46.59
N LEU A 172 24.03 -26.54 46.40
CA LEU A 172 24.06 -25.13 45.99
C LEU A 172 23.46 -24.96 44.60
N MET A 173 23.78 -25.86 43.68
CA MET A 173 23.20 -25.78 42.34
C MET A 173 21.69 -25.97 42.38
N LYS A 174 21.21 -26.91 43.21
CA LYS A 174 19.77 -27.11 43.33
C LYS A 174 19.09 -25.88 43.93
N ALA A 175 19.72 -25.25 44.92
CA ALA A 175 19.14 -24.05 45.52
C ALA A 175 19.09 -22.90 44.54
N LEU A 176 20.16 -22.72 43.76
CA LEU A 176 20.21 -21.63 42.79
C LEU A 176 19.27 -21.87 41.60
N LEU A 177 19.07 -23.12 41.20
CA LEU A 177 18.15 -23.41 40.10
C LEU A 177 16.71 -23.16 40.51
N ASN A 178 16.38 -23.38 41.78
CA ASN A 178 15.04 -23.18 42.31
C ASN A 178 15.00 -22.05 43.33
N ILE A 179 15.59 -20.91 42.99
CA ILE A 179 15.66 -19.79 43.91
C ILE A 179 14.26 -19.32 44.29
N ASN A 180 14.11 -18.94 45.56
CA ASN A 180 12.83 -18.49 46.10
C ASN A 180 13.04 -17.19 46.86
N PRO A 181 11.98 -16.62 47.46
CA PRO A 181 12.15 -15.36 48.20
C PRO A 181 13.10 -15.48 49.38
N ASN A 182 13.34 -16.68 49.90
CA ASN A 182 14.28 -16.91 50.99
C ASN A 182 15.47 -17.74 50.54
N THR A 183 15.86 -17.62 49.26
CA THR A 183 16.97 -18.40 48.75
C THR A 183 18.31 -17.91 49.29
N LYS A 184 18.41 -16.61 49.60
CA LYS A 184 19.66 -16.08 50.14
C LYS A 184 20.00 -16.70 51.48
N GLU A 185 18.99 -16.87 52.35
CA GLU A 185 19.23 -17.49 53.64
C GLU A 185 19.67 -18.94 53.50
N ILE A 186 19.04 -19.67 52.58
CA ILE A 186 19.41 -21.07 52.36
C ILE A 186 20.84 -21.15 51.82
N VAL A 187 21.20 -20.26 50.89
CA VAL A 187 22.55 -20.26 50.34
C VAL A 187 23.57 -19.94 51.44
N ARG A 188 23.26 -18.96 52.29
CA ARG A 188 24.15 -18.62 53.39
C ARG A 188 24.32 -19.78 54.36
N ILE A 189 23.22 -20.48 54.67
CA ILE A 189 23.29 -21.62 55.58
C ILE A 189 24.13 -22.73 54.97
N LEU A 190 23.95 -23.01 53.67
CA LEU A 190 24.75 -24.03 53.01
C LEU A 190 26.23 -23.66 52.99
N LEU A 191 26.53 -22.39 52.73
CA LEU A 191 27.92 -21.94 52.73
C LEU A 191 28.53 -22.06 54.12
N ALA A 192 27.77 -21.71 55.16
CA ALA A 192 28.28 -21.84 56.52
C ALA A 192 28.52 -23.29 56.89
N PHE A 193 27.61 -24.18 56.48
CA PHE A 193 27.81 -25.61 56.75
C PHE A 193 29.04 -26.15 56.02
N ALA A 194 29.24 -25.72 54.77
CA ALA A 194 30.41 -26.16 54.02
C ALA A 194 31.69 -25.63 54.66
N GLU A 195 31.68 -24.39 55.15
CA GLU A 195 32.85 -23.84 55.82
C GLU A 195 33.14 -24.59 57.12
N GLU A 196 32.08 -24.92 57.87
CA GLU A 196 32.26 -25.68 59.11
C GLU A 196 32.83 -27.05 58.83
N ASN A 197 32.35 -27.69 57.76
CA ASN A 197 32.87 -29.00 57.36
C ASN A 197 34.19 -28.90 56.61
N ASP A 198 34.67 -27.69 56.32
CA ASP A 198 35.93 -27.47 55.60
C ASP A 198 35.92 -28.15 54.24
N ILE A 199 34.80 -28.06 53.53
CA ILE A 199 34.64 -28.66 52.21
C ILE A 199 34.12 -27.65 51.20
N LEU A 200 34.03 -26.37 51.57
CA LEU A 200 33.52 -25.35 50.66
C LEU A 200 34.35 -25.28 49.39
N GLY A 201 35.68 -25.22 49.54
CA GLY A 201 36.55 -25.25 48.38
C GLY A 201 36.40 -26.51 47.56
N ARG A 202 35.98 -27.61 48.20
CA ARG A 202 35.72 -28.83 47.45
C ARG A 202 34.45 -28.71 46.63
N PHE A 203 33.48 -27.95 47.14
CA PHE A 203 32.20 -27.79 46.44
C PHE A 203 32.19 -26.61 45.47
N ILE A 204 33.15 -25.70 45.58
CA ILE A 204 33.20 -24.55 44.68
C ILE A 204 33.56 -25.01 43.27
N ASN A 205 34.43 -26.00 43.16
CA ASN A 205 34.87 -26.52 41.87
C ASN A 205 33.98 -27.65 41.36
N ALA A 206 32.88 -27.96 42.04
CA ALA A 206 31.99 -29.03 41.60
C ALA A 206 31.34 -28.65 40.27
N GLU A 207 31.22 -29.63 39.37
CA GLU A 207 30.66 -29.40 38.06
C GLU A 207 29.79 -30.58 37.67
N TYR A 208 28.97 -30.38 36.64
CA TYR A 208 28.09 -31.42 36.14
C TYR A 208 28.92 -32.55 35.52
N THR A 209 28.59 -33.79 35.90
CA THR A 209 29.27 -34.94 35.32
C THR A 209 28.54 -35.48 34.09
N GLU A 210 27.36 -34.96 33.77
CA GLU A 210 26.60 -35.42 32.62
C GLU A 210 27.27 -34.93 31.33
N GLU A 211 26.93 -35.61 30.23
CA GLU A 211 27.49 -35.29 28.92
C GLU A 211 26.69 -34.23 28.18
N ALA A 212 25.63 -33.69 28.80
CA ALA A 212 24.79 -32.69 28.16
C ALA A 212 25.16 -31.26 28.55
N TYR A 213 25.36 -31.01 29.84
CA TYR A 213 25.67 -29.67 30.35
C TYR A 213 26.90 -29.72 31.24
N GLU A 214 27.95 -30.39 30.78
CA GLU A 214 29.17 -30.49 31.55
C GLU A 214 29.85 -29.13 31.67
N GLY A 215 30.37 -28.84 32.85
CA GLY A 215 31.06 -27.60 33.12
C GLY A 215 30.26 -26.57 33.89
N GLN A 216 28.97 -26.82 34.14
CA GLN A 216 28.17 -25.89 34.92
C GLN A 216 28.66 -25.79 36.35
N THR A 217 28.51 -24.60 36.93
CA THR A 217 28.93 -24.34 38.29
C THR A 217 27.89 -23.45 38.98
N ALA A 218 28.03 -23.34 40.30
CA ALA A 218 27.12 -22.50 41.07
C ALA A 218 27.21 -21.04 40.64
N LEU A 219 28.43 -20.56 40.38
CA LEU A 219 28.60 -19.21 39.89
C LEU A 219 27.94 -19.02 38.54
N ASN A 220 28.07 -20.01 37.64
CA ASN A 220 27.43 -19.93 36.34
C ASN A 220 25.91 -19.85 36.48
N ILE A 221 25.34 -20.69 37.33
CA ILE A 221 23.88 -20.69 37.53
C ILE A 221 23.43 -19.36 38.13
N ALA A 222 24.19 -18.85 39.11
CA ALA A 222 23.81 -17.59 39.74
C ALA A 222 23.88 -16.43 38.75
N ILE A 223 24.88 -16.42 37.87
CA ILE A 223 24.99 -15.37 36.86
C ILE A 223 23.85 -15.49 35.86
N GLU A 224 23.50 -16.72 35.47
CA GLU A 224 22.39 -16.90 34.54
C GLU A 224 21.07 -16.43 35.14
N ARG A 225 20.85 -16.73 36.42
CA ARG A 225 19.58 -16.38 37.07
C ARG A 225 19.51 -14.91 37.47
N ARG A 226 20.46 -14.08 37.04
CA ARG A 226 20.49 -12.65 37.29
C ARG A 226 20.52 -12.30 38.78
N GLN A 227 20.95 -13.22 39.64
CA GLN A 227 20.98 -12.95 41.08
C GLN A 227 22.36 -12.38 41.43
N GLY A 228 22.44 -11.05 41.35
CA GLY A 228 23.72 -10.38 41.50
C GLY A 228 24.32 -10.51 42.89
N ASP A 229 23.48 -10.43 43.93
CA ASP A 229 23.99 -10.51 45.29
C ASP A 229 24.63 -11.87 45.56
N ILE A 230 23.92 -12.95 45.20
CA ILE A 230 24.47 -14.30 45.40
C ILE A 230 25.68 -14.51 44.51
N ALA A 231 25.66 -13.96 43.29
CA ALA A 231 26.82 -14.09 42.41
C ALA A 231 28.05 -13.44 43.01
N ALA A 232 27.90 -12.22 43.54
CA ALA A 232 29.03 -11.54 44.17
C ALA A 232 29.49 -12.29 45.42
N LEU A 233 28.54 -12.84 46.19
CA LEU A 233 28.92 -13.62 47.37
C LEU A 233 29.74 -14.83 46.98
N LEU A 234 29.33 -15.54 45.92
CA LEU A 234 30.08 -16.71 45.46
C LEU A 234 31.47 -16.32 44.96
N ILE A 235 31.56 -15.20 44.22
CA ILE A 235 32.85 -14.75 43.74
C ILE A 235 33.78 -14.42 44.91
N ALA A 236 33.24 -13.75 45.94
CA ALA A 236 34.03 -13.43 47.12
C ALA A 236 34.38 -14.68 47.93
N ALA A 237 33.58 -15.75 47.81
CA ALA A 237 33.85 -16.99 48.54
C ALA A 237 34.87 -17.88 47.85
N GLY A 238 35.33 -17.51 46.65
CA GLY A 238 36.31 -18.31 45.96
C GLY A 238 35.78 -19.18 44.84
N ALA A 239 34.68 -18.78 44.20
CA ALA A 239 34.15 -19.54 43.08
C ALA A 239 35.07 -19.43 41.88
N ASP A 240 35.12 -20.51 41.09
CA ASP A 240 35.96 -20.52 39.90
C ASP A 240 35.44 -19.53 38.87
N VAL A 241 36.27 -18.57 38.50
CA VAL A 241 35.92 -17.54 37.53
C VAL A 241 36.26 -17.97 36.12
N ASN A 242 37.41 -18.62 35.93
CA ASN A 242 37.86 -19.09 34.63
C ASN A 242 37.32 -20.48 34.28
N ALA A 243 36.26 -20.93 34.96
CA ALA A 243 35.71 -22.24 34.69
C ALA A 243 35.09 -22.28 33.30
N HIS A 244 35.41 -23.33 32.55
CA HIS A 244 34.92 -23.50 31.18
C HIS A 244 33.79 -24.52 31.18
N ALA A 245 32.64 -24.13 30.65
CA ALA A 245 31.47 -25.01 30.56
C ALA A 245 31.38 -25.51 29.12
N LYS A 246 32.02 -26.66 28.87
CA LYS A 246 32.12 -27.23 27.53
C LYS A 246 31.09 -28.33 27.29
N GLY A 247 29.88 -28.17 27.84
CA GLY A 247 28.84 -29.14 27.59
C GLY A 247 28.39 -29.15 26.15
N ALA A 248 27.94 -30.31 25.69
CA ALA A 248 27.53 -30.46 24.29
C ALA A 248 26.34 -29.58 23.96
N PHE A 249 25.40 -29.42 24.89
CA PHE A 249 24.25 -28.56 24.66
C PHE A 249 24.67 -27.10 24.60
N PHE A 250 25.80 -26.75 25.21
CA PHE A 250 26.22 -25.35 25.25
C PHE A 250 26.78 -24.90 23.90
N ASN A 251 27.48 -25.77 23.20
CA ASN A 251 28.00 -25.42 21.88
C ASN A 251 27.34 -26.30 20.82
N PRO A 252 26.02 -26.21 20.68
CA PRO A 252 25.33 -27.04 19.68
C PRO A 252 25.71 -26.65 18.26
N LYS A 253 25.57 -27.61 17.35
CA LYS A 253 25.88 -27.37 15.95
C LYS A 253 24.97 -26.30 15.36
N TYR A 254 23.69 -26.33 15.73
CA TYR A 254 22.71 -25.35 15.27
C TYR A 254 22.45 -24.33 16.37
N GLN A 255 22.18 -23.09 15.96
CA GLN A 255 21.90 -22.03 16.92
C GLN A 255 20.59 -22.25 17.64
N HIS A 256 19.63 -22.94 17.01
CA HIS A 256 18.35 -23.23 17.63
C HIS A 256 18.35 -24.50 18.46
N GLU A 257 19.42 -25.29 18.40
CA GLU A 257 19.52 -26.53 19.16
C GLU A 257 20.11 -26.33 20.56
N GLY A 258 20.52 -25.11 20.90
CA GLY A 258 21.08 -24.86 22.21
C GLY A 258 21.40 -23.38 22.37
N PHE A 259 21.85 -23.05 23.58
CA PHE A 259 22.21 -21.68 23.93
C PHE A 259 23.73 -21.60 24.04
N TYR A 260 24.33 -20.74 23.21
CA TYR A 260 25.77 -20.52 23.21
C TYR A 260 26.06 -19.12 23.71
N PHE A 261 26.87 -19.02 24.76
CA PHE A 261 27.24 -17.74 25.34
C PHE A 261 28.74 -17.49 25.39
N GLY A 262 29.56 -18.53 25.37
CA GLY A 262 31.00 -18.35 25.38
C GLY A 262 31.73 -19.30 26.31
N GLU A 263 30.98 -20.17 27.00
CA GLU A 263 31.55 -21.16 27.90
C GLU A 263 32.43 -20.51 28.96
N THR A 264 31.95 -19.39 29.53
CA THR A 264 32.71 -18.65 30.52
C THR A 264 31.73 -17.77 31.30
N PRO A 265 31.88 -17.65 32.62
CA PRO A 265 30.99 -16.73 33.36
C PRO A 265 31.05 -15.30 32.85
N LEU A 266 32.24 -14.82 32.47
CA LEU A 266 32.35 -13.48 31.92
C LEU A 266 31.57 -13.36 30.61
N ALA A 267 31.69 -14.36 29.74
CA ALA A 267 30.96 -14.33 28.47
C ALA A 267 29.45 -14.40 28.71
N LEU A 268 29.01 -15.20 29.69
CA LEU A 268 27.59 -15.27 29.98
C LEU A 268 27.06 -13.95 30.53
N ALA A 269 27.83 -13.31 31.41
CA ALA A 269 27.43 -12.01 31.92
C ALA A 269 27.39 -10.98 30.80
N ALA A 270 28.31 -11.08 29.84
CA ALA A 270 28.30 -10.16 28.71
C ALA A 270 27.09 -10.38 27.81
N CYS A 271 26.75 -11.64 27.55
CA CYS A 271 25.65 -11.94 26.64
C CYS A 271 24.28 -11.76 27.30
N THR A 272 24.21 -11.81 28.62
CA THR A 272 22.94 -11.72 29.33
C THR A 272 22.66 -10.31 29.83
N ASN A 273 23.47 -9.33 29.45
CA ASN A 273 23.24 -7.91 29.76
C ASN A 273 23.18 -7.68 31.28
N GLN A 274 24.34 -7.90 31.92
CA GLN A 274 24.53 -7.64 33.34
C GLN A 274 25.74 -6.73 33.50
N PRO A 275 25.57 -5.41 33.31
CA PRO A 275 26.73 -4.50 33.43
C PRO A 275 27.41 -4.58 34.78
N GLU A 276 26.65 -4.62 35.87
CA GLU A 276 27.25 -4.64 37.20
C GLU A 276 28.08 -5.91 37.40
N ILE A 277 27.55 -7.06 36.98
CA ILE A 277 28.25 -8.32 37.18
C ILE A 277 29.49 -8.40 36.30
N VAL A 278 29.38 -7.94 35.04
CA VAL A 278 30.54 -7.99 34.16
C VAL A 278 31.62 -7.02 34.65
N GLN A 279 31.22 -5.87 35.20
CA GLN A 279 32.20 -4.95 35.76
C GLN A 279 32.87 -5.54 37.00
N LEU A 280 32.11 -6.21 37.85
CA LEU A 280 32.68 -6.85 39.02
C LEU A 280 33.65 -7.95 38.63
N LEU A 281 33.33 -8.71 37.58
CA LEU A 281 34.24 -9.74 37.10
C LEU A 281 35.50 -9.13 36.50
N MET A 282 35.35 -8.04 35.74
CA MET A 282 36.51 -7.40 35.12
C MET A 282 37.44 -6.81 36.18
N GLU A 283 36.87 -6.22 37.24
CA GLU A 283 37.69 -5.64 38.29
C GLU A 283 38.42 -6.69 39.12
N HIS A 284 38.01 -7.96 39.01
CA HIS A 284 38.67 -9.01 39.76
C HIS A 284 40.08 -9.25 39.21
N GLU A 285 40.96 -9.74 40.08
CA GLU A 285 42.35 -9.96 39.70
C GLU A 285 42.61 -11.37 39.18
N GLN A 286 41.88 -12.36 39.70
CA GLN A 286 42.11 -13.74 39.29
C GLN A 286 41.55 -14.06 37.92
N THR A 287 40.74 -13.18 37.33
CA THR A 287 40.15 -13.44 36.03
C THR A 287 41.15 -13.13 34.91
N ASP A 288 40.77 -13.52 33.70
CA ASP A 288 41.53 -13.22 32.49
C ASP A 288 40.59 -12.81 31.38
N ILE A 289 41.14 -12.10 30.39
CA ILE A 289 40.36 -11.58 29.28
C ILE A 289 40.69 -12.32 27.98
N THR A 290 41.94 -12.73 27.80
CA THR A 290 42.37 -13.41 26.58
C THR A 290 42.03 -14.89 26.57
N SER A 291 41.16 -15.35 27.47
CA SER A 291 40.79 -16.75 27.51
C SER A 291 39.98 -17.14 26.27
N ARG A 292 40.31 -18.29 25.70
CA ARG A 292 39.64 -18.82 24.52
C ARG A 292 38.93 -20.11 24.89
N ASP A 293 37.65 -20.21 24.55
CA ASP A 293 36.84 -21.35 24.90
C ASP A 293 37.10 -22.51 23.93
N SER A 294 36.25 -23.53 23.98
CA SER A 294 36.42 -24.69 23.10
C SER A 294 36.30 -24.29 21.63
N ARG A 295 35.36 -23.41 21.31
CA ARG A 295 35.22 -22.90 19.96
C ARG A 295 36.35 -21.96 19.57
N GLY A 296 37.21 -21.58 20.52
CA GLY A 296 38.24 -20.60 20.27
C GLY A 296 37.78 -19.16 20.37
N ASN A 297 36.50 -18.92 20.61
CA ASN A 297 35.96 -17.58 20.67
C ASN A 297 36.21 -16.94 22.02
N ASN A 298 36.57 -15.66 22.01
CA ASN A 298 36.72 -14.87 23.22
C ASN A 298 35.42 -14.09 23.47
N ILE A 299 35.49 -13.13 24.41
CA ILE A 299 34.30 -12.37 24.77
C ILE A 299 33.78 -11.58 23.58
N LEU A 300 34.69 -10.98 22.80
CA LEU A 300 34.25 -10.19 21.65
C LEU A 300 33.61 -11.06 20.58
N HIS A 301 34.19 -12.24 20.31
CA HIS A 301 33.58 -13.15 19.36
C HIS A 301 32.21 -13.61 19.83
N ALA A 302 32.09 -13.92 21.13
CA ALA A 302 30.80 -14.34 21.66
C ALA A 302 29.76 -13.25 21.54
N LEU A 303 30.14 -12.00 21.84
CA LEU A 303 29.23 -10.88 21.71
C LEU A 303 28.82 -10.67 20.26
N VAL A 304 29.76 -10.84 19.33
CA VAL A 304 29.44 -10.73 17.90
C VAL A 304 28.44 -11.80 17.51
N THR A 305 28.65 -13.03 17.97
CA THR A 305 27.74 -14.12 17.62
C THR A 305 26.35 -13.88 18.21
N VAL A 306 26.28 -13.37 19.44
CA VAL A 306 24.99 -13.18 20.09
C VAL A 306 24.25 -11.97 19.54
N ALA A 307 24.98 -10.98 19.02
CA ALA A 307 24.36 -9.75 18.53
C ALA A 307 23.33 -10.05 17.43
N GLU A 308 22.37 -9.15 17.31
CA GLU A 308 21.26 -9.31 16.36
C GLU A 308 21.53 -8.46 15.12
N ASP A 309 21.32 -9.05 13.95
CA ASP A 309 21.53 -8.33 12.70
C ASP A 309 20.54 -7.17 12.55
N PHE A 310 19.28 -7.40 12.92
CA PHE A 310 18.28 -6.35 12.80
C PHE A 310 18.55 -5.22 13.77
N LYS A 311 18.32 -3.99 13.31
CA LYS A 311 18.55 -2.79 14.12
C LYS A 311 17.37 -2.62 15.07
N THR A 312 17.49 -3.23 16.25
CA THR A 312 16.46 -3.13 17.25
C THR A 312 16.48 -1.75 17.92
N GLN A 313 15.38 -1.44 18.62
CA GLN A 313 15.29 -0.15 19.30
C GLN A 313 16.32 -0.04 20.43
N ASN A 314 16.52 -1.13 21.18
CA ASN A 314 17.48 -1.17 22.27
C ASN A 314 18.59 -2.15 21.91
N ASP A 315 19.79 -1.62 21.68
CA ASP A 315 20.95 -2.43 21.32
C ASP A 315 21.97 -2.32 22.44
N PHE A 316 22.01 -3.33 23.30
CA PHE A 316 22.95 -3.35 24.42
C PHE A 316 24.27 -4.00 24.06
N VAL A 317 24.29 -4.87 23.05
CA VAL A 317 25.50 -5.61 22.71
C VAL A 317 26.58 -4.66 22.23
N LYS A 318 26.22 -3.67 21.40
CA LYS A 318 27.21 -2.73 20.91
C LYS A 318 27.79 -1.88 22.03
N ARG A 319 26.93 -1.37 22.92
CA ARG A 319 27.41 -0.54 24.02
C ARG A 319 28.32 -1.33 24.94
N MET A 320 27.96 -2.58 25.25
CA MET A 320 28.78 -3.34 26.18
C MET A 320 30.05 -3.86 25.51
N TYR A 321 30.01 -4.11 24.19
CA TYR A 321 31.24 -4.35 23.44
C TYR A 321 32.18 -3.16 23.55
N ASP A 322 31.64 -1.95 23.39
CA ASP A 322 32.44 -0.74 23.52
C ASP A 322 33.04 -0.66 24.92
N MET A 323 32.22 -0.92 25.94
CA MET A 323 32.70 -0.84 27.32
C MET A 323 33.82 -1.85 27.58
N ILE A 324 33.63 -3.09 27.13
CA ILE A 324 34.64 -4.12 27.37
C ILE A 324 35.93 -3.79 26.63
N LEU A 325 35.83 -3.32 25.37
CA LEU A 325 37.03 -2.98 24.62
C LEU A 325 37.77 -1.82 25.26
N LEU A 326 37.04 -0.81 25.74
CA LEU A 326 37.69 0.32 26.40
C LEU A 326 38.35 -0.11 27.72
N ARG A 327 37.69 -0.99 28.47
CA ARG A 327 38.29 -1.47 29.71
C ARG A 327 39.53 -2.32 29.44
N SER A 328 39.53 -3.09 28.35
CA SER A 328 40.71 -3.88 28.00
C SER A 328 41.86 -2.97 27.57
N GLY A 329 41.58 -2.04 26.66
CA GLY A 329 42.61 -1.10 26.22
C GLY A 329 43.80 -1.74 25.54
N ASN A 330 43.57 -2.74 24.70
CA ASN A 330 44.64 -3.41 24.00
C ASN A 330 44.12 -3.97 22.67
N TRP A 331 45.05 -4.20 21.75
CA TRP A 331 44.71 -4.73 20.43
C TRP A 331 44.74 -6.25 20.38
N GLU A 332 45.06 -6.92 21.49
CA GLU A 332 45.13 -8.37 21.48
C GLU A 332 43.75 -8.99 21.34
N LEU A 333 42.73 -8.36 21.92
CA LEU A 333 41.37 -8.90 21.84
C LEU A 333 40.86 -8.90 20.41
N GLU A 334 41.10 -7.82 19.67
CA GLU A 334 40.58 -7.70 18.31
C GLU A 334 41.49 -8.35 17.27
N THR A 335 42.63 -8.90 17.67
CA THR A 335 43.55 -9.55 16.75
C THR A 335 43.63 -11.06 16.93
N THR A 336 43.05 -11.60 18.00
CA THR A 336 43.10 -13.04 18.23
C THR A 336 42.15 -13.75 17.28
N ARG A 337 42.60 -14.90 16.78
CA ARG A 337 41.82 -15.71 15.84
C ARG A 337 41.48 -17.04 16.50
N ASN A 338 40.27 -17.51 16.26
CA ASN A 338 39.82 -18.80 16.77
C ASN A 338 40.27 -19.91 15.81
N ASN A 339 39.74 -21.13 16.01
CA ASN A 339 40.09 -22.24 15.13
C ASN A 339 39.64 -22.00 13.70
N ASP A 340 38.66 -21.13 13.48
CA ASP A 340 38.27 -20.75 12.13
C ASP A 340 39.20 -19.73 11.51
N GLY A 341 40.15 -19.20 12.28
CA GLY A 341 41.09 -18.21 11.77
C GLY A 341 40.46 -16.88 11.41
N LEU A 342 39.58 -16.37 12.26
CA LEU A 342 38.88 -15.11 12.00
C LEU A 342 39.01 -14.19 13.20
N THR A 343 39.23 -12.90 12.94
CA THR A 343 39.15 -11.87 13.95
C THR A 343 37.70 -11.57 14.24
N PRO A 344 37.41 -10.83 15.33
CA PRO A 344 36.01 -10.44 15.58
C PRO A 344 35.37 -9.69 14.42
N LEU A 345 36.13 -8.82 13.75
CA LEU A 345 35.60 -8.08 12.60
C LEU A 345 35.24 -9.03 11.47
N GLN A 346 36.14 -9.97 11.16
CA GLN A 346 35.86 -10.94 10.10
C GLN A 346 34.68 -11.83 10.46
N LEU A 347 34.56 -12.20 11.74
CA LEU A 347 33.43 -13.02 12.18
C LEU A 347 32.12 -12.27 12.04
N ALA A 348 32.11 -10.98 12.39
CA ALA A 348 30.91 -10.16 12.21
C ALA A 348 30.55 -10.04 10.74
N ALA A 349 31.56 -9.85 9.88
CA ALA A 349 31.30 -9.78 8.44
C ALA A 349 30.75 -11.09 7.91
N LYS A 350 31.26 -12.22 8.41
CA LYS A 350 30.80 -13.53 7.95
C LYS A 350 29.36 -13.80 8.39
N MET A 351 29.06 -13.51 9.66
CA MET A 351 27.72 -13.77 10.17
C MET A 351 26.69 -12.76 9.70
N GLY A 352 27.11 -11.58 9.25
CA GLY A 352 26.19 -10.62 8.68
C GLY A 352 25.54 -9.72 9.71
N LYS A 353 26.35 -9.06 10.54
CA LYS A 353 25.86 -8.13 11.56
C LYS A 353 26.24 -6.72 11.14
N ALA A 354 25.31 -6.04 10.48
CA ALA A 354 25.60 -4.73 9.91
C ALA A 354 25.93 -3.70 10.98
N GLU A 355 25.19 -3.72 12.10
CA GLU A 355 25.41 -2.72 13.14
C GLU A 355 26.80 -2.85 13.75
N ILE A 356 27.16 -4.07 14.16
CA ILE A 356 28.48 -4.29 14.76
C ILE A 356 29.58 -4.03 13.74
N LEU A 357 29.37 -4.44 12.48
CA LEU A 357 30.36 -4.19 11.45
C LEU A 357 30.60 -2.70 11.27
N LYS A 358 29.53 -1.92 11.18
CA LYS A 358 29.67 -0.47 11.03
C LYS A 358 30.34 0.15 12.23
N TYR A 359 29.97 -0.29 13.45
CA TYR A 359 30.58 0.26 14.64
C TYR A 359 32.08 -0.01 14.68
N ILE A 360 32.50 -1.22 14.33
CA ILE A 360 33.92 -1.56 14.37
C ILE A 360 34.67 -0.83 13.26
N LEU A 361 34.07 -0.74 12.07
CA LEU A 361 34.76 -0.10 10.95
C LEU A 361 34.92 1.40 11.16
N SER A 362 33.89 2.06 11.68
CA SER A 362 33.92 3.50 11.92
C SER A 362 33.84 3.72 13.43
N ARG A 363 35.00 3.72 14.09
CA ARG A 363 35.09 3.90 15.53
C ARG A 363 36.03 5.06 15.81
N GLU A 364 35.55 6.04 16.58
CA GLU A 364 36.33 7.21 16.93
C GLU A 364 36.40 7.34 18.45
N ILE A 365 37.60 7.52 18.98
CA ILE A 365 37.84 7.70 20.40
C ILE A 365 38.59 9.00 20.61
N LYS A 366 38.05 9.87 21.46
CA LYS A 366 38.63 11.17 21.73
C LYS A 366 39.44 11.21 23.02
N GLU A 367 39.57 10.09 23.73
CA GLU A 367 40.30 10.06 24.98
C GLU A 367 41.79 9.84 24.74
N LYS A 368 42.61 10.42 25.61
CA LYS A 368 44.05 10.25 25.51
C LYS A 368 44.44 8.82 25.86
N ARG A 369 45.50 8.33 25.21
CA ARG A 369 46.05 6.99 25.35
C ARG A 369 45.10 5.90 24.86
N LEU A 370 43.90 6.26 24.39
CA LEU A 370 42.95 5.30 23.84
C LEU A 370 42.63 5.55 22.38
N ARG A 371 43.23 6.57 21.75
CA ARG A 371 42.96 6.83 20.35
C ARG A 371 43.55 5.76 19.43
N SER A 372 44.51 4.98 19.92
CA SER A 372 45.07 3.90 19.11
C SER A 372 44.04 2.83 18.80
N LEU A 373 43.08 2.63 19.69
CA LEU A 373 42.03 1.64 19.46
C LEU A 373 41.08 2.06 18.34
N SER A 374 41.02 3.35 18.01
CA SER A 374 40.13 3.83 16.98
C SER A 374 40.67 3.47 15.60
N ARG A 375 39.76 3.32 14.64
CA ARG A 375 40.11 3.01 13.26
C ARG A 375 39.77 4.14 12.29
N LYS A 376 39.17 5.22 12.76
CA LYS A 376 38.83 6.37 11.91
C LYS A 376 39.24 7.64 12.62
N PHE A 377 40.05 8.47 11.95
CA PHE A 377 40.55 9.72 12.50
C PHE A 377 40.06 10.88 11.64
N THR A 378 39.35 11.82 12.26
CA THR A 378 38.86 12.98 11.53
C THR A 378 39.95 14.05 11.46
N ASP A 379 40.37 14.40 10.24
CA ASP A 379 41.44 15.37 10.06
C ASP A 379 40.92 16.79 10.25
N TRP A 380 39.98 17.22 9.41
CA TRP A 380 39.42 18.55 9.49
C TRP A 380 37.94 18.49 9.13
N ALA A 381 37.15 19.33 9.79
CA ALA A 381 35.72 19.41 9.57
C ALA A 381 35.31 20.85 9.36
N TYR A 382 34.54 21.10 8.29
CA TYR A 382 34.02 22.43 7.96
C TYR A 382 32.60 22.25 7.44
N GLY A 383 31.62 22.39 8.34
CA GLY A 383 30.24 22.18 7.99
C GLY A 383 29.97 20.75 7.57
N PRO A 384 29.40 20.56 6.38
CA PRO A 384 29.14 19.20 5.90
C PRO A 384 30.37 18.47 5.39
N VAL A 385 31.41 19.19 4.98
CA VAL A 385 32.61 18.55 4.46
C VAL A 385 33.44 18.01 5.62
N SER A 386 33.85 16.75 5.52
CA SER A 386 34.67 16.13 6.56
C SER A 386 35.64 15.15 5.92
N SER A 387 36.92 15.26 6.29
CA SER A 387 37.95 14.36 5.80
C SER A 387 38.31 13.38 6.91
N SER A 388 38.33 12.09 6.58
CA SER A 388 38.59 11.06 7.57
C SER A 388 39.58 10.04 7.03
N LEU A 389 40.55 9.68 7.85
CA LEU A 389 41.48 8.59 7.56
C LEU A 389 40.95 7.32 8.18
N TYR A 390 40.63 6.34 7.34
CA TYR A 390 40.18 5.03 7.79
C TYR A 390 41.36 4.05 7.80
N ASP A 391 41.14 2.92 8.47
CA ASP A 391 42.15 1.87 8.57
C ASP A 391 41.76 0.70 7.69
N LEU A 392 42.74 0.16 6.96
CA LEU A 392 42.49 -0.93 6.02
C LEU A 392 43.38 -2.12 6.34
N THR A 393 43.45 -2.51 7.61
CA THR A 393 44.28 -3.65 7.99
C THR A 393 43.69 -4.95 7.46
N ASN A 394 42.47 -5.29 7.88
CA ASN A 394 41.79 -6.49 7.44
C ASN A 394 40.63 -6.19 6.49
N VAL A 395 40.49 -4.95 6.05
CA VAL A 395 39.38 -4.57 5.18
C VAL A 395 39.78 -4.66 3.71
N ASP A 396 40.99 -4.21 3.38
CA ASP A 396 41.45 -4.28 2.00
C ASP A 396 41.78 -5.71 1.60
N THR A 397 41.66 -5.98 0.30
CA THR A 397 41.94 -7.31 -0.24
C THR A 397 43.45 -7.50 -0.40
N THR A 398 44.13 -7.54 0.73
CA THR A 398 45.58 -7.71 0.78
C THR A 398 45.99 -9.06 1.34
N THR A 399 45.45 -9.45 2.48
CA THR A 399 45.77 -10.73 3.09
C THR A 399 44.99 -11.86 2.41
N ASP A 400 45.14 -13.07 2.93
CA ASP A 400 44.42 -14.21 2.36
C ASP A 400 42.92 -14.07 2.53
N ASN A 401 42.47 -13.62 3.70
CA ASN A 401 41.04 -13.43 3.97
C ASN A 401 40.83 -11.99 4.43
N SER A 402 39.85 -11.32 3.83
CA SER A 402 39.58 -9.92 4.10
C SER A 402 38.09 -9.72 4.32
N VAL A 403 37.76 -8.61 5.00
CA VAL A 403 36.36 -8.31 5.30
C VAL A 403 35.58 -8.06 4.02
N LEU A 404 36.17 -7.34 3.07
CA LEU A 404 35.49 -7.06 1.81
C LEU A 404 35.21 -8.34 1.03
N GLU A 405 36.21 -9.21 0.93
CA GLU A 405 36.01 -10.48 0.23
C GLU A 405 34.97 -11.33 0.93
N ILE A 406 34.97 -11.32 2.27
CA ILE A 406 34.00 -12.12 3.02
C ILE A 406 32.58 -11.61 2.77
N THR A 407 32.39 -10.30 2.82
CA THR A 407 31.04 -9.76 2.66
C THR A 407 30.57 -9.79 1.22
N VAL A 408 31.49 -9.85 0.25
CA VAL A 408 31.06 -9.94 -1.14
C VAL A 408 30.77 -11.38 -1.53
N TYR A 409 31.60 -12.32 -1.09
CA TYR A 409 31.47 -13.72 -1.47
C TYR A 409 30.54 -14.50 -0.54
N ASN A 410 29.94 -13.86 0.45
CA ASN A 410 29.04 -14.56 1.36
C ASN A 410 27.76 -14.93 0.65
N THR A 411 27.32 -16.18 0.84
CA THR A 411 26.09 -16.68 0.25
C THR A 411 25.01 -17.03 1.27
N ASN A 412 25.37 -17.14 2.56
CA ASN A 412 24.42 -17.48 3.61
C ASN A 412 24.03 -16.26 4.46
N ILE A 413 23.92 -15.09 3.84
CA ILE A 413 23.56 -13.87 4.54
C ILE A 413 22.48 -13.15 3.74
N ASP A 414 21.80 -12.21 4.41
CA ASP A 414 20.75 -11.43 3.79
C ASP A 414 20.98 -9.93 3.84
N ASN A 415 21.87 -9.45 4.71
CA ASN A 415 22.16 -8.02 4.84
C ASN A 415 23.41 -7.63 4.06
N ARG A 416 23.67 -8.28 2.93
CA ARG A 416 24.87 -7.99 2.16
C ARG A 416 24.86 -6.55 1.64
N HIS A 417 23.71 -6.08 1.16
CA HIS A 417 23.62 -4.71 0.66
C HIS A 417 23.82 -3.71 1.79
N GLU A 418 23.25 -4.00 2.97
CA GLU A 418 23.42 -3.10 4.10
C GLU A 418 24.87 -3.04 4.55
N MET A 419 25.56 -4.18 4.53
CA MET A 419 26.97 -4.20 4.94
C MET A 419 27.87 -3.55 3.89
N LEU A 420 27.52 -3.67 2.61
CA LEU A 420 28.35 -3.12 1.55
C LEU A 420 28.17 -1.61 1.38
N THR A 421 27.06 -1.06 1.85
CA THR A 421 26.78 0.38 1.70
C THR A 421 27.23 1.17 2.92
N LEU A 422 28.49 0.99 3.31
CA LEU A 422 29.06 1.73 4.43
C LEU A 422 30.58 1.78 4.27
N GLU A 423 31.16 2.87 4.78
CA GLU A 423 32.58 3.11 4.64
C GLU A 423 33.38 2.19 5.56
N PRO A 424 34.61 1.82 5.18
CA PRO A 424 35.31 2.15 3.92
C PRO A 424 35.16 1.07 2.86
N LEU A 425 33.94 0.58 2.61
CA LEU A 425 33.70 -0.42 1.59
C LEU A 425 33.13 0.17 0.31
N HIS A 426 32.23 1.14 0.43
CA HIS A 426 31.64 1.77 -0.75
C HIS A 426 32.68 2.52 -1.55
N THR A 427 33.45 3.39 -0.88
CA THR A 427 34.49 4.15 -1.57
C THR A 427 35.57 3.21 -2.11
N LEU A 428 35.93 2.18 -1.35
CA LEU A 428 36.93 1.22 -1.82
C LEU A 428 36.45 0.50 -3.07
N LEU A 429 35.18 0.10 -3.09
CA LEU A 429 34.64 -0.58 -4.27
C LEU A 429 34.62 0.33 -5.48
N HIS A 430 34.18 1.59 -5.31
CA HIS A 430 34.17 2.50 -6.46
C HIS A 430 35.57 2.81 -6.95
N MET A 431 36.54 2.95 -6.04
CA MET A 431 37.92 3.19 -6.44
C MET A 431 38.47 1.99 -7.19
N LYS A 432 38.24 0.78 -6.68
CA LYS A 432 38.73 -0.42 -7.35
C LYS A 432 38.07 -0.59 -8.71
N TRP A 433 36.81 -0.20 -8.84
CA TRP A 433 36.15 -0.22 -10.15
C TRP A 433 36.84 0.75 -11.10
N LYS A 434 36.80 2.04 -10.77
CA LYS A 434 37.31 3.08 -11.67
C LYS A 434 38.80 2.94 -11.96
N LYS A 435 39.54 2.20 -11.14
CA LYS A 435 40.96 2.02 -11.40
C LYS A 435 41.20 1.16 -12.64
N PHE A 436 40.73 -0.08 -12.62
CA PHE A 436 40.98 -1.01 -13.70
C PHE A 436 39.79 -1.89 -14.09
N ALA A 437 38.75 -1.99 -13.26
CA ALA A 437 37.71 -2.98 -13.51
C ALA A 437 36.86 -2.60 -14.71
N LYS A 438 36.60 -1.31 -14.90
CA LYS A 438 35.85 -0.87 -16.07
C LYS A 438 36.59 -1.20 -17.36
N HIS A 439 37.90 -0.94 -17.38
CA HIS A 439 38.70 -1.26 -18.56
C HIS A 439 38.74 -2.76 -18.81
N MET A 440 38.90 -3.55 -17.76
CA MET A 440 38.93 -5.00 -17.92
C MET A 440 37.59 -5.52 -18.42
N PHE A 441 36.49 -4.99 -17.90
CA PHE A 441 35.16 -5.41 -18.35
C PHE A 441 34.93 -5.06 -19.81
N PHE A 442 35.34 -3.85 -20.23
CA PHE A 442 35.19 -3.46 -21.62
C PHE A 442 36.04 -4.34 -22.53
N LEU A 443 37.27 -4.64 -22.11
CA LEU A 443 38.14 -5.50 -22.90
C LEU A 443 37.55 -6.90 -23.04
N SER A 444 37.01 -7.45 -21.95
CA SER A 444 36.37 -8.76 -22.02
C SER A 444 35.15 -8.73 -22.93
N PHE A 445 34.35 -7.67 -22.84
CA PHE A 445 33.19 -7.51 -23.73
C PHE A 445 33.63 -7.53 -25.18
N CYS A 446 34.63 -6.71 -25.54
CA CYS A 446 35.07 -6.65 -26.92
C CYS A 446 35.61 -7.99 -27.40
N PHE A 447 36.42 -8.65 -26.56
CA PHE A 447 37.03 -9.91 -26.97
C PHE A 447 35.97 -10.99 -27.18
N TYR A 448 35.01 -11.09 -26.26
CA TYR A 448 33.97 -12.10 -26.41
C TYR A 448 33.06 -11.80 -27.59
N PHE A 449 32.77 -10.51 -27.83
CA PHE A 449 31.94 -10.15 -28.97
C PHE A 449 32.63 -10.51 -30.29
N PHE A 450 33.92 -10.21 -30.40
CA PHE A 450 34.66 -10.57 -31.60
C PHE A 450 34.74 -12.09 -31.76
N TYR A 451 34.92 -12.82 -30.66
CA TYR A 451 34.96 -14.28 -30.73
C TYR A 451 33.63 -14.85 -31.22
N ASN A 452 32.52 -14.33 -30.71
CA ASN A 452 31.20 -14.81 -31.14
C ASN A 452 30.95 -14.47 -32.60
N ILE A 453 31.33 -13.27 -33.02
CA ILE A 453 31.16 -12.89 -34.42
C ILE A 453 31.98 -13.80 -35.33
N THR A 454 33.23 -14.09 -34.94
CA THR A 454 34.08 -14.95 -35.75
C THR A 454 33.49 -16.36 -35.83
N LEU A 455 33.00 -16.89 -34.70
CA LEU A 455 32.41 -18.22 -34.72
C LEU A 455 31.18 -18.26 -35.63
N THR A 456 30.31 -17.25 -35.51
CA THR A 456 29.10 -17.22 -36.33
C THR A 456 29.43 -17.14 -37.81
N LEU A 457 30.35 -16.26 -38.18
CA LEU A 457 30.72 -16.12 -39.59
C LEU A 457 31.35 -17.40 -40.11
N VAL A 458 32.27 -17.99 -39.34
CA VAL A 458 32.97 -19.20 -39.78
C VAL A 458 31.98 -20.33 -39.99
N SER A 459 31.02 -20.49 -39.08
CA SER A 459 30.08 -21.60 -39.22
C SER A 459 29.08 -21.34 -40.34
N TYR A 460 28.57 -20.11 -40.45
CA TYR A 460 27.57 -19.82 -41.48
C TYR A 460 28.18 -19.96 -42.87
N TYR A 461 29.41 -19.50 -43.06
CA TYR A 461 30.08 -19.65 -44.36
C TYR A 461 30.73 -21.03 -44.48
N ARG A 462 29.92 -22.07 -44.25
CA ARG A 462 30.39 -23.46 -44.29
C ARG A 462 30.37 -23.98 -45.73
N PRO A 463 31.38 -24.77 -46.13
CA PRO A 463 31.44 -25.33 -47.48
C PRO A 463 30.44 -26.47 -47.69
N LEU A 482 41.50 -16.58 -44.71
CA LEU A 482 40.72 -15.88 -43.70
C LEU A 482 39.98 -16.86 -42.80
N GLN A 483 39.53 -17.98 -43.38
CA GLN A 483 38.82 -18.99 -42.60
C GLN A 483 39.75 -19.70 -41.63
N LEU A 484 40.99 -19.98 -42.05
CA LEU A 484 41.92 -20.69 -41.19
C LEU A 484 42.28 -19.87 -39.95
N LEU A 485 42.57 -18.58 -40.14
CA LEU A 485 42.91 -17.73 -39.00
C LEU A 485 41.73 -17.59 -38.05
N GLY A 486 40.52 -17.44 -38.59
CA GLY A 486 39.35 -17.36 -37.74
C GLY A 486 39.12 -18.64 -36.95
N ARG A 487 39.29 -19.80 -37.60
CA ARG A 487 39.14 -21.07 -36.90
C ARG A 487 40.19 -21.23 -35.81
N MET A 488 41.43 -20.83 -36.10
CA MET A 488 42.48 -20.91 -35.09
C MET A 488 42.19 -20.01 -33.90
N PHE A 489 41.73 -18.78 -34.16
CA PHE A 489 41.37 -17.88 -33.07
C PHE A 489 40.21 -18.45 -32.25
N VAL A 490 39.20 -19.00 -32.92
CA VAL A 490 38.07 -19.59 -32.22
C VAL A 490 38.53 -20.74 -31.33
N LEU A 491 39.40 -21.60 -31.87
CA LEU A 491 39.90 -22.73 -31.07
C LEU A 491 40.70 -22.24 -29.86
N ILE A 492 41.57 -21.25 -30.06
CA ILE A 492 42.40 -20.76 -28.95
C ILE A 492 41.51 -20.16 -27.86
N TRP A 493 40.56 -19.32 -28.24
CA TRP A 493 39.70 -18.69 -27.25
C TRP A 493 38.78 -19.70 -26.58
N ALA A 494 38.33 -20.71 -27.32
CA ALA A 494 37.48 -21.75 -26.73
C ALA A 494 38.26 -22.55 -25.71
N MET A 495 39.51 -22.91 -26.02
CA MET A 495 40.33 -23.63 -25.06
C MET A 495 40.59 -22.78 -23.82
N CYS A 496 40.90 -21.50 -24.02
CA CYS A 496 41.14 -20.61 -22.88
C CYS A 496 39.90 -20.50 -21.99
N ILE A 497 38.73 -20.31 -22.61
CA ILE A 497 37.50 -20.18 -21.84
C ILE A 497 37.20 -21.48 -21.11
N SER A 498 37.41 -22.62 -21.77
CA SER A 498 37.13 -23.90 -21.14
C SER A 498 38.02 -24.12 -19.92
N VAL A 499 39.32 -23.86 -20.05
CA VAL A 499 40.22 -24.10 -18.93
C VAL A 499 39.95 -23.10 -17.80
N LYS A 500 39.64 -21.85 -18.14
CA LYS A 500 39.34 -20.86 -17.11
C LYS A 500 38.07 -21.23 -16.36
N GLU A 501 37.04 -21.69 -17.08
CA GLU A 501 35.80 -22.10 -16.42
C GLU A 501 36.01 -23.36 -15.60
N GLY A 502 36.89 -24.27 -16.05
CA GLY A 502 37.20 -25.43 -15.24
C GLY A 502 37.87 -25.06 -13.93
N ILE A 503 38.84 -24.15 -13.98
CA ILE A 503 39.48 -23.69 -12.75
C ILE A 503 38.48 -22.97 -11.86
N ALA A 504 37.59 -22.17 -12.46
CA ALA A 504 36.58 -21.46 -11.67
C ALA A 504 35.65 -22.43 -10.96
N ILE A 505 35.21 -23.48 -11.66
CA ILE A 505 34.32 -24.46 -11.06
C ILE A 505 35.04 -25.24 -9.97
N PHE A 506 36.30 -25.60 -10.21
CA PHE A 506 37.05 -26.35 -9.20
C PHE A 506 37.27 -25.51 -7.95
N LEU A 507 37.57 -24.22 -8.11
CA LEU A 507 37.81 -23.35 -6.97
C LEU A 507 36.52 -22.85 -6.32
N LEU A 508 35.38 -22.99 -7.00
CA LEU A 508 34.13 -22.53 -6.43
C LEU A 508 33.67 -23.45 -5.30
N ARG A 509 32.86 -22.89 -4.41
CA ARG A 509 32.31 -23.67 -3.31
C ARG A 509 31.29 -24.65 -3.85
N PRO A 510 31.34 -25.93 -3.44
CA PRO A 510 30.37 -26.91 -3.96
C PRO A 510 29.06 -26.93 -3.18
N SER A 511 28.90 -26.10 -2.15
CA SER A 511 27.70 -26.11 -1.31
C SER A 511 26.97 -24.79 -1.48
N ASP A 512 25.66 -24.88 -1.79
CA ASP A 512 24.76 -23.74 -1.84
C ASP A 512 25.11 -22.76 -2.97
N LEU A 513 26.14 -23.08 -3.76
CA LEU A 513 26.49 -22.20 -4.88
C LEU A 513 25.50 -22.35 -6.03
N GLN A 514 25.11 -23.58 -6.35
CA GLN A 514 24.13 -23.79 -7.42
C GLN A 514 22.72 -23.45 -6.97
N SER A 515 22.41 -23.66 -5.69
CA SER A 515 21.06 -23.36 -5.19
C SER A 515 20.76 -21.87 -5.27
N ILE A 516 21.72 -21.04 -4.89
CA ILE A 516 21.56 -19.59 -4.94
C ILE A 516 22.05 -19.09 -6.29
N LEU A 517 21.64 -17.87 -6.64
CA LEU A 517 22.05 -17.24 -7.89
C LEU A 517 23.39 -16.51 -7.73
N SER A 518 24.42 -17.26 -7.32
CA SER A 518 25.74 -16.68 -7.09
C SER A 518 26.63 -16.78 -8.33
N ASP A 519 26.09 -16.34 -9.48
CA ASP A 519 26.83 -16.27 -10.73
C ASP A 519 27.44 -17.63 -11.10
N ALA A 520 26.69 -18.69 -10.86
CA ALA A 520 27.12 -20.04 -11.23
C ALA A 520 26.52 -20.53 -12.54
N TRP A 521 25.29 -20.11 -12.85
CA TRP A 521 24.67 -20.50 -14.11
C TRP A 521 25.47 -19.98 -15.30
N PHE A 522 25.97 -18.74 -15.21
CA PHE A 522 26.75 -18.18 -16.30
C PHE A 522 28.05 -18.95 -16.49
N HIS A 523 28.72 -19.32 -15.39
CA HIS A 523 29.93 -20.11 -15.49
C HIS A 523 29.65 -21.47 -16.13
N PHE A 524 28.57 -22.13 -15.70
CA PHE A 524 28.21 -23.42 -16.27
C PHE A 524 27.94 -23.30 -17.77
N VAL A 525 27.21 -22.26 -18.17
CA VAL A 525 26.85 -22.11 -19.57
C VAL A 525 28.07 -21.77 -20.42
N PHE A 526 28.97 -20.93 -19.90
CA PHE A 526 30.21 -20.64 -20.62
C PHE A 526 31.04 -21.89 -20.81
N PHE A 527 31.16 -22.71 -19.76
CA PHE A 527 31.91 -23.95 -19.88
C PHE A 527 31.26 -24.90 -20.89
N ILE A 528 29.93 -24.98 -20.87
CA ILE A 528 29.22 -25.86 -21.80
C ILE A 528 29.42 -25.39 -23.23
N GLN A 529 29.38 -24.07 -23.46
CA GLN A 529 29.58 -23.54 -24.80
C GLN A 529 31.00 -23.80 -25.30
N ALA A 530 32.00 -23.63 -24.42
CA ALA A 530 33.38 -23.93 -24.83
C ALA A 530 33.55 -25.41 -25.14
N VAL A 531 32.94 -26.28 -24.33
CA VAL A 531 33.01 -27.72 -24.59
C VAL A 531 32.35 -28.05 -25.92
N LEU A 532 31.21 -27.42 -26.21
CA LEU A 532 30.54 -27.66 -27.47
C LEU A 532 31.40 -27.22 -28.65
N VAL A 533 32.05 -26.07 -28.53
CA VAL A 533 32.88 -25.57 -29.62
C VAL A 533 34.06 -26.51 -29.87
N ILE A 534 34.75 -26.92 -28.80
CA ILE A 534 35.92 -27.78 -28.98
C ILE A 534 35.49 -29.15 -29.49
N LEU A 535 34.33 -29.65 -29.05
CA LEU A 535 33.84 -30.93 -29.56
C LEU A 535 33.47 -30.83 -31.04
N SER A 536 32.86 -29.72 -31.45
CA SER A 536 32.54 -29.52 -32.86
C SER A 536 33.81 -29.48 -33.70
N VAL A 537 34.85 -28.79 -33.21
CA VAL A 537 36.11 -28.74 -33.94
C VAL A 537 36.73 -30.13 -34.05
N PHE A 538 36.73 -30.88 -32.94
CA PHE A 538 37.30 -32.23 -32.97
C PHE A 538 36.53 -33.14 -33.92
N LEU A 539 35.21 -33.01 -33.96
CA LEU A 539 34.41 -33.83 -34.85
C LEU A 539 34.61 -33.44 -36.31
N TYR A 540 34.78 -32.14 -36.58
CA TYR A 540 35.08 -31.71 -37.94
C TYR A 540 36.45 -32.19 -38.38
N LEU A 541 37.39 -32.29 -37.44
CA LEU A 541 38.69 -32.88 -37.76
C LEU A 541 38.54 -34.35 -38.16
N PHE A 542 37.60 -35.05 -37.52
CA PHE A 542 37.31 -36.44 -37.88
C PHE A 542 36.28 -36.46 -39.01
N ALA A 543 35.70 -37.63 -39.26
CA ALA A 543 34.73 -37.82 -40.34
C ALA A 543 33.29 -37.84 -39.85
N TYR A 544 33.03 -37.50 -38.60
CA TYR A 544 31.67 -37.53 -38.08
C TYR A 544 30.87 -36.34 -38.64
N LYS A 545 29.55 -36.43 -38.49
CA LYS A 545 28.63 -35.45 -39.05
C LYS A 545 27.85 -34.68 -38.00
N GLU A 546 28.18 -34.88 -36.72
CA GLU A 546 27.53 -34.13 -35.64
C GLU A 546 28.18 -32.79 -35.37
N TYR A 547 29.25 -32.46 -36.10
CA TYR A 547 29.93 -31.19 -35.89
C TYR A 547 29.02 -30.02 -36.22
N LEU A 548 28.15 -30.16 -37.23
CA LEU A 548 27.23 -29.10 -37.57
C LEU A 548 26.23 -28.85 -36.44
N ALA A 549 25.70 -29.93 -35.86
CA ALA A 549 24.77 -29.78 -34.72
C ALA A 549 25.47 -29.13 -33.54
N CYS A 550 26.68 -29.58 -33.22
CA CYS A 550 27.42 -28.97 -32.12
C CYS A 550 27.68 -27.49 -32.38
N LEU A 551 28.00 -27.15 -33.63
CA LEU A 551 28.33 -25.76 -33.96
C LEU A 551 27.09 -24.87 -33.90
N VAL A 552 25.93 -25.36 -34.36
CA VAL A 552 24.73 -24.53 -34.30
C VAL A 552 24.28 -24.35 -32.86
N LEU A 553 24.38 -25.41 -32.05
CA LEU A 553 24.10 -25.24 -30.62
C LEU A 553 25.09 -24.25 -29.99
N ALA A 554 26.34 -24.28 -30.44
CA ALA A 554 27.34 -23.37 -29.92
C ALA A 554 27.01 -21.92 -30.25
N MET A 555 26.62 -21.63 -31.49
CA MET A 555 26.26 -20.25 -31.81
C MET A 555 25.03 -19.81 -31.04
N ALA A 556 24.02 -20.69 -30.93
CA ALA A 556 22.83 -20.34 -30.17
C ALA A 556 23.18 -19.97 -28.73
N LEU A 557 23.97 -20.82 -28.07
CA LEU A 557 24.33 -20.56 -26.68
C LEU A 557 25.19 -19.30 -26.56
N GLY A 558 26.14 -19.11 -27.46
CA GLY A 558 27.00 -17.93 -27.38
C GLY A 558 26.24 -16.65 -27.60
N TRP A 559 25.29 -16.63 -28.53
CA TRP A 559 24.50 -15.44 -28.76
C TRP A 559 23.50 -15.21 -27.65
N ALA A 560 23.06 -16.26 -26.97
CA ALA A 560 22.24 -16.08 -25.78
C ALA A 560 23.08 -15.69 -24.57
N ASN A 561 24.40 -15.81 -24.68
CA ASN A 561 25.28 -15.52 -23.55
C ASN A 561 25.72 -14.07 -23.48
N MET A 562 25.37 -13.24 -24.46
CA MET A 562 25.77 -11.84 -24.41
C MET A 562 25.10 -11.09 -23.26
N LEU A 563 23.95 -11.58 -22.78
CA LEU A 563 23.23 -10.89 -21.73
C LEU A 563 24.06 -10.77 -20.45
N TYR A 564 24.98 -11.71 -20.23
CA TYR A 564 25.85 -11.63 -19.07
C TYR A 564 26.64 -10.33 -19.04
N TYR A 565 26.93 -9.75 -20.20
CA TYR A 565 27.69 -8.52 -20.28
C TYR A 565 26.82 -7.28 -20.18
N THR A 566 25.52 -7.44 -19.91
CA THR A 566 24.64 -6.30 -19.71
C THR A 566 24.56 -5.86 -18.25
N ARG A 567 25.42 -6.39 -17.38
CA ARG A 567 25.46 -5.93 -16.00
C ARG A 567 26.34 -4.70 -15.81
N GLY A 568 27.06 -4.27 -16.86
CA GLY A 568 27.87 -3.07 -16.75
C GLY A 568 27.03 -1.81 -16.56
N PHE A 569 25.91 -1.72 -17.27
CA PHE A 569 24.99 -0.59 -17.13
C PHE A 569 23.91 -0.94 -16.12
N GLN A 570 23.50 0.06 -15.34
CA GLN A 570 22.45 -0.17 -14.34
C GLN A 570 21.11 -0.47 -15.00
N SER A 571 20.83 0.16 -16.14
CA SER A 571 19.52 0.03 -16.76
C SER A 571 19.26 -1.40 -17.26
N MET A 572 20.31 -2.19 -17.45
CA MET A 572 20.16 -3.55 -17.97
C MET A 572 20.44 -4.63 -16.93
N GLY A 573 21.15 -4.31 -15.85
CA GLY A 573 21.31 -5.28 -14.78
C GLY A 573 19.99 -5.62 -14.12
N MET A 574 19.11 -4.63 -13.97
CA MET A 574 17.76 -4.90 -13.50
C MET A 574 17.05 -5.86 -14.45
N TYR A 575 17.21 -5.67 -15.76
CA TYR A 575 16.58 -6.57 -16.72
C TYR A 575 17.12 -7.98 -16.60
N SER A 576 18.43 -8.12 -16.39
CA SER A 576 19.02 -9.45 -16.25
C SER A 576 18.52 -10.16 -15.00
N VAL A 577 18.48 -9.45 -13.87
CA VAL A 577 17.97 -10.08 -12.65
C VAL A 577 16.48 -10.37 -12.78
N MET A 578 15.76 -9.57 -13.58
CA MET A 578 14.37 -9.84 -13.87
C MET A 578 14.22 -11.17 -14.62
N ILE A 579 14.98 -11.34 -15.70
CA ILE A 579 15.03 -12.62 -16.42
C ILE A 579 15.24 -13.76 -15.42
N GLN A 580 16.30 -13.64 -14.62
CA GLN A 580 16.69 -14.74 -13.73
C GLN A 580 15.58 -15.07 -12.74
N LYS A 581 15.07 -14.07 -12.04
CA LYS A 581 14.06 -14.31 -11.01
C LYS A 581 12.78 -14.86 -11.62
N VAL A 582 12.31 -14.30 -12.74
CA VAL A 582 11.06 -14.75 -13.34
C VAL A 582 11.19 -16.20 -13.81
N ILE A 583 12.29 -16.53 -14.48
CA ILE A 583 12.48 -17.90 -14.97
C ILE A 583 12.58 -18.87 -13.80
N LEU A 584 13.31 -18.49 -12.74
CA LEU A 584 13.47 -19.40 -11.62
C LEU A 584 12.19 -19.54 -10.79
N HIS A 585 11.29 -18.56 -10.88
CA HIS A 585 10.09 -18.59 -10.03
C HIS A 585 8.89 -19.19 -10.73
N ASP A 586 8.44 -18.60 -11.85
CA ASP A 586 7.12 -18.90 -12.39
C ASP A 586 7.13 -19.73 -13.66
N VAL A 587 8.11 -19.49 -14.55
CA VAL A 587 8.12 -20.16 -15.84
C VAL A 587 8.26 -21.67 -15.68
N LEU A 588 9.07 -22.10 -14.71
CA LEU A 588 9.29 -23.54 -14.52
C LEU A 588 8.00 -24.24 -14.11
N LYS A 589 7.29 -23.68 -13.13
CA LYS A 589 6.04 -24.30 -12.68
C LYS A 589 4.99 -24.28 -13.77
N PHE A 590 4.85 -23.15 -14.47
CA PHE A 590 3.89 -23.07 -15.56
C PHE A 590 4.20 -24.11 -16.63
N LEU A 591 5.47 -24.23 -17.01
CA LEU A 591 5.86 -25.21 -18.00
C LEU A 591 5.53 -26.62 -17.54
N PHE A 592 5.87 -26.95 -16.28
CA PHE A 592 5.64 -28.31 -15.78
C PHE A 592 4.16 -28.68 -15.84
N VAL A 593 3.30 -27.78 -15.34
CA VAL A 593 1.86 -28.03 -15.44
C VAL A 593 1.45 -28.16 -16.90
N TYR A 594 2.13 -27.40 -17.78
CA TYR A 594 1.78 -27.45 -19.19
C TYR A 594 2.09 -28.81 -19.80
N ILE A 595 3.28 -29.36 -19.54
CA ILE A 595 3.55 -30.68 -20.12
C ILE A 595 2.64 -31.72 -19.50
N VAL A 596 2.31 -31.57 -18.21
CA VAL A 596 1.40 -32.54 -17.59
C VAL A 596 0.07 -32.57 -18.34
N PHE A 597 -0.58 -31.41 -18.46
CA PHE A 597 -1.88 -31.35 -19.14
C PHE A 597 -1.75 -31.73 -20.61
N LEU A 598 -0.67 -31.30 -21.26
CA LEU A 598 -0.49 -31.53 -22.68
C LEU A 598 -0.34 -33.02 -22.99
N LEU A 599 0.52 -33.71 -22.22
CA LEU A 599 0.67 -35.15 -22.41
C LEU A 599 -0.61 -35.89 -22.09
N GLY A 600 -1.29 -35.51 -21.00
CA GLY A 600 -2.55 -36.16 -20.68
C GLY A 600 -3.55 -36.06 -21.81
N PHE A 601 -3.78 -34.85 -22.32
CA PHE A 601 -4.74 -34.67 -23.39
C PHE A 601 -4.26 -35.28 -24.71
N GLY A 602 -2.95 -35.33 -24.93
CA GLY A 602 -2.44 -35.96 -26.13
C GLY A 602 -2.70 -37.44 -26.17
N VAL A 603 -2.42 -38.14 -25.07
CA VAL A 603 -2.73 -39.57 -25.03
C VAL A 603 -4.23 -39.80 -25.00
N ALA A 604 -5.00 -38.86 -24.45
CA ALA A 604 -6.45 -38.98 -24.51
C ALA A 604 -6.96 -38.89 -25.94
N LEU A 605 -6.40 -37.96 -26.73
CA LEU A 605 -6.90 -37.72 -28.08
C LEU A 605 -6.41 -38.78 -29.06
N ALA A 606 -5.14 -39.19 -28.94
CA ALA A 606 -4.57 -40.10 -29.92
C ALA A 606 -5.10 -41.52 -29.82
N SER A 607 -5.88 -41.83 -28.78
CA SER A 607 -6.35 -43.19 -28.57
C SER A 607 -7.74 -43.43 -29.14
N LEU A 608 -8.54 -42.38 -29.37
CA LEU A 608 -9.89 -42.52 -29.89
C LEU A 608 -9.98 -42.21 -31.38
N ILE A 609 -8.85 -42.07 -32.06
CA ILE A 609 -8.84 -41.78 -33.49
C ILE A 609 -8.69 -43.10 -34.24
N GLU A 610 -9.68 -43.43 -35.08
CA GLU A 610 -9.64 -44.66 -35.84
C GLU A 610 -8.77 -44.52 -37.08
N SER A 620 -7.46 -38.42 -38.31
CA SER A 620 -6.69 -37.94 -39.45
C SER A 620 -5.34 -37.39 -39.00
N SER A 621 -5.33 -36.10 -38.62
CA SER A 621 -4.10 -35.48 -38.16
C SER A 621 -3.63 -36.06 -36.84
N TYR A 622 -4.56 -36.35 -35.93
CA TYR A 622 -4.23 -36.91 -34.62
C TYR A 622 -4.08 -38.42 -34.73
N GLY A 623 -3.05 -38.82 -35.49
CA GLY A 623 -2.79 -40.23 -35.70
C GLY A 623 -2.05 -40.89 -34.56
N SER A 624 -0.84 -40.41 -34.26
CA SER A 624 -0.01 -40.95 -33.20
C SER A 624 0.10 -39.94 -32.07
N PHE A 625 0.80 -40.36 -31.01
CA PHE A 625 0.97 -39.50 -29.84
C PHE A 625 1.79 -38.26 -30.19
N SER A 626 2.86 -38.43 -30.97
CA SER A 626 3.70 -37.30 -31.35
C SER A 626 2.92 -36.32 -32.22
N ASP A 627 2.16 -36.83 -33.18
CA ASP A 627 1.35 -35.94 -34.03
C ASP A 627 0.30 -35.22 -33.20
N ALA A 628 -0.33 -35.92 -32.25
CA ALA A 628 -1.36 -35.29 -31.43
C ALA A 628 -0.77 -34.19 -30.55
N VAL A 629 0.39 -34.45 -29.94
CA VAL A 629 0.99 -33.44 -29.08
C VAL A 629 1.49 -32.25 -29.90
N LEU A 630 1.98 -32.51 -31.11
CA LEU A 630 2.37 -31.40 -31.99
C LEU A 630 1.18 -30.55 -32.37
N GLU A 631 0.05 -31.18 -32.71
CA GLU A 631 -1.15 -30.43 -33.06
C GLU A 631 -1.66 -29.64 -31.86
N LEU A 632 -1.61 -30.23 -30.66
CA LEU A 632 -2.04 -29.51 -29.47
C LEU A 632 -1.15 -28.29 -29.22
N PHE A 633 0.16 -28.45 -29.37
CA PHE A 633 1.07 -27.32 -29.19
C PHE A 633 0.81 -26.22 -30.22
N LYS A 634 0.57 -26.62 -31.48
CA LYS A 634 0.26 -25.64 -32.52
C LYS A 634 -1.03 -24.89 -32.21
N LEU A 635 -2.05 -25.61 -31.73
CA LEU A 635 -3.30 -24.95 -31.36
C LEU A 635 -3.09 -24.00 -30.18
N THR A 636 -2.22 -24.38 -29.24
CA THR A 636 -1.97 -23.52 -28.10
C THR A 636 -1.25 -22.24 -28.50
N ILE A 637 -0.19 -22.35 -29.29
CA ILE A 637 0.59 -21.17 -29.65
C ILE A 637 -0.14 -20.27 -30.64
N GLY A 638 -1.15 -20.77 -31.32
CA GLY A 638 -1.99 -19.96 -32.17
C GLY A 638 -1.82 -20.14 -33.68
N LEU A 639 -1.33 -21.27 -34.13
CA LEU A 639 -1.20 -21.55 -35.56
C LEU A 639 -2.10 -22.73 -35.94
N GLY A 640 -2.15 -23.00 -37.24
CA GLY A 640 -2.95 -24.10 -37.74
C GLY A 640 -4.43 -23.76 -37.77
N ASP A 641 -5.23 -24.81 -37.95
CA ASP A 641 -6.68 -24.69 -38.00
C ASP A 641 -7.32 -25.76 -37.13
N LEU A 642 -8.45 -25.41 -36.52
CA LEU A 642 -9.21 -26.32 -35.67
C LEU A 642 -10.20 -27.07 -36.56
N ASN A 643 -9.76 -28.22 -37.08
CA ASN A 643 -10.61 -29.06 -37.92
C ASN A 643 -11.32 -30.07 -37.03
N ILE A 644 -12.66 -30.00 -37.00
CA ILE A 644 -13.43 -30.89 -36.15
C ILE A 644 -13.56 -32.29 -36.74
N GLN A 645 -13.46 -32.42 -38.07
CA GLN A 645 -13.57 -33.72 -38.74
C GLN A 645 -12.19 -34.35 -38.79
N GLN A 646 -11.88 -35.15 -37.76
CA GLN A 646 -10.58 -35.81 -37.64
C GLN A 646 -10.71 -37.32 -37.72
N ASN A 647 -11.77 -37.80 -38.38
CA ASN A 647 -12.03 -39.24 -38.52
C ASN A 647 -12.08 -39.93 -37.16
N SER A 648 -12.71 -39.28 -36.20
CA SER A 648 -12.82 -39.81 -34.84
C SER A 648 -14.07 -40.66 -34.70
N LYS A 649 -14.00 -41.65 -33.80
CA LYS A 649 -15.16 -42.49 -33.53
C LYS A 649 -16.27 -41.70 -32.86
N TYR A 650 -15.90 -40.76 -31.99
CA TYR A 650 -16.86 -39.92 -31.27
C TYR A 650 -16.53 -38.46 -31.56
N PRO A 651 -17.10 -37.88 -32.62
CA PRO A 651 -16.80 -36.47 -32.92
C PRO A 651 -17.19 -35.51 -31.81
N ILE A 652 -18.34 -35.74 -31.17
CA ILE A 652 -18.78 -34.87 -30.09
C ILE A 652 -17.80 -34.95 -28.91
N LEU A 653 -17.36 -36.16 -28.57
CA LEU A 653 -16.40 -36.30 -27.47
C LEU A 653 -15.07 -35.67 -27.82
N PHE A 654 -14.60 -35.83 -29.06
CA PHE A 654 -13.36 -35.20 -29.49
C PHE A 654 -13.46 -33.68 -29.39
N LEU A 655 -14.57 -33.11 -29.85
CA LEU A 655 -14.75 -31.67 -29.75
C LEU A 655 -14.81 -31.22 -28.30
N PHE A 656 -15.48 -31.99 -27.44
CA PHE A 656 -15.55 -31.63 -26.03
C PHE A 656 -14.18 -31.63 -25.39
N LEU A 657 -13.36 -32.66 -25.68
CA LEU A 657 -12.01 -32.71 -25.13
C LEU A 657 -11.17 -31.55 -25.64
N LEU A 658 -11.29 -31.22 -26.93
CA LEU A 658 -10.52 -30.11 -27.49
C LEU A 658 -10.91 -28.78 -26.85
N ILE A 659 -12.22 -28.55 -26.66
CA ILE A 659 -12.67 -27.32 -26.05
C ILE A 659 -12.23 -27.25 -24.59
N THR A 660 -12.26 -28.39 -23.89
CA THR A 660 -11.80 -28.42 -22.50
C THR A 660 -10.31 -28.08 -22.42
N TYR A 661 -9.50 -28.63 -23.32
CA TYR A 661 -8.08 -28.31 -23.35
C TYR A 661 -7.86 -26.83 -23.65
N VAL A 662 -8.62 -26.28 -24.59
CA VAL A 662 -8.48 -24.86 -24.94
C VAL A 662 -8.81 -23.99 -23.74
N ILE A 663 -9.90 -24.30 -23.04
CA ILE A 663 -10.28 -23.53 -21.85
C ILE A 663 -9.21 -23.65 -20.78
N LEU A 664 -8.68 -24.86 -20.57
CA LEU A 664 -7.71 -25.06 -19.51
C LEU A 664 -6.41 -24.31 -19.78
N THR A 665 -5.95 -24.30 -21.04
CA THR A 665 -4.64 -23.73 -21.35
C THR A 665 -4.74 -22.24 -21.72
N PHE A 666 -5.48 -21.92 -22.78
CA PHE A 666 -5.49 -20.56 -23.30
C PHE A 666 -6.16 -19.59 -22.32
N VAL A 667 -7.34 -19.96 -21.81
CA VAL A 667 -8.09 -19.04 -20.97
C VAL A 667 -7.46 -18.93 -19.59
N LEU A 668 -7.08 -20.06 -18.99
CA LEU A 668 -6.65 -20.09 -17.60
C LEU A 668 -5.13 -19.98 -17.44
N LEU A 669 -4.38 -20.91 -18.03
CA LEU A 669 -2.97 -21.06 -17.68
C LEU A 669 -2.14 -19.86 -18.14
N LEU A 670 -2.35 -19.39 -19.37
CA LEU A 670 -1.50 -18.32 -19.89
C LEU A 670 -1.71 -17.01 -19.14
N ASN A 671 -2.98 -16.62 -18.94
CA ASN A 671 -3.24 -15.38 -18.22
C ASN A 671 -2.88 -15.51 -16.75
N MET A 672 -3.02 -16.71 -16.18
CA MET A 672 -2.53 -16.96 -14.84
C MET A 672 -1.02 -16.75 -14.75
N LEU A 673 -0.27 -17.26 -15.72
CA LEU A 673 1.17 -17.05 -15.72
C LEU A 673 1.49 -15.57 -15.86
N ILE A 674 0.71 -14.85 -16.67
CA ILE A 674 0.88 -13.40 -16.77
C ILE A 674 0.73 -12.75 -15.41
N ALA A 675 -0.33 -13.11 -14.67
CA ALA A 675 -0.57 -12.50 -13.37
C ALA A 675 0.52 -12.83 -12.37
N LEU A 676 0.91 -14.11 -12.29
CA LEU A 676 1.96 -14.52 -11.36
C LEU A 676 3.28 -13.83 -11.68
N MET A 677 3.62 -13.73 -12.96
CA MET A 677 4.87 -13.09 -13.33
C MET A 677 4.81 -11.59 -13.06
N GLY A 678 3.62 -10.99 -13.18
CA GLY A 678 3.49 -9.59 -12.80
C GLY A 678 3.75 -9.36 -11.33
N GLU A 679 3.16 -10.21 -10.48
CA GLU A 679 3.40 -10.11 -9.04
C GLU A 679 4.88 -10.30 -8.73
N THR A 680 5.51 -11.32 -9.33
CA THR A 680 6.92 -11.56 -9.09
C THR A 680 7.78 -10.40 -9.57
N VAL A 681 7.41 -9.82 -10.72
CA VAL A 681 8.15 -8.70 -11.28
C VAL A 681 8.12 -7.52 -10.32
N GLU A 682 6.93 -7.19 -9.81
CA GLU A 682 6.84 -6.10 -8.84
C GLU A 682 7.69 -6.41 -7.60
N ASN A 683 7.55 -7.62 -7.07
CA ASN A 683 8.20 -7.96 -5.81
C ASN A 683 9.72 -7.87 -5.91
N VAL A 684 10.29 -8.42 -6.99
CA VAL A 684 11.75 -8.46 -7.06
C VAL A 684 12.30 -7.27 -7.85
N SER A 685 11.42 -6.41 -8.36
CA SER A 685 11.87 -5.12 -8.87
C SER A 685 11.95 -4.11 -7.73
N LYS A 686 11.18 -4.34 -6.66
CA LYS A 686 11.39 -3.59 -5.44
C LYS A 686 12.77 -3.83 -4.84
N GLU A 687 13.41 -4.96 -5.16
CA GLU A 687 14.68 -5.35 -4.55
C GLU A 687 15.69 -5.82 -5.61
N SER A 688 15.89 -5.04 -6.66
CA SER A 688 16.82 -5.42 -7.72
C SER A 688 18.12 -4.64 -7.71
N GLU A 689 18.13 -3.42 -7.17
CA GLU A 689 19.35 -2.62 -7.13
C GLU A 689 20.41 -3.29 -6.26
N ARG A 690 19.99 -3.88 -5.13
CA ARG A 690 20.95 -4.57 -4.27
C ARG A 690 21.58 -5.76 -5.00
N ILE A 691 20.78 -6.52 -5.74
CA ILE A 691 21.32 -7.66 -6.48
C ILE A 691 22.29 -7.19 -7.55
N TRP A 692 21.94 -6.11 -8.25
CA TRP A 692 22.86 -5.59 -9.27
C TRP A 692 24.16 -5.13 -8.66
N ARG A 693 24.10 -4.43 -7.52
CA ARG A 693 25.31 -3.99 -6.85
C ARG A 693 26.16 -5.17 -6.39
N LEU A 694 25.52 -6.23 -5.90
CA LEU A 694 26.26 -7.41 -5.47
C LEU A 694 26.95 -8.08 -6.66
N GLN A 695 26.26 -8.17 -7.80
CA GLN A 695 26.88 -8.74 -8.99
C GLN A 695 28.06 -7.90 -9.45
N ARG A 696 27.91 -6.58 -9.44
CA ARG A 696 29.01 -5.71 -9.85
C ARG A 696 30.20 -5.86 -8.91
N ALA A 697 29.94 -5.95 -7.60
CA ALA A 697 31.03 -6.13 -6.64
C ALA A 697 31.73 -7.47 -6.85
N ARG A 698 30.96 -8.53 -7.12
CA ARG A 698 31.56 -9.83 -7.40
C ARG A 698 32.45 -9.78 -8.63
N THR A 699 31.99 -9.10 -9.69
CA THR A 699 32.79 -8.97 -10.90
C THR A 699 34.07 -8.19 -10.62
N ILE A 700 33.97 -7.10 -9.85
CA ILE A 700 35.13 -6.29 -9.53
C ILE A 700 36.15 -7.11 -8.74
N LEU A 701 35.68 -7.88 -7.76
CA LEU A 701 36.60 -8.69 -6.96
C LEU A 701 37.23 -9.80 -7.78
N GLU A 702 36.46 -10.40 -8.70
CA GLU A 702 37.04 -11.43 -9.57
C GLU A 702 38.12 -10.85 -10.45
N PHE A 703 37.88 -9.68 -11.05
CA PHE A 703 38.90 -9.05 -11.89
C PHE A 703 40.12 -8.64 -11.06
N GLU A 704 39.89 -8.20 -9.82
CA GLU A 704 41.01 -7.85 -8.94
C GLU A 704 41.86 -9.07 -8.62
N LYS A 705 41.22 -10.21 -8.37
CA LYS A 705 41.96 -11.43 -8.09
C LYS A 705 42.68 -11.95 -9.33
N MET A 706 42.13 -11.68 -10.52
CA MET A 706 42.74 -12.16 -11.75
C MET A 706 44.04 -11.44 -12.06
N LEU A 707 44.27 -10.28 -11.44
CA LEU A 707 45.45 -9.48 -11.75
C LEU A 707 46.72 -10.22 -11.34
N PRO A 708 47.83 -9.96 -12.02
CA PRO A 708 49.10 -10.61 -11.66
C PRO A 708 49.72 -9.94 -10.43
N GLU A 709 50.88 -10.45 -10.03
CA GLU A 709 51.50 -10.03 -8.77
C GLU A 709 51.94 -8.58 -8.82
N TRP A 710 52.66 -8.18 -9.88
CA TRP A 710 53.23 -6.85 -9.92
C TRP A 710 52.16 -5.78 -10.13
N LEU A 711 51.07 -6.14 -10.83
CA LEU A 711 50.00 -5.16 -11.04
C LEU A 711 49.23 -4.89 -9.77
N ARG A 712 49.09 -5.90 -8.91
CA ARG A 712 48.39 -5.70 -7.64
C ARG A 712 49.13 -4.72 -6.75
N SER A 713 50.47 -4.82 -6.71
CA SER A 713 51.25 -3.90 -5.89
C SER A 713 51.16 -2.48 -6.41
N ARG A 714 51.18 -2.30 -7.73
CA ARG A 714 51.05 -0.96 -8.31
C ARG A 714 49.69 -0.36 -8.02
N PHE A 715 48.63 -1.14 -8.14
CA PHE A 715 47.28 -0.66 -7.90
C PHE A 715 46.93 -0.58 -6.41
N ARG A 716 47.80 -1.09 -5.54
CA ARG A 716 47.57 -0.98 -4.11
C ARG A 716 47.64 0.48 -3.68
N MET A 717 46.48 1.05 -3.34
CA MET A 717 46.37 2.46 -3.00
C MET A 717 46.11 2.60 -1.50
N GLY A 718 46.88 3.47 -0.86
CA GLY A 718 46.75 3.71 0.56
C GLY A 718 47.94 4.45 1.13
N GLU A 719 47.70 5.43 1.98
CA GLU A 719 48.76 6.24 2.57
C GLU A 719 49.12 5.70 3.94
N LEU A 720 50.41 5.48 4.17
CA LEU A 720 50.86 4.97 5.45
C LEU A 720 50.77 6.06 6.52
N CYS A 721 50.49 5.64 7.74
CA CYS A 721 50.38 6.57 8.87
C CYS A 721 51.15 6.05 10.07
N ARG A 729 50.04 0.10 9.59
CA ARG A 729 48.74 0.65 9.25
C ARG A 729 48.72 1.20 7.83
N LEU A 730 47.59 1.06 7.15
CA LEU A 730 47.40 1.55 5.78
C LEU A 730 46.12 2.38 5.77
N CYS A 731 46.23 3.65 6.10
CA CYS A 731 45.06 4.52 6.16
C CYS A 731 44.64 4.96 4.77
N LEU A 732 43.34 5.21 4.62
CA LEU A 732 42.76 5.70 3.38
C LEU A 732 42.00 6.98 3.67
N ARG A 733 42.26 8.03 2.89
CA ARG A 733 41.65 9.33 3.10
C ARG A 733 40.35 9.42 2.31
N ILE A 734 39.25 9.70 3.00
CA ILE A 734 37.93 9.79 2.38
C ILE A 734 37.33 11.13 2.75
N ASN A 735 36.85 11.86 1.75
CA ASN A 735 36.17 13.14 1.94
C ASN A 735 34.68 12.93 1.75
N GLU A 736 33.91 13.21 2.80
CA GLU A 736 32.47 12.96 2.79
C GLU A 736 31.71 14.23 3.10
N VAL A 737 30.62 14.44 2.36
CA VAL A 737 29.71 15.55 2.58
C VAL A 737 28.32 15.00 2.87
N LYS A 738 27.75 15.40 4.00
CA LYS A 738 26.41 14.96 4.42
C LYS A 738 25.59 16.23 4.68
N TRP A 739 24.99 16.78 3.63
CA TRP A 739 24.25 18.02 3.77
C TRP A 739 23.01 17.83 4.64
N THR A 740 22.29 16.72 4.47
CA THR A 740 21.11 16.47 5.28
C THR A 740 21.48 16.33 6.76
N GLU A 741 22.53 15.56 7.04
CA GLU A 741 22.95 15.38 8.43
C GLU A 741 23.42 16.69 9.04
N TRP A 742 24.18 17.49 8.27
CA TRP A 742 24.64 18.78 8.77
C TRP A 742 23.48 19.72 9.05
N LYS A 743 22.48 19.75 8.16
CA LYS A 743 21.32 20.59 8.36
C LYS A 743 20.52 20.15 9.59
N THR A 744 20.35 18.84 9.76
CA THR A 744 19.60 18.34 10.92
C THR A 744 20.34 18.65 12.22
N HIS A 745 21.67 18.57 12.19
CA HIS A 745 22.45 18.87 13.39
C HIS A 745 22.44 20.37 13.70
N VAL A 746 22.44 21.21 12.66
CA VAL A 746 22.52 22.65 12.88
C VAL A 746 21.15 23.28 13.13
N SER A 747 20.06 22.59 12.79
CA SER A 747 18.74 23.15 13.03
C SER A 747 18.31 23.08 14.49
N PHE A 748 19.05 22.35 15.33
CA PHE A 748 18.72 22.24 16.74
C PHE A 748 18.98 23.55 17.47
N ARG B 117 63.53 26.46 14.60
CA ARG B 117 62.22 25.99 14.19
C ARG B 117 61.53 25.24 15.33
N ARG B 118 62.29 24.97 16.39
CA ARG B 118 61.73 24.25 17.53
C ARG B 118 60.76 25.13 18.31
N LEU B 119 61.02 26.44 18.35
CA LEU B 119 60.15 27.34 19.10
C LEU B 119 58.76 27.40 18.49
N LYS B 120 58.67 27.46 17.17
CA LYS B 120 57.37 27.49 16.51
C LYS B 120 56.61 26.19 16.75
N LYS B 121 57.31 25.06 16.68
CA LYS B 121 56.67 23.78 16.94
C LYS B 121 56.16 23.70 18.38
N ARG B 122 56.95 24.19 19.33
CA ARG B 122 56.51 24.19 20.73
C ARG B 122 55.30 25.09 20.91
N ILE B 123 55.30 26.27 20.27
CA ILE B 123 54.16 27.17 20.36
C ILE B 123 52.90 26.51 19.81
N PHE B 124 53.03 25.86 18.66
CA PHE B 124 51.87 25.21 18.03
C PHE B 124 51.37 24.06 18.89
N ALA B 125 52.29 23.26 19.45
CA ALA B 125 51.87 22.15 20.31
C ALA B 125 51.17 22.65 21.56
N ALA B 126 51.70 23.72 22.18
CA ALA B 126 51.05 24.27 23.36
C ALA B 126 49.67 24.83 23.04
N VAL B 127 49.54 25.51 21.89
CA VAL B 127 48.25 26.06 21.50
C VAL B 127 47.25 24.94 21.24
N SER B 128 47.68 23.86 20.60
CA SER B 128 46.79 22.74 20.32
C SER B 128 46.39 22.03 21.61
N GLU B 129 47.33 21.87 22.55
CA GLU B 129 47.02 21.15 23.78
C GLU B 129 46.12 21.96 24.70
N GLY B 130 46.43 23.25 24.87
CA GLY B 130 45.65 24.10 25.76
C GLY B 130 46.20 24.24 27.15
N CYS B 131 47.43 23.81 27.40
CA CYS B 131 48.02 23.93 28.73
C CYS B 131 48.36 25.39 29.00
N VAL B 132 47.70 25.97 30.01
CA VAL B 132 47.88 27.40 30.31
C VAL B 132 49.30 27.67 30.79
N GLU B 133 49.80 26.84 31.72
CA GLU B 133 51.14 27.05 32.26
C GLU B 133 52.21 26.86 31.18
N GLU B 134 52.08 25.81 30.37
CA GLU B 134 53.04 25.57 29.31
C GLU B 134 53.02 26.68 28.27
N LEU B 135 51.82 27.17 27.92
CA LEU B 135 51.72 28.28 26.98
C LEU B 135 52.33 29.55 27.54
N VAL B 136 52.13 29.80 28.84
CA VAL B 136 52.71 30.99 29.46
C VAL B 136 54.23 30.89 29.48
N GLU B 137 54.77 29.71 29.80
CA GLU B 137 56.22 29.54 29.79
C GLU B 137 56.79 29.70 28.40
N LEU B 138 56.11 29.15 27.39
CA LEU B 138 56.58 29.29 26.01
C LEU B 138 56.53 30.74 25.55
N LEU B 139 55.48 31.47 25.94
CA LEU B 139 55.39 32.88 25.61
C LEU B 139 56.49 33.68 26.28
N VAL B 140 56.81 33.34 27.54
CA VAL B 140 57.90 34.02 28.23
C VAL B 140 59.22 33.76 27.53
N GLU B 141 59.44 32.50 27.10
CA GLU B 141 60.67 32.18 26.37
C GLU B 141 60.73 32.94 25.04
N LEU B 142 59.59 33.03 24.34
CA LEU B 142 59.57 33.76 23.08
C LEU B 142 59.86 35.25 23.29
N GLN B 143 59.29 35.83 24.35
CA GLN B 143 59.56 37.23 24.66
C GLN B 143 61.02 37.45 25.01
N GLU B 144 61.62 36.53 25.77
CA GLU B 144 63.04 36.63 26.10
C GLU B 144 63.90 36.53 24.85
N LEU B 145 63.55 35.62 23.93
CA LEU B 145 64.29 35.49 22.70
C LEU B 145 64.17 36.73 21.83
N CYS B 146 62.98 37.32 21.77
CA CYS B 146 62.78 38.54 20.99
C CYS B 146 63.56 39.70 21.59
N ARG B 147 63.56 39.81 22.91
CA ARG B 147 64.28 40.89 23.59
C ARG B 147 65.78 40.58 23.66
N LEU B 158 58.16 38.56 15.05
CA LEU B 158 57.35 37.54 15.71
C LEU B 158 56.39 36.89 14.71
N MET B 159 56.15 37.59 13.60
CA MET B 159 55.24 37.06 12.57
C MET B 159 55.79 35.79 11.94
N HIS B 160 57.11 35.75 11.70
CA HIS B 160 57.71 34.56 11.12
C HIS B 160 57.60 33.36 12.04
N LYS B 161 57.78 33.57 13.34
CA LYS B 161 57.67 32.48 14.31
C LYS B 161 56.23 32.08 14.55
N LEU B 162 55.29 33.01 14.39
CA LEU B 162 53.88 32.72 14.66
C LEU B 162 53.14 32.14 13.46
N THR B 163 53.61 32.39 12.24
CA THR B 163 52.95 31.92 11.03
C THR B 163 53.62 30.65 10.54
N ALA B 164 52.80 29.67 10.16
CA ALA B 164 53.27 28.40 9.61
C ALA B 164 53.08 28.39 8.10
N SER B 165 54.12 27.97 7.38
CA SER B 165 54.07 27.97 5.92
C SER B 165 53.32 26.78 5.35
N ASP B 166 52.87 25.84 6.20
CA ASP B 166 52.14 24.68 5.70
C ASP B 166 50.83 25.09 5.06
N THR B 167 50.10 26.01 5.70
CA THR B 167 48.82 26.48 5.15
C THR B 167 48.65 27.99 5.33
N GLY B 168 49.69 28.70 5.74
CA GLY B 168 49.56 30.13 5.98
C GLY B 168 48.64 30.47 7.12
N ALA B 169 48.61 29.62 8.15
CA ALA B 169 47.75 29.81 9.31
C ALA B 169 48.48 30.62 10.38
N THR B 170 47.89 30.69 11.57
CA THR B 170 48.47 31.42 12.69
C THR B 170 48.15 30.67 13.98
N CYS B 171 48.72 31.16 15.08
CA CYS B 171 48.47 30.54 16.38
C CYS B 171 47.01 30.65 16.77
N LEU B 172 46.39 31.79 16.49
CA LEU B 172 44.96 31.95 16.80
C LEU B 172 44.12 31.00 15.98
N MET B 173 44.44 30.84 14.69
CA MET B 173 43.70 29.91 13.86
C MET B 173 43.87 28.47 14.34
N LYS B 174 45.09 28.11 14.75
CA LYS B 174 45.32 26.77 15.27
C LYS B 174 44.55 26.55 16.57
N ALA B 175 44.50 27.56 17.44
CA ALA B 175 43.77 27.42 18.69
C ALA B 175 42.28 27.29 18.45
N LEU B 176 41.74 28.08 17.52
CA LEU B 176 40.31 28.02 17.23
C LEU B 176 39.92 26.74 16.50
N LEU B 177 40.80 26.20 15.66
CA LEU B 177 40.49 24.95 14.97
C LEU B 177 40.46 23.77 15.93
N ASN B 178 41.29 23.82 16.97
CA ASN B 178 41.38 22.77 17.98
C ASN B 178 40.91 23.25 19.35
N ILE B 179 39.75 23.91 19.39
CA ILE B 179 39.25 24.48 20.63
C ILE B 179 39.03 23.37 21.66
N ASN B 180 39.33 23.69 22.92
CA ASN B 180 39.20 22.75 24.02
C ASN B 180 38.47 23.41 25.17
N PRO B 181 38.27 22.72 26.30
CA PRO B 181 37.55 23.34 27.42
C PRO B 181 38.25 24.57 27.98
N ASN B 182 39.55 24.73 27.75
CA ASN B 182 40.30 25.89 28.19
C ASN B 182 40.81 26.71 27.01
N THR B 183 40.06 26.71 25.90
CA THR B 183 40.49 27.45 24.72
C THR B 183 40.34 28.94 24.90
N LYS B 184 39.38 29.38 25.72
CA LYS B 184 39.19 30.81 25.95
C LYS B 184 40.41 31.43 26.63
N GLU B 185 40.98 30.72 27.61
CA GLU B 185 42.17 31.22 28.29
C GLU B 185 43.35 31.32 27.34
N ILE B 186 43.52 30.32 26.48
CA ILE B 186 44.62 30.34 25.51
C ILE B 186 44.43 31.49 24.52
N VAL B 187 43.20 31.71 24.06
CA VAL B 187 42.93 32.79 23.13
C VAL B 187 43.21 34.14 23.80
N ARG B 188 42.79 34.29 25.06
CA ARG B 188 43.05 35.53 25.78
C ARG B 188 44.55 35.77 25.97
N ILE B 189 45.29 34.71 26.29
CA ILE B 189 46.74 34.85 26.46
C ILE B 189 47.40 35.24 25.15
N LEU B 190 46.98 34.62 24.04
CA LEU B 190 47.54 34.96 22.74
C LEU B 190 47.22 36.41 22.37
N LEU B 191 45.99 36.84 22.63
CA LEU B 191 45.62 38.23 22.35
C LEU B 191 46.42 39.20 23.19
N ALA B 192 46.63 38.88 24.47
CA ALA B 192 47.43 39.75 25.33
C ALA B 192 48.88 39.82 24.86
N PHE B 193 49.44 38.68 24.44
CA PHE B 193 50.80 38.68 23.92
C PHE B 193 50.91 39.50 22.64
N ALA B 194 49.92 39.38 21.76
CA ALA B 194 49.93 40.17 20.53
C ALA B 194 49.80 41.66 20.83
N GLU B 195 48.97 42.02 21.80
CA GLU B 195 48.84 43.43 22.19
C GLU B 195 50.14 43.96 22.79
N GLU B 196 50.80 43.14 23.62
CA GLU B 196 52.07 43.55 24.20
C GLU B 196 53.13 43.74 23.13
N ASN B 197 53.14 42.84 22.13
CA ASN B 197 54.07 42.97 21.01
C ASN B 197 53.62 43.98 19.98
N ASP B 198 52.43 44.56 20.14
CA ASP B 198 51.88 45.56 19.21
C ASP B 198 51.79 45.01 17.79
N ILE B 199 51.35 43.76 17.67
CA ILE B 199 51.21 43.09 16.38
C ILE B 199 49.82 42.48 16.22
N LEU B 200 48.90 42.75 17.14
CA LEU B 200 47.56 42.18 17.07
C LEU B 200 46.87 42.58 15.77
N GLY B 201 46.90 43.87 15.45
CA GLY B 201 46.35 44.33 14.19
C GLY B 201 47.02 43.70 12.98
N ARG B 202 48.29 43.31 13.14
CA ARG B 202 48.97 42.60 12.06
C ARG B 202 48.45 41.18 11.91
N PHE B 203 48.04 40.57 13.02
CA PHE B 203 47.54 39.20 12.99
C PHE B 203 46.04 39.11 12.77
N ILE B 204 45.31 40.21 12.94
CA ILE B 204 43.86 40.19 12.72
C ILE B 204 43.56 40.01 11.24
N ASN B 205 44.36 40.60 10.37
CA ASN B 205 44.17 40.51 8.93
C ASN B 205 44.89 39.32 8.31
N ALA B 206 45.49 38.45 9.12
CA ALA B 206 46.18 37.28 8.58
C ALA B 206 45.18 36.33 7.92
N GLU B 207 45.58 35.77 6.78
CA GLU B 207 44.72 34.88 6.02
C GLU B 207 45.54 33.73 5.47
N TYR B 208 44.85 32.68 5.03
CA TYR B 208 45.49 31.51 4.45
C TYR B 208 46.16 31.89 3.13
N THR B 209 47.42 31.48 2.98
CA THR B 209 48.13 31.71 1.73
C THR B 209 47.98 30.55 0.75
N GLU B 210 47.36 29.45 1.15
CA GLU B 210 47.17 28.30 0.28
C GLU B 210 46.11 28.62 -0.78
N GLU B 211 46.14 27.83 -1.86
CA GLU B 211 45.21 28.01 -2.97
C GLU B 211 43.92 27.23 -2.78
N ALA B 212 43.75 26.54 -1.65
CA ALA B 212 42.56 25.74 -1.40
C ALA B 212 41.53 26.48 -0.55
N TYR B 213 41.95 27.10 0.54
CA TYR B 213 41.06 27.80 1.46
C TYR B 213 41.56 29.21 1.72
N GLU B 214 41.91 29.93 0.66
CA GLU B 214 42.39 31.28 0.79
C GLU B 214 41.28 32.21 1.28
N GLY B 215 41.62 33.11 2.18
CA GLY B 215 40.69 34.06 2.73
C GLY B 215 40.18 33.75 4.12
N GLN B 216 40.51 32.58 4.67
CA GLN B 216 40.09 32.23 6.02
C GLN B 216 40.73 33.16 7.04
N THR B 217 39.99 33.41 8.12
CA THR B 217 40.45 34.27 9.19
C THR B 217 40.02 33.69 10.53
N ALA B 218 40.59 34.24 11.61
CA ALA B 218 40.25 33.78 12.95
C ALA B 218 38.77 34.01 13.25
N LEU B 219 38.23 35.16 12.82
CA LEU B 219 36.81 35.41 13.00
C LEU B 219 35.97 34.41 12.23
N ASN B 220 36.37 34.08 11.00
CA ASN B 220 35.65 33.10 10.21
C ASN B 220 35.63 31.73 10.91
N ILE B 221 36.79 31.31 11.41
CA ILE B 221 36.88 30.01 12.09
C ILE B 221 36.03 30.02 13.36
N ALA B 222 36.08 31.12 14.12
CA ALA B 222 35.30 31.20 15.36
C ALA B 222 33.80 31.17 15.07
N ILE B 223 33.36 31.84 14.00
CA ILE B 223 31.95 31.82 13.64
C ILE B 223 31.54 30.43 13.18
N GLU B 224 32.40 29.75 12.42
CA GLU B 224 32.09 28.40 11.99
C GLU B 224 31.98 27.44 13.17
N ARG B 225 32.88 27.57 14.14
CA ARG B 225 32.89 26.65 15.28
C ARG B 225 31.82 26.98 16.31
N ARG B 226 30.90 27.89 16.01
CA ARG B 226 29.78 28.26 16.87
C ARG B 226 30.22 28.81 18.22
N GLN B 227 31.46 29.31 18.34
CA GLN B 227 31.95 29.83 19.62
C GLN B 227 31.64 31.33 19.67
N GLY B 228 30.45 31.63 20.20
CA GLY B 228 29.96 32.99 20.17
C GLY B 228 30.76 33.96 21.02
N ASP B 229 31.21 33.51 22.19
CA ASP B 229 31.97 34.39 23.07
C ASP B 229 33.29 34.82 22.43
N ILE B 230 34.03 33.85 21.90
CA ILE B 230 35.30 34.17 21.23
C ILE B 230 35.04 34.99 19.97
N ALA B 231 33.96 34.69 19.25
CA ALA B 231 33.64 35.47 18.06
C ALA B 231 33.39 36.93 18.40
N ALA B 232 32.59 37.18 19.46
CA ALA B 232 32.33 38.55 19.88
C ALA B 232 33.61 39.23 20.38
N LEU B 233 34.47 38.48 21.08
CA LEU B 233 35.73 39.05 21.53
C LEU B 233 36.59 39.47 20.36
N LEU B 234 36.67 38.63 19.31
CA LEU B 234 37.46 38.98 18.14
C LEU B 234 36.87 40.18 17.41
N ILE B 235 35.54 40.25 17.30
CA ILE B 235 34.92 41.39 16.66
C ILE B 235 35.23 42.68 17.43
N ALA B 236 35.15 42.61 18.76
CA ALA B 236 35.48 43.78 19.58
C ALA B 236 36.97 44.12 19.53
N ALA B 237 37.83 43.15 19.22
CA ALA B 237 39.26 43.39 19.13
C ALA B 237 39.70 43.96 17.80
N GLY B 238 38.78 44.09 16.84
CA GLY B 238 39.13 44.65 15.55
C GLY B 238 39.31 43.65 14.43
N ALA B 239 38.64 42.50 14.50
CA ALA B 239 38.73 41.51 13.43
C ALA B 239 38.05 42.02 12.18
N ASP B 240 38.58 41.63 11.02
CA ASP B 240 38.00 42.04 9.75
C ASP B 240 36.62 41.42 9.56
N VAL B 241 35.61 42.26 9.42
CA VAL B 241 34.23 41.82 9.24
C VAL B 241 33.90 41.63 7.77
N ASN B 242 34.37 42.52 6.91
CA ASN B 242 34.13 42.45 5.47
C ASN B 242 35.15 41.59 4.74
N ALA B 243 35.88 40.72 5.46
CA ALA B 243 36.87 39.88 4.83
C ALA B 243 36.20 38.86 3.91
N HIS B 244 36.74 38.74 2.70
CA HIS B 244 36.20 37.83 1.69
C HIS B 244 37.07 36.59 1.62
N ALA B 245 36.46 35.43 1.78
CA ALA B 245 37.16 34.14 1.72
C ALA B 245 36.88 33.52 0.36
N LYS B 246 37.75 33.82 -0.61
CA LYS B 246 37.57 33.40 -1.99
C LYS B 246 38.40 32.16 -2.33
N GLY B 247 38.52 31.23 -1.38
CA GLY B 247 39.23 30.00 -1.66
C GLY B 247 38.51 29.13 -2.67
N ALA B 248 39.29 28.36 -3.42
CA ALA B 248 38.71 27.52 -4.47
C ALA B 248 37.77 26.48 -3.90
N PHE B 249 38.10 25.91 -2.74
CA PHE B 249 37.23 24.93 -2.11
C PHE B 249 35.94 25.57 -1.62
N PHE B 250 35.95 26.88 -1.38
CA PHE B 250 34.76 27.55 -0.84
C PHE B 250 33.70 27.73 -1.92
N ASN B 251 34.11 28.01 -3.15
CA ASN B 251 33.14 28.15 -4.24
C ASN B 251 33.37 27.04 -5.26
N PRO B 252 33.21 25.78 -4.87
CA PRO B 252 33.42 24.68 -5.82
C PRO B 252 32.37 24.67 -6.91
N LYS B 253 32.75 24.08 -8.05
CA LYS B 253 31.84 23.99 -9.18
C LYS B 253 30.62 23.15 -8.83
N TYR B 254 30.81 22.06 -8.08
CA TYR B 254 29.73 21.19 -7.65
C TYR B 254 29.40 21.48 -6.18
N GLN B 255 28.12 21.33 -5.84
CA GLN B 255 27.68 21.56 -4.47
C GLN B 255 28.23 20.52 -3.52
N HIS B 256 28.50 19.31 -4.01
CA HIS B 256 29.05 18.25 -3.18
C HIS B 256 30.57 18.27 -3.10
N GLU B 257 31.23 19.10 -3.90
CA GLU B 257 32.68 19.20 -3.90
C GLU B 257 33.22 20.21 -2.89
N GLY B 258 32.33 20.93 -2.20
CA GLY B 258 32.78 21.90 -1.23
C GLY B 258 31.59 22.52 -0.52
N PHE B 259 31.90 23.38 0.45
CA PHE B 259 30.90 24.08 1.25
C PHE B 259 30.89 25.54 0.83
N TYR B 260 29.74 26.01 0.34
CA TYR B 260 29.56 27.39 -0.08
C TYR B 260 28.60 28.08 0.88
N PHE B 261 29.04 29.17 1.48
CA PHE B 261 28.23 29.93 2.41
C PHE B 261 28.04 31.39 2.03
N GLY B 262 28.94 31.96 1.23
CA GLY B 262 28.80 33.34 0.81
C GLY B 262 30.10 34.13 0.85
N GLU B 263 31.18 33.48 1.28
CA GLU B 263 32.50 34.11 1.34
C GLU B 263 32.48 35.38 2.18
N THR B 264 31.80 35.31 3.34
CA THR B 264 31.65 36.47 4.21
C THR B 264 31.28 35.96 5.60
N PRO B 265 31.84 36.52 6.67
CA PRO B 265 31.40 36.09 8.01
C PRO B 265 29.92 36.26 8.25
N LEU B 266 29.31 37.34 7.74
CA LEU B 266 27.88 37.52 7.87
C LEU B 266 27.11 36.41 7.16
N ALA B 267 27.54 36.06 5.94
CA ALA B 267 26.87 35.00 5.20
C ALA B 267 27.05 33.65 5.90
N LEU B 268 28.23 33.40 6.47
CA LEU B 268 28.43 32.15 7.19
C LEU B 268 27.56 32.07 8.43
N ALA B 269 27.45 33.18 9.17
CA ALA B 269 26.57 33.20 10.34
C ALA B 269 25.12 33.01 9.92
N ALA B 270 24.74 33.55 8.77
CA ALA B 270 23.37 33.37 8.29
C ALA B 270 23.11 31.92 7.90
N CYS B 271 24.06 31.28 7.22
CA CYS B 271 23.86 29.92 6.74
C CYS B 271 24.02 28.88 7.85
N THR B 272 24.73 29.22 8.91
CA THR B 272 25.00 28.27 9.99
C THR B 272 24.03 28.42 11.16
N ASN B 273 22.99 29.25 11.01
CA ASN B 273 21.93 29.38 12.01
C ASN B 273 22.49 29.84 13.36
N GLN B 274 23.01 31.08 13.36
CA GLN B 274 23.49 31.74 14.56
C GLN B 274 22.80 33.09 14.68
N PRO B 275 21.56 33.12 15.20
CA PRO B 275 20.84 34.40 15.30
C PRO B 275 21.58 35.44 16.12
N GLU B 276 22.16 35.06 17.25
CA GLU B 276 22.85 36.03 18.10
C GLU B 276 24.06 36.63 17.37
N ILE B 277 24.84 35.79 16.69
CA ILE B 277 26.03 36.27 16.01
C ILE B 277 25.66 37.14 14.82
N VAL B 278 24.63 36.74 14.05
CA VAL B 278 24.24 37.54 12.90
C VAL B 278 23.65 38.87 13.36
N GLN B 279 22.94 38.89 14.48
CA GLN B 279 22.43 40.15 15.02
C GLN B 279 23.56 41.05 15.50
N LEU B 280 24.56 40.47 16.15
CA LEU B 280 25.72 41.25 16.59
C LEU B 280 26.48 41.83 15.41
N LEU B 281 26.60 41.06 14.32
CA LEU B 281 27.25 41.57 13.13
C LEU B 281 26.44 42.68 12.47
N MET B 282 25.11 42.51 12.42
CA MET B 282 24.26 43.51 11.81
C MET B 282 24.28 44.81 12.61
N GLU B 283 24.30 44.72 13.94
CA GLU B 283 24.33 45.92 14.76
C GLU B 283 25.66 46.66 14.68
N HIS B 284 26.70 46.01 14.15
CA HIS B 284 27.99 46.66 14.03
C HIS B 284 27.93 47.76 12.96
N GLU B 285 28.79 48.76 13.12
CA GLU B 285 28.80 49.90 12.21
C GLU B 285 29.76 49.72 11.04
N GLN B 286 30.88 49.02 11.26
CA GLN B 286 31.87 48.85 10.20
C GLN B 286 31.45 47.84 9.15
N THR B 287 30.39 47.07 9.37
CA THR B 287 29.96 46.07 8.41
C THR B 287 29.14 46.71 7.30
N ASP B 288 28.86 45.92 6.27
CA ASP B 288 28.00 46.31 5.16
C ASP B 288 27.08 45.16 4.79
N ILE B 289 25.97 45.50 4.13
CA ILE B 289 24.96 44.53 3.75
C ILE B 289 24.95 44.30 2.24
N THR B 290 25.22 45.34 1.45
CA THR B 290 25.21 45.24 0.00
C THR B 290 26.48 44.64 -0.58
N SER B 291 27.32 44.02 0.25
CA SER B 291 28.55 43.43 -0.24
C SER B 291 28.26 42.22 -1.14
N ARG B 292 28.97 42.14 -2.25
CA ARG B 292 28.83 41.05 -3.21
C ARG B 292 30.13 40.26 -3.26
N ASP B 293 30.04 38.95 -3.12
CA ASP B 293 31.20 38.08 -3.08
C ASP B 293 31.71 37.82 -4.50
N SER B 294 32.61 36.84 -4.63
CA SER B 294 33.17 36.52 -5.94
C SER B 294 32.10 36.03 -6.90
N ARG B 295 31.16 35.21 -6.40
CA ARG B 295 30.04 34.77 -7.22
C ARG B 295 29.04 35.88 -7.49
N GLY B 296 29.19 37.04 -6.86
CA GLY B 296 28.22 38.10 -6.97
C GLY B 296 27.03 37.98 -6.05
N ASN B 297 26.94 36.90 -5.29
CA ASN B 297 25.80 36.66 -4.42
C ASN B 297 25.93 37.43 -3.12
N ASN B 298 24.82 38.00 -2.66
CA ASN B 298 24.74 38.66 -1.37
C ASN B 298 24.18 37.67 -0.34
N ILE B 299 23.83 38.20 0.84
CA ILE B 299 23.35 37.35 1.92
C ILE B 299 22.06 36.64 1.51
N LEU B 300 21.15 37.36 0.84
CA LEU B 300 19.89 36.73 0.43
C LEU B 300 20.10 35.65 -0.61
N HIS B 301 20.99 35.89 -1.59
CA HIS B 301 21.29 34.86 -2.56
C HIS B 301 21.93 33.64 -1.90
N ALA B 302 22.84 33.87 -0.96
CA ALA B 302 23.47 32.75 -0.25
C ALA B 302 22.45 31.95 0.53
N LEU B 303 21.53 32.63 1.22
CA LEU B 303 20.49 31.94 1.97
C LEU B 303 19.58 31.15 1.03
N VAL B 304 19.26 31.72 -0.13
CA VAL B 304 18.45 31.00 -1.12
C VAL B 304 19.17 29.74 -1.58
N THR B 305 20.46 29.85 -1.86
CA THR B 305 21.23 28.69 -2.31
C THR B 305 21.31 27.62 -1.23
N VAL B 306 21.48 28.03 0.03
CA VAL B 306 21.64 27.06 1.11
C VAL B 306 20.31 26.43 1.49
N ALA B 307 19.20 27.13 1.27
CA ALA B 307 17.89 26.63 1.67
C ALA B 307 17.59 25.28 1.01
N GLU B 308 16.74 24.51 1.67
CA GLU B 308 16.39 23.16 1.24
C GLU B 308 15.04 23.18 0.53
N ASP B 309 14.96 22.51 -0.61
CA ASP B 309 13.71 22.46 -1.36
C ASP B 309 12.63 21.70 -0.59
N PHE B 310 13.00 20.60 0.06
CA PHE B 310 12.03 19.82 0.81
C PHE B 310 11.54 20.58 2.02
N LYS B 311 10.24 20.45 2.31
CA LYS B 311 9.61 21.14 3.44
C LYS B 311 9.94 20.37 4.71
N THR B 312 11.06 20.73 5.34
CA THR B 312 11.47 20.09 6.57
C THR B 312 10.61 20.57 7.74
N GLN B 313 10.69 19.82 8.85
CA GLN B 313 9.92 20.18 10.03
C GLN B 313 10.39 21.51 10.62
N ASN B 314 11.71 21.74 10.65
CA ASN B 314 12.30 22.96 11.17
C ASN B 314 12.97 23.70 10.02
N ASP B 315 12.40 24.84 9.65
CA ASP B 315 12.93 25.67 8.56
C ASP B 315 13.40 26.99 9.16
N PHE B 316 14.71 27.10 9.37
CA PHE B 316 15.30 28.32 9.92
C PHE B 316 15.68 29.32 8.85
N VAL B 317 15.93 28.86 7.63
CA VAL B 317 16.41 29.75 6.57
C VAL B 317 15.35 30.79 6.23
N LYS B 318 14.08 30.38 6.16
CA LYS B 318 13.02 31.33 5.84
C LYS B 318 12.86 32.37 6.94
N ARG B 319 12.85 31.94 8.20
CA ARG B 319 12.69 32.88 9.30
C ARG B 319 13.84 33.87 9.36
N MET B 320 15.08 33.39 9.15
CA MET B 320 16.21 34.30 9.25
C MET B 320 16.32 35.18 8.01
N TYR B 321 15.88 34.70 6.85
CA TYR B 321 15.72 35.57 5.69
C TYR B 321 14.75 36.69 5.99
N ASP B 322 13.62 36.37 6.62
CA ASP B 322 12.65 37.38 7.00
C ASP B 322 13.28 38.39 7.95
N MET B 323 14.02 37.89 8.95
CA MET B 323 14.64 38.78 9.93
C MET B 323 15.65 39.71 9.27
N ILE B 324 16.50 39.17 8.40
CA ILE B 324 17.52 39.99 7.74
C ILE B 324 16.87 41.02 6.83
N LEU B 325 15.83 40.64 6.07
CA LEU B 325 15.16 41.58 5.19
C LEU B 325 14.49 42.69 5.99
N LEU B 326 13.85 42.34 7.11
CA LEU B 326 13.21 43.36 7.94
C LEU B 326 14.24 44.30 8.56
N ARG B 327 15.38 43.76 8.99
CA ARG B 327 16.43 44.61 9.56
C ARG B 327 17.03 45.53 8.50
N SER B 328 17.15 45.05 7.26
CA SER B 328 17.66 45.89 6.19
C SER B 328 16.67 47.00 5.84
N GLY B 329 15.40 46.64 5.64
CA GLY B 329 14.37 47.63 5.35
C GLY B 329 14.59 48.41 4.08
N ASN B 330 15.04 47.75 3.01
CA ASN B 330 15.27 48.42 1.75
C ASN B 330 15.08 47.42 0.61
N TRP B 331 14.83 47.95 -0.58
CA TRP B 331 14.63 47.14 -1.77
C TRP B 331 15.91 46.86 -2.53
N GLU B 332 17.05 47.38 -2.06
CA GLU B 332 18.31 47.18 -2.77
C GLU B 332 18.76 45.73 -2.68
N LEU B 333 18.49 45.07 -1.55
CA LEU B 333 18.91 43.68 -1.37
C LEU B 333 18.19 42.76 -2.35
N GLU B 334 16.89 42.96 -2.53
CA GLU B 334 16.11 42.08 -3.39
C GLU B 334 16.15 42.49 -4.86
N THR B 335 16.83 43.57 -5.20
CA THR B 335 16.94 44.02 -6.58
C THR B 335 18.33 43.87 -7.16
N THR B 336 19.34 43.57 -6.34
CA THR B 336 20.70 43.41 -6.84
C THR B 336 20.83 42.10 -7.61
N ARG B 337 21.57 42.15 -8.71
CA ARG B 337 21.80 40.99 -9.56
C ARG B 337 23.28 40.63 -9.53
N ASN B 338 23.56 39.33 -9.51
CA ASN B 338 24.92 38.83 -9.53
C ASN B 338 25.41 38.75 -10.98
N ASN B 339 26.56 38.09 -11.20
CA ASN B 339 27.08 37.94 -12.56
C ASN B 339 26.16 37.13 -13.44
N ASP B 340 25.29 36.31 -12.86
CA ASP B 340 24.28 35.60 -13.64
C ASP B 340 23.09 36.47 -13.99
N GLY B 341 23.03 37.69 -13.47
CA GLY B 341 21.92 38.59 -13.76
C GLY B 341 20.58 38.13 -13.20
N LEU B 342 20.56 37.67 -11.95
CA LEU B 342 19.33 37.17 -11.33
C LEU B 342 19.14 37.84 -9.97
N THR B 343 17.90 38.20 -9.67
CA THR B 343 17.51 38.63 -8.34
C THR B 343 17.39 37.42 -7.44
N PRO B 344 17.29 37.62 -6.11
CA PRO B 344 17.07 36.46 -5.23
C PRO B 344 15.83 35.65 -5.59
N LEU B 345 14.76 36.31 -6.00
CA LEU B 345 13.54 35.60 -6.38
C LEU B 345 13.79 34.74 -7.62
N GLN B 346 14.45 35.31 -8.63
CA GLN B 346 14.76 34.54 -9.83
C GLN B 346 15.70 33.39 -9.53
N LEU B 347 16.66 33.60 -8.63
CA LEU B 347 17.58 32.53 -8.25
C LEU B 347 16.86 31.41 -7.54
N ALA B 348 15.91 31.75 -6.65
CA ALA B 348 15.11 30.72 -5.99
C ALA B 348 14.27 29.95 -6.99
N ALA B 349 13.68 30.66 -7.96
CA ALA B 349 12.89 29.99 -8.99
C ALA B 349 13.76 29.07 -9.84
N LYS B 350 14.99 29.49 -10.15
CA LYS B 350 15.88 28.67 -10.96
C LYS B 350 16.33 27.42 -10.21
N MET B 351 16.72 27.58 -8.94
CA MET B 351 17.19 26.44 -8.17
C MET B 351 16.07 25.52 -7.71
N GLY B 352 14.83 26.00 -7.67
CA GLY B 352 13.70 25.15 -7.35
C GLY B 352 13.44 25.02 -5.87
N LYS B 353 13.29 26.15 -5.18
CA LYS B 353 13.00 26.18 -3.75
C LYS B 353 11.56 26.67 -3.57
N ALA B 354 10.64 25.72 -3.44
CA ALA B 354 9.22 26.06 -3.40
C ALA B 354 8.88 26.89 -2.18
N GLU B 355 9.44 26.54 -1.02
CA GLU B 355 9.10 27.26 0.22
C GLU B 355 9.54 28.71 0.15
N ILE B 356 10.79 28.95 -0.22
CA ILE B 356 11.29 30.33 -0.31
C ILE B 356 10.57 31.09 -1.41
N LEU B 357 10.29 30.43 -2.54
CA LEU B 357 9.56 31.07 -3.62
C LEU B 357 8.18 31.52 -3.16
N LYS B 358 7.45 30.64 -2.47
CA LYS B 358 6.13 31.00 -1.98
C LYS B 358 6.20 32.11 -0.95
N TYR B 359 7.18 32.06 -0.04
CA TYR B 359 7.31 33.10 0.96
C TYR B 359 7.58 34.45 0.33
N ILE B 360 8.45 34.51 -0.68
CA ILE B 360 8.77 35.79 -1.30
C ILE B 360 7.58 36.28 -2.14
N LEU B 361 6.91 35.38 -2.85
CA LEU B 361 5.80 35.79 -3.70
C LEU B 361 4.61 36.28 -2.89
N SER B 362 4.29 35.60 -1.79
CA SER B 362 3.17 35.97 -0.93
C SER B 362 3.74 36.40 0.42
N ARG B 363 4.08 37.69 0.53
CA ARG B 363 4.64 38.25 1.75
C ARG B 363 3.79 39.43 2.18
N GLU B 364 3.32 39.40 3.43
CA GLU B 364 2.49 40.46 3.99
C GLU B 364 3.13 41.01 5.24
N ILE B 365 3.25 42.33 5.32
CA ILE B 365 3.81 43.02 6.47
C ILE B 365 2.79 44.02 6.98
N LYS B 366 2.48 43.94 8.27
CA LYS B 366 1.48 44.81 8.88
C LYS B 366 2.10 45.97 9.65
N GLU B 367 3.43 46.10 9.65
CA GLU B 367 4.09 47.17 10.38
C GLU B 367 4.16 48.44 9.56
N LYS B 368 4.11 49.58 10.24
CA LYS B 368 4.21 50.86 9.56
C LYS B 368 5.63 51.07 9.03
N ARG B 369 5.73 51.77 7.90
CA ARG B 369 6.97 52.08 7.19
C ARG B 369 7.65 50.83 6.62
N LEU B 370 7.10 49.63 6.85
CA LEU B 370 7.65 48.41 6.30
C LEU B 370 6.70 47.71 5.35
N ARG B 371 5.51 48.26 5.10
CA ARG B 371 4.57 47.62 4.18
C ARG B 371 5.04 47.69 2.73
N SER B 372 5.97 48.60 2.42
CA SER B 372 6.50 48.67 1.06
C SER B 372 7.26 47.41 0.68
N LEU B 373 7.88 46.75 1.65
CA LEU B 373 8.61 45.52 1.38
C LEU B 373 7.68 44.36 1.01
N SER B 374 6.40 44.45 1.37
CA SER B 374 5.46 43.38 1.08
C SER B 374 5.08 43.40 -0.40
N ARG B 375 4.72 42.22 -0.92
CA ARG B 375 4.30 42.07 -2.30
C ARG B 375 2.84 41.67 -2.44
N LYS B 376 2.13 41.45 -1.34
CA LYS B 376 0.71 41.09 -1.36
C LYS B 376 -0.03 41.93 -0.34
N PHE B 377 -1.08 42.62 -0.80
CA PHE B 377 -1.88 43.49 0.06
C PHE B 377 -3.32 42.98 0.07
N THR B 378 -3.83 42.69 1.27
CA THR B 378 -5.20 42.22 1.40
C THR B 378 -6.15 43.41 1.45
N ASP B 379 -7.06 43.49 0.48
CA ASP B 379 -7.98 44.62 0.40
C ASP B 379 -9.13 44.46 1.40
N TRP B 380 -9.92 43.40 1.25
CA TRP B 380 -11.04 43.15 2.15
C TRP B 380 -11.17 41.64 2.36
N ALA B 381 -11.58 41.27 3.57
CA ALA B 381 -11.76 39.87 3.94
C ALA B 381 -13.12 39.70 4.59
N TYR B 382 -13.87 38.69 4.12
CA TYR B 382 -15.19 38.36 4.66
C TYR B 382 -15.31 36.84 4.67
N GLY B 383 -14.98 36.23 5.81
CA GLY B 383 -14.98 34.79 5.92
C GLY B 383 -13.96 34.15 5.02
N PRO B 384 -14.40 33.21 4.17
CA PRO B 384 -13.47 32.58 3.25
C PRO B 384 -13.08 33.43 2.05
N VAL B 385 -13.90 34.40 1.68
CA VAL B 385 -13.60 35.24 0.52
C VAL B 385 -12.54 36.27 0.92
N SER B 386 -11.50 36.39 0.10
CA SER B 386 -10.45 37.36 0.36
C SER B 386 -9.91 37.89 -0.97
N SER B 387 -9.82 39.21 -1.08
CA SER B 387 -9.27 39.86 -2.26
C SER B 387 -7.86 40.36 -1.95
N SER B 388 -6.92 40.04 -2.83
CA SER B 388 -5.52 40.39 -2.60
C SER B 388 -4.90 40.96 -3.87
N LEU B 389 -4.18 42.05 -3.72
CA LEU B 389 -3.38 42.63 -4.80
C LEU B 389 -1.97 42.08 -4.70
N TYR B 390 -1.54 41.35 -5.72
CA TYR B 390 -0.19 40.83 -5.81
C TYR B 390 0.67 41.74 -6.68
N ASP B 391 1.98 41.54 -6.59
CA ASP B 391 2.95 42.32 -7.36
C ASP B 391 3.51 41.47 -8.48
N LEU B 392 3.62 42.05 -9.67
CA LEU B 392 4.09 41.33 -10.85
C LEU B 392 5.29 42.04 -11.47
N THR B 393 6.26 42.42 -10.65
CA THR B 393 7.44 43.11 -11.17
C THR B 393 8.30 42.15 -12.00
N ASN B 394 8.79 41.07 -11.37
CA ASN B 394 9.61 40.08 -12.04
C ASN B 394 8.87 38.77 -12.25
N VAL B 395 7.57 38.73 -11.97
CA VAL B 395 6.79 37.49 -12.10
C VAL B 395 6.14 37.39 -13.48
N ASP B 396 5.59 38.50 -13.97
CA ASP B 396 4.96 38.50 -15.28
C ASP B 396 6.00 38.42 -16.39
N THR B 397 5.59 37.86 -17.53
CA THR B 397 6.47 37.71 -18.68
C THR B 397 6.55 39.02 -19.45
N THR B 398 7.16 40.01 -18.79
CA THR B 398 7.34 41.34 -19.36
C THR B 398 8.80 41.64 -19.69
N THR B 399 9.70 41.42 -18.75
CA THR B 399 11.12 41.67 -18.97
C THR B 399 11.74 40.52 -19.76
N ASP B 400 13.06 40.60 -19.96
CA ASP B 400 13.75 39.54 -20.69
C ASP B 400 13.71 38.22 -19.95
N ASN B 401 13.90 38.24 -18.64
CA ASN B 401 13.87 37.03 -17.81
C ASN B 401 12.85 37.24 -16.70
N SER B 402 11.96 36.26 -16.52
CA SER B 402 10.89 36.35 -15.54
C SER B 402 10.81 35.07 -14.73
N VAL B 403 10.20 35.17 -13.55
CA VAL B 403 10.08 34.02 -12.66
C VAL B 403 9.22 32.94 -13.31
N LEU B 404 8.12 33.34 -13.95
CA LEU B 404 7.23 32.36 -14.59
C LEU B 404 7.95 31.63 -15.72
N GLU B 405 8.66 32.37 -16.56
CA GLU B 405 9.41 31.73 -17.65
C GLU B 405 10.48 30.81 -17.10
N ILE B 406 11.15 31.22 -16.02
CA ILE B 406 12.21 30.41 -15.44
C ILE B 406 11.64 29.10 -14.89
N THR B 407 10.53 29.18 -14.17
CA THR B 407 9.97 27.97 -13.56
C THR B 407 9.27 27.08 -14.57
N VAL B 408 8.84 27.63 -15.71
CA VAL B 408 8.22 26.79 -16.72
C VAL B 408 9.27 26.13 -17.61
N TYR B 409 10.31 26.87 -17.99
CA TYR B 409 11.33 26.36 -18.90
C TYR B 409 12.46 25.64 -18.18
N ASN B 410 12.40 25.51 -16.87
CA ASN B 410 13.46 24.82 -16.14
C ASN B 410 13.41 23.33 -16.42
N THR B 411 14.59 22.75 -16.69
CA THR B 411 14.72 21.33 -16.96
C THR B 411 15.53 20.57 -15.91
N ASN B 412 16.26 21.28 -15.05
CA ASN B 412 17.08 20.65 -14.02
C ASN B 412 16.45 20.78 -12.62
N ILE B 413 15.13 20.71 -12.54
CA ILE B 413 14.42 20.80 -11.27
C ILE B 413 13.39 19.69 -11.19
N ASP B 414 12.91 19.43 -9.97
CA ASP B 414 11.92 18.41 -9.73
C ASP B 414 10.64 18.92 -9.07
N ASN B 415 10.67 20.10 -8.46
CA ASN B 415 9.50 20.68 -7.80
C ASN B 415 8.78 21.68 -8.69
N ARG B 416 8.78 21.45 -10.01
CA ARG B 416 8.15 22.39 -10.93
C ARG B 416 6.65 22.49 -10.67
N HIS B 417 5.99 21.35 -10.43
CA HIS B 417 4.55 21.37 -10.16
C HIS B 417 4.26 22.09 -8.85
N GLU B 418 5.09 21.87 -7.83
CA GLU B 418 4.89 22.54 -6.55
C GLU B 418 5.07 24.04 -6.69
N MET B 419 6.05 24.47 -7.48
CA MET B 419 6.28 25.91 -7.66
C MET B 419 5.20 26.54 -8.53
N LEU B 420 4.66 25.80 -9.50
CA LEU B 420 3.65 26.35 -10.39
C LEU B 420 2.27 26.41 -9.77
N THR B 421 2.01 25.62 -8.73
CA THR B 421 0.69 25.58 -8.08
C THR B 421 0.62 26.53 -6.89
N LEU B 422 0.98 27.79 -7.11
CA LEU B 422 0.90 28.80 -6.06
C LEU B 422 0.79 30.18 -6.71
N GLU B 423 0.11 31.08 -6.01
CA GLU B 423 -0.16 32.41 -6.52
C GLU B 423 1.11 33.27 -6.49
N PRO B 424 1.24 34.23 -7.41
CA PRO B 424 0.33 34.55 -8.52
C PRO B 424 0.73 33.89 -9.83
N LEU B 425 1.02 32.58 -9.82
CA LEU B 425 1.37 31.86 -11.03
C LEU B 425 0.22 31.04 -11.58
N HIS B 426 -0.57 30.41 -10.71
CA HIS B 426 -1.71 29.62 -11.16
C HIS B 426 -2.76 30.48 -11.83
N THR B 427 -3.17 31.57 -11.16
CA THR B 427 -4.16 32.47 -11.74
C THR B 427 -3.62 33.13 -13.00
N LEU B 428 -2.34 33.51 -13.00
CA LEU B 428 -1.74 34.12 -14.18
C LEU B 428 -1.74 33.16 -15.36
N LEU B 429 -1.42 31.89 -15.10
CA LEU B 429 -1.43 30.90 -16.17
C LEU B 429 -2.82 30.68 -16.72
N HIS B 430 -3.83 30.55 -15.84
CA HIS B 430 -5.19 30.36 -16.34
C HIS B 430 -5.69 31.57 -17.10
N MET B 431 -5.35 32.78 -16.64
CA MET B 431 -5.75 33.99 -17.35
C MET B 431 -5.09 34.05 -18.72
N LYS B 432 -3.79 33.77 -18.79
CA LYS B 432 -3.08 33.79 -20.06
C LYS B 432 -3.62 32.73 -21.01
N TRP B 433 -4.03 31.58 -20.48
CA TRP B 433 -4.68 30.57 -21.30
C TRP B 433 -5.99 31.10 -21.87
N LYS B 434 -6.94 31.40 -20.99
CA LYS B 434 -8.28 31.79 -21.41
C LYS B 434 -8.31 33.06 -22.24
N LYS B 435 -7.25 33.87 -22.19
CA LYS B 435 -7.21 35.08 -23.00
C LYS B 435 -7.09 34.76 -24.49
N PHE B 436 -6.01 34.10 -24.88
CA PHE B 436 -5.74 33.83 -26.28
C PHE B 436 -5.19 32.43 -26.58
N ALA B 437 -4.69 31.70 -25.58
CA ALA B 437 -3.97 30.47 -25.87
C ALA B 437 -4.90 29.38 -26.35
N LYS B 438 -6.12 29.32 -25.82
CA LYS B 438 -7.09 28.34 -26.29
C LYS B 438 -7.44 28.58 -27.75
N HIS B 439 -7.67 29.84 -28.12
CA HIS B 439 -7.98 30.16 -29.50
C HIS B 439 -6.81 29.84 -30.42
N MET B 440 -5.59 30.17 -30.00
CA MET B 440 -4.42 29.87 -30.81
C MET B 440 -4.23 28.38 -30.98
N PHE B 441 -4.44 27.60 -29.91
CA PHE B 441 -4.31 26.15 -30.00
C PHE B 441 -5.35 25.55 -30.93
N PHE B 442 -6.60 26.03 -30.85
CA PHE B 442 -7.64 25.53 -31.74
C PHE B 442 -7.33 25.88 -33.20
N LEU B 443 -6.85 27.10 -33.43
CA LEU B 443 -6.50 27.51 -34.79
C LEU B 443 -5.36 26.66 -35.34
N SER B 444 -4.34 26.39 -34.52
CA SER B 444 -3.25 25.53 -34.96
C SER B 444 -3.74 24.12 -35.25
N PHE B 445 -4.61 23.59 -34.39
CA PHE B 445 -5.20 22.27 -34.62
C PHE B 445 -5.91 22.23 -35.96
N CYS B 446 -6.79 23.19 -36.22
CA CYS B 446 -7.54 23.19 -37.47
C CYS B 446 -6.61 23.30 -38.67
N PHE B 447 -5.62 24.20 -38.60
CA PHE B 447 -4.73 24.40 -39.73
C PHE B 447 -3.91 23.15 -40.03
N TYR B 448 -3.37 22.52 -38.99
CA TYR B 448 -2.58 21.31 -39.20
C TYR B 448 -3.44 20.16 -39.69
N PHE B 449 -4.67 20.05 -39.18
CA PHE B 449 -5.56 18.99 -39.64
C PHE B 449 -5.91 19.16 -41.11
N PHE B 450 -6.21 20.39 -41.53
CA PHE B 450 -6.50 20.64 -42.94
C PHE B 450 -5.27 20.39 -43.80
N TYR B 451 -4.08 20.76 -43.32
CA TYR B 451 -2.86 20.50 -44.07
C TYR B 451 -2.62 19.01 -44.25
N ASN B 452 -2.81 18.23 -43.19
CA ASN B 452 -2.62 16.77 -43.29
C ASN B 452 -3.65 16.15 -44.23
N ILE B 453 -4.90 16.60 -44.15
CA ILE B 453 -5.93 16.08 -45.04
C ILE B 453 -5.59 16.40 -46.49
N THR B 454 -5.15 17.62 -46.76
CA THR B 454 -4.79 18.01 -48.12
C THR B 454 -3.62 17.18 -48.63
N LEU B 455 -2.60 16.97 -47.79
CA LEU B 455 -1.46 16.16 -48.21
C LEU B 455 -1.89 14.73 -48.52
N THR B 456 -2.71 14.14 -47.64
CA THR B 456 -3.15 12.76 -47.85
C THR B 456 -3.96 12.63 -49.13
N LEU B 457 -4.91 13.54 -49.35
CA LEU B 457 -5.73 13.48 -50.56
C LEU B 457 -4.88 13.67 -51.81
N VAL B 458 -3.98 14.65 -51.79
CA VAL B 458 -3.15 14.94 -52.96
C VAL B 458 -2.28 13.75 -53.31
N SER B 459 -1.70 13.10 -52.29
CA SER B 459 -0.81 11.97 -52.59
C SER B 459 -1.61 10.75 -53.01
N TYR B 460 -2.73 10.47 -52.34
CA TYR B 460 -3.50 9.27 -52.68
C TYR B 460 -4.07 9.38 -54.09
N TYR B 461 -4.56 10.56 -54.47
CA TYR B 461 -5.07 10.75 -55.83
C TYR B 461 -3.94 11.06 -56.80
N ARG B 462 -2.93 10.19 -56.82
CA ARG B 462 -1.75 10.36 -57.66
C ARG B 462 -2.02 9.80 -59.06
N PRO B 463 -1.53 10.48 -60.12
CA PRO B 463 -1.72 10.01 -61.49
C PRO B 463 -0.85 8.80 -61.83
N LEU B 482 -7.84 21.87 -58.79
CA LEU B 482 -7.94 21.58 -57.37
C LEU B 482 -6.64 20.99 -56.83
N GLN B 483 -5.97 20.19 -57.66
CA GLN B 483 -4.71 19.58 -57.25
C GLN B 483 -3.60 20.61 -57.13
N LEU B 484 -3.57 21.59 -58.04
CA LEU B 484 -2.51 22.59 -58.01
C LEU B 484 -2.60 23.46 -56.77
N LEU B 485 -3.81 23.91 -56.42
CA LEU B 485 -3.97 24.73 -55.22
C LEU B 485 -3.62 23.95 -53.96
N GLY B 486 -4.03 22.68 -53.89
CA GLY B 486 -3.68 21.86 -52.75
C GLY B 486 -2.18 21.66 -52.63
N ARG B 487 -1.50 21.40 -53.75
CA ARG B 487 -0.05 21.24 -53.72
C ARG B 487 0.64 22.53 -53.29
N MET B 488 0.16 23.68 -53.79
CA MET B 488 0.74 24.95 -53.39
C MET B 488 0.56 25.21 -51.90
N PHE B 489 -0.64 24.93 -51.37
CA PHE B 489 -0.87 25.10 -49.94
C PHE B 489 0.02 24.17 -49.13
N VAL B 490 0.16 22.91 -49.56
CA VAL B 490 1.01 21.96 -48.87
C VAL B 490 2.45 22.45 -48.85
N LEU B 491 2.94 22.94 -50.00
CA LEU B 491 4.31 23.44 -50.06
C LEU B 491 4.50 24.65 -49.14
N ILE B 492 3.55 25.58 -49.15
CA ILE B 492 3.69 26.79 -48.33
C ILE B 492 3.72 26.41 -46.84
N TRP B 493 2.79 25.56 -46.42
CA TRP B 493 2.74 25.18 -45.01
C TRP B 493 3.94 24.34 -44.62
N ALA B 494 4.44 23.50 -45.52
CA ALA B 494 5.63 22.70 -45.23
C ALA B 494 6.84 23.60 -45.05
N MET B 495 7.01 24.60 -45.92
CA MET B 495 8.12 25.53 -45.78
C MET B 495 8.01 26.31 -44.47
N CYS B 496 6.80 26.78 -44.14
CA CYS B 496 6.60 27.51 -42.90
C CYS B 496 6.94 26.65 -41.68
N ILE B 497 6.46 25.41 -41.67
CA ILE B 497 6.73 24.52 -40.54
C ILE B 497 8.21 24.22 -40.45
N SER B 498 8.88 24.00 -41.59
CA SER B 498 10.30 23.70 -41.59
C SER B 498 11.11 24.86 -41.02
N VAL B 499 10.82 26.08 -41.47
CA VAL B 499 11.60 27.22 -41.00
C VAL B 499 11.30 27.50 -39.53
N LYS B 500 10.04 27.35 -39.11
CA LYS B 500 9.70 27.57 -37.70
C LYS B 500 10.39 26.54 -36.82
N GLU B 501 10.42 25.28 -37.24
CA GLU B 501 11.10 24.25 -36.45
C GLU B 501 12.60 24.46 -36.45
N GLY B 502 13.17 24.97 -37.55
CA GLY B 502 14.58 25.30 -37.56
C GLY B 502 14.92 26.39 -36.56
N ILE B 503 14.12 27.45 -36.52
CA ILE B 503 14.34 28.52 -35.55
C ILE B 503 14.16 27.99 -34.14
N ALA B 504 13.16 27.12 -33.92
CA ALA B 504 12.93 26.56 -32.60
C ALA B 504 14.12 25.72 -32.14
N ILE B 505 14.68 24.90 -33.04
CA ILE B 505 15.82 24.07 -32.69
C ILE B 505 17.05 24.94 -32.43
N PHE B 506 17.25 25.97 -33.24
CA PHE B 506 18.41 26.85 -33.05
C PHE B 506 18.31 27.59 -31.72
N LEU B 507 17.11 28.06 -31.36
CA LEU B 507 16.94 28.80 -30.12
C LEU B 507 16.82 27.89 -28.90
N LEU B 508 16.60 26.59 -29.10
CA LEU B 508 16.47 25.69 -27.98
C LEU B 508 17.83 25.43 -27.33
N ARG B 509 17.79 25.05 -26.05
CA ARG B 509 19.01 24.74 -25.33
C ARG B 509 19.59 23.43 -25.86
N PRO B 510 20.90 23.37 -26.14
CA PRO B 510 21.48 22.12 -26.66
C PRO B 510 21.88 21.13 -25.58
N SER B 511 21.68 21.46 -24.31
CA SER B 511 22.09 20.60 -23.20
C SER B 511 20.87 20.11 -22.45
N ASP B 512 20.78 18.78 -22.28
CA ASP B 512 19.76 18.13 -21.46
C ASP B 512 18.36 18.29 -22.04
N LEU B 513 18.24 18.95 -23.20
CA LEU B 513 16.92 19.10 -23.82
C LEU B 513 16.46 17.79 -24.46
N GLN B 514 17.36 17.10 -25.15
CA GLN B 514 17.00 15.82 -25.77
C GLN B 514 16.93 14.70 -24.74
N SER B 515 17.75 14.76 -23.69
CA SER B 515 17.73 13.72 -22.66
C SER B 515 16.40 13.69 -21.92
N ILE B 516 15.88 14.86 -21.57
CA ILE B 516 14.60 14.96 -20.88
C ILE B 516 13.49 15.09 -21.92
N LEU B 517 12.26 14.83 -21.48
CA LEU B 517 11.09 14.94 -22.35
C LEU B 517 10.55 16.38 -22.36
N SER B 518 11.40 17.32 -22.75
CA SER B 518 11.03 18.74 -22.77
C SER B 518 10.50 19.16 -24.14
N ASP B 519 9.54 18.40 -24.66
CA ASP B 519 8.86 18.71 -25.91
C ASP B 519 9.85 18.91 -27.06
N ALA B 520 10.89 18.09 -27.09
CA ALA B 520 11.87 18.13 -28.18
C ALA B 520 11.63 17.07 -29.24
N TRP B 521 11.10 15.91 -28.86
CA TRP B 521 10.80 14.87 -29.84
C TRP B 521 9.76 15.35 -30.84
N PHE B 522 8.73 16.07 -30.37
CA PHE B 522 7.71 16.56 -31.28
C PHE B 522 8.29 17.58 -32.25
N HIS B 523 9.16 18.47 -31.77
CA HIS B 523 9.81 19.42 -32.66
C HIS B 523 10.66 18.71 -33.71
N PHE B 524 11.44 17.72 -33.28
CA PHE B 524 12.27 16.97 -34.22
C PHE B 524 11.41 16.27 -35.28
N VAL B 525 10.31 15.66 -34.86
CA VAL B 525 9.47 14.92 -35.79
C VAL B 525 8.76 15.86 -36.75
N PHE B 526 8.30 17.02 -36.26
CA PHE B 526 7.69 18.00 -37.15
C PHE B 526 8.69 18.49 -38.19
N PHE B 527 9.92 18.77 -37.77
CA PHE B 527 10.94 19.20 -38.71
C PHE B 527 11.25 18.11 -39.74
N ILE B 528 11.31 16.86 -39.28
CA ILE B 528 11.61 15.75 -40.18
C ILE B 528 10.48 15.58 -41.20
N GLN B 529 9.23 15.72 -40.75
CA GLN B 529 8.10 15.59 -41.66
C GLN B 529 8.09 16.72 -42.70
N ALA B 530 8.39 17.95 -42.27
CA ALA B 530 8.45 19.06 -43.23
C ALA B 530 9.57 18.84 -44.24
N VAL B 531 10.73 18.36 -43.76
CA VAL B 531 11.84 18.09 -44.67
C VAL B 531 11.46 17.00 -45.66
N LEU B 532 10.76 15.96 -45.19
CA LEU B 532 10.33 14.90 -46.08
C LEU B 532 9.37 15.42 -47.14
N VAL B 533 8.43 16.28 -46.74
CA VAL B 533 7.46 16.81 -47.69
C VAL B 533 8.15 17.66 -48.75
N ILE B 534 9.05 18.55 -48.32
CA ILE B 534 9.71 19.43 -49.29
C ILE B 534 10.63 18.62 -50.20
N LEU B 535 11.28 17.58 -49.65
CA LEU B 535 12.13 16.73 -50.49
C LEU B 535 11.30 15.95 -51.50
N SER B 536 10.12 15.46 -51.10
CA SER B 536 9.25 14.76 -52.03
C SER B 536 8.80 15.70 -53.14
N VAL B 537 8.45 16.95 -52.79
CA VAL B 537 8.05 17.91 -53.82
C VAL B 537 9.20 18.19 -54.78
N PHE B 538 10.41 18.39 -54.24
CA PHE B 538 11.56 18.67 -55.09
C PHE B 538 11.87 17.49 -56.00
N LEU B 539 11.73 16.26 -55.50
CA LEU B 539 11.99 15.09 -56.32
C LEU B 539 10.92 14.91 -57.38
N TYR B 540 9.66 15.22 -57.06
CA TYR B 540 8.60 15.16 -58.07
C TYR B 540 8.81 16.22 -59.14
N LEU B 541 9.37 17.37 -58.76
CA LEU B 541 9.74 18.37 -59.76
C LEU B 541 10.80 17.83 -60.72
N PHE B 542 11.73 17.03 -60.19
CA PHE B 542 12.74 16.38 -61.02
C PHE B 542 12.19 15.07 -61.58
N ALA B 543 13.07 14.23 -62.11
CA ALA B 543 12.68 12.97 -62.73
C ALA B 543 12.94 11.76 -61.83
N TYR B 544 13.27 11.97 -60.56
CA TYR B 544 13.54 10.86 -59.67
C TYR B 544 12.24 10.16 -59.27
N LYS B 545 12.38 8.95 -58.72
CA LYS B 545 11.24 8.10 -58.39
C LYS B 545 11.11 7.84 -56.90
N GLU B 546 11.92 8.51 -56.07
CA GLU B 546 11.80 8.37 -54.62
C GLU B 546 10.78 9.31 -54.01
N TYR B 547 10.14 10.15 -54.83
CA TYR B 547 9.15 11.08 -54.32
C TYR B 547 7.97 10.35 -53.71
N LEU B 548 7.58 9.20 -54.28
CA LEU B 548 6.49 8.43 -53.72
C LEU B 548 6.83 7.89 -52.34
N ALA B 549 8.05 7.38 -52.18
CA ALA B 549 8.48 6.89 -50.86
C ALA B 549 8.52 8.02 -49.85
N CYS B 550 9.08 9.17 -50.24
CA CYS B 550 9.11 10.31 -49.33
C CYS B 550 7.70 10.75 -48.95
N LEU B 551 6.78 10.73 -49.91
CA LEU B 551 5.42 11.19 -49.65
C LEU B 551 4.66 10.22 -48.74
N VAL B 552 4.85 8.91 -48.93
CA VAL B 552 4.16 7.96 -48.05
C VAL B 552 4.72 8.02 -46.64
N LEU B 553 6.05 8.16 -46.51
CA LEU B 553 6.61 8.37 -45.19
C LEU B 553 6.08 9.67 -44.57
N ALA B 554 5.89 10.69 -45.40
CA ALA B 554 5.37 11.96 -44.92
C ALA B 554 3.95 11.81 -44.38
N MET B 555 3.07 11.13 -45.10
CA MET B 555 1.71 10.94 -44.60
C MET B 555 1.71 10.11 -43.32
N ALA B 556 2.53 9.05 -43.28
CA ALA B 556 2.59 8.23 -42.08
C ALA B 556 3.00 9.07 -40.87
N LEU B 557 4.08 9.86 -41.01
CA LEU B 557 4.54 10.67 -39.90
C LEU B 557 3.53 11.74 -39.52
N GLY B 558 2.91 12.39 -40.51
CA GLY B 558 1.94 13.43 -40.20
C GLY B 558 0.71 12.90 -39.51
N TRP B 559 0.23 11.72 -39.91
CA TRP B 559 -0.93 11.14 -39.25
C TRP B 559 -0.57 10.59 -37.88
N ALA B 560 0.68 10.19 -37.67
CA ALA B 560 1.11 9.82 -36.33
C ALA B 560 1.38 11.05 -35.48
N ASN B 561 1.44 12.23 -36.09
CA ASN B 561 1.76 13.45 -35.36
C ASN B 561 0.55 14.15 -34.79
N MET B 562 -0.66 13.68 -35.07
CA MET B 562 -1.85 14.33 -34.52
C MET B 562 -1.93 14.20 -33.00
N LEU B 563 -1.27 13.18 -32.43
CA LEU B 563 -1.34 12.96 -30.99
C LEU B 563 -0.80 14.15 -30.21
N TYR B 564 0.13 14.91 -30.80
CA TYR B 564 0.65 16.09 -30.13
C TYR B 564 -0.45 17.08 -29.78
N TYR B 565 -1.54 17.09 -30.56
CA TYR B 565 -2.64 18.01 -30.32
C TYR B 565 -3.66 17.46 -29.35
N THR B 566 -3.40 16.30 -28.74
CA THR B 566 -4.29 15.75 -27.73
C THR B 566 -3.94 16.21 -26.31
N ARG B 567 -3.04 17.18 -26.17
CA ARG B 567 -2.74 17.73 -24.85
C ARG B 567 -3.71 18.83 -24.44
N GLY B 568 -4.60 19.26 -25.35
CA GLY B 568 -5.58 20.27 -24.99
C GLY B 568 -6.58 19.78 -23.95
N PHE B 569 -7.02 18.54 -24.07
CA PHE B 569 -7.92 17.93 -23.10
C PHE B 569 -7.13 17.17 -22.06
N GLN B 570 -7.61 17.21 -20.82
CA GLN B 570 -6.91 16.50 -19.74
C GLN B 570 -6.99 14.99 -19.93
N SER B 571 -8.11 14.49 -20.46
CA SER B 571 -8.31 13.05 -20.55
C SER B 571 -7.33 12.40 -21.53
N MET B 572 -6.73 13.17 -22.43
CA MET B 572 -5.82 12.62 -23.42
C MET B 572 -4.36 13.00 -23.19
N GLY B 573 -4.09 14.05 -22.43
CA GLY B 573 -2.72 14.35 -22.07
C GLY B 573 -2.10 13.26 -21.22
N MET B 574 -2.89 12.67 -20.32
CA MET B 574 -2.42 11.50 -19.59
C MET B 574 -2.07 10.37 -20.54
N TYR B 575 -2.90 10.15 -21.57
CA TYR B 575 -2.61 9.10 -22.53
C TYR B 575 -1.32 9.38 -23.29
N SER B 576 -1.08 10.64 -23.66
CA SER B 576 0.14 10.99 -24.38
C SER B 576 1.38 10.77 -23.52
N VAL B 577 1.33 11.22 -22.26
CA VAL B 577 2.48 11.00 -21.39
C VAL B 577 2.65 9.51 -21.09
N MET B 578 1.56 8.75 -21.11
CA MET B 578 1.64 7.30 -20.97
C MET B 578 2.41 6.70 -22.13
N ILE B 579 2.02 7.03 -23.36
CA ILE B 579 2.77 6.62 -24.56
C ILE B 579 4.25 6.92 -24.36
N GLN B 580 4.56 8.17 -24.03
CA GLN B 580 5.96 8.61 -23.97
C GLN B 580 6.74 7.81 -22.93
N LYS B 581 6.22 7.74 -21.71
CA LYS B 581 6.94 7.07 -20.63
C LYS B 581 7.11 5.58 -20.91
N VAL B 582 6.05 4.91 -21.39
CA VAL B 582 6.14 3.47 -21.64
C VAL B 582 7.15 3.18 -22.74
N ILE B 583 7.11 3.94 -23.83
CA ILE B 583 8.05 3.72 -24.93
C ILE B 583 9.47 3.99 -24.47
N LEU B 584 9.68 5.06 -23.70
CA LEU B 584 11.04 5.39 -23.28
C LEU B 584 11.56 4.42 -22.22
N HIS B 585 10.67 3.74 -21.51
CA HIS B 585 11.11 2.88 -20.40
C HIS B 585 11.27 1.42 -20.82
N ASP B 586 10.19 0.78 -21.29
CA ASP B 586 10.17 -0.68 -21.39
C ASP B 586 10.26 -1.22 -22.81
N VAL B 587 9.61 -0.53 -23.76
CA VAL B 587 9.54 -1.05 -25.12
C VAL B 587 10.92 -1.14 -25.75
N LEU B 588 11.79 -0.17 -25.46
CA LEU B 588 13.13 -0.17 -26.05
C LEU B 588 13.94 -1.38 -25.59
N LYS B 589 13.94 -1.64 -24.27
CA LYS B 589 14.69 -2.77 -23.75
C LYS B 589 14.12 -4.09 -24.25
N PHE B 590 12.79 -4.22 -24.23
CA PHE B 590 12.17 -5.44 -24.73
C PHE B 590 12.54 -5.68 -26.19
N LEU B 591 12.46 -4.63 -27.01
CA LEU B 591 12.81 -4.75 -28.41
C LEU B 591 14.26 -5.18 -28.58
N PHE B 592 15.18 -4.54 -27.84
CA PHE B 592 16.60 -4.85 -27.98
C PHE B 592 16.88 -6.32 -27.67
N VAL B 593 16.36 -6.80 -26.54
CA VAL B 593 16.51 -8.22 -26.22
C VAL B 593 15.88 -9.07 -27.31
N TYR B 594 14.79 -8.57 -27.91
CA TYR B 594 14.12 -9.34 -28.95
C TYR B 594 15.00 -9.50 -30.19
N ILE B 595 15.61 -8.40 -30.67
CA ILE B 595 16.46 -8.58 -31.85
C ILE B 595 17.67 -9.43 -31.50
N VAL B 596 18.19 -9.31 -30.27
CA VAL B 596 19.33 -10.15 -29.89
C VAL B 596 18.96 -11.63 -30.04
N PHE B 597 17.90 -12.06 -29.36
CA PHE B 597 17.50 -13.46 -29.41
C PHE B 597 17.09 -13.87 -30.82
N LEU B 598 16.40 -12.98 -31.54
CA LEU B 598 15.89 -13.30 -32.86
C LEU B 598 17.03 -13.52 -33.86
N LEU B 599 18.01 -12.62 -33.86
CA LEU B 599 19.16 -12.80 -34.75
C LEU B 599 19.96 -14.04 -34.37
N GLY B 600 20.17 -14.26 -33.06
CA GLY B 600 20.88 -15.46 -32.66
C GLY B 600 20.22 -16.73 -33.17
N PHE B 601 18.92 -16.87 -32.93
CA PHE B 601 18.22 -18.06 -33.37
C PHE B 601 18.09 -18.14 -34.89
N GLY B 602 18.02 -16.98 -35.57
CA GLY B 602 17.97 -17.00 -37.01
C GLY B 602 19.23 -17.52 -37.64
N VAL B 603 20.40 -17.06 -37.18
CA VAL B 603 21.64 -17.60 -37.70
C VAL B 603 21.85 -19.04 -37.24
N ALA B 604 21.31 -19.41 -36.09
CA ALA B 604 21.37 -20.80 -35.67
C ALA B 604 20.57 -21.70 -36.60
N LEU B 605 19.38 -21.25 -37.00
CA LEU B 605 18.49 -22.09 -37.80
C LEU B 605 18.92 -22.13 -39.26
N ALA B 606 19.34 -20.99 -39.82
CA ALA B 606 19.64 -20.92 -41.24
C ALA B 606 20.92 -21.65 -41.63
N SER B 607 21.70 -22.11 -40.65
CA SER B 607 22.98 -22.74 -40.95
C SER B 607 22.89 -24.26 -41.02
N LEU B 608 21.86 -24.88 -40.43
CA LEU B 608 21.72 -26.32 -40.43
C LEU B 608 20.70 -26.82 -41.46
N ILE B 609 20.24 -25.94 -42.35
CA ILE B 609 19.27 -26.32 -43.37
C ILE B 609 20.04 -26.65 -44.65
N GLU B 610 19.90 -27.89 -45.12
CA GLU B 610 20.58 -28.33 -46.33
C GLU B 610 19.84 -27.87 -47.57
N SER B 620 13.96 -25.90 -46.20
CA SER B 620 12.98 -25.43 -47.17
C SER B 620 12.73 -23.93 -47.03
N SER B 621 11.81 -23.58 -46.13
CA SER B 621 11.51 -22.17 -45.91
C SER B 621 12.68 -21.43 -45.29
N TYR B 622 13.38 -22.07 -44.36
CA TYR B 622 14.52 -21.46 -43.67
C TYR B 622 15.78 -21.63 -44.52
N GLY B 623 15.75 -20.98 -45.69
CA GLY B 623 16.86 -21.07 -46.61
C GLY B 623 18.01 -20.14 -46.26
N SER B 624 17.75 -18.84 -46.23
CA SER B 624 18.76 -17.83 -45.93
C SER B 624 18.45 -17.19 -44.58
N PHE B 625 19.35 -16.30 -44.17
CA PHE B 625 19.19 -15.62 -42.89
C PHE B 625 17.95 -14.72 -42.88
N SER B 626 17.72 -14.00 -43.98
CA SER B 626 16.55 -13.13 -44.06
C SER B 626 15.26 -13.94 -44.03
N ASP B 627 15.21 -15.04 -44.77
CA ASP B 627 14.02 -15.89 -44.75
C ASP B 627 13.80 -16.49 -43.36
N ALA B 628 14.88 -16.91 -42.70
CA ALA B 628 14.74 -17.50 -41.37
C ALA B 628 14.24 -16.47 -40.36
N VAL B 629 14.78 -15.25 -40.41
CA VAL B 629 14.33 -14.24 -39.45
C VAL B 629 12.90 -13.81 -39.74
N LEU B 630 12.51 -13.77 -41.02
CA LEU B 630 11.12 -13.47 -41.35
C LEU B 630 10.19 -14.54 -40.83
N GLU B 631 10.55 -15.82 -41.00
CA GLU B 631 9.72 -16.90 -40.49
C GLU B 631 9.63 -16.87 -38.98
N LEU B 632 10.74 -16.56 -38.30
CA LEU B 632 10.72 -16.45 -36.85
C LEU B 632 9.80 -15.33 -36.39
N PHE B 633 9.87 -14.17 -37.06
CA PHE B 633 8.99 -13.06 -36.72
C PHE B 633 7.52 -13.42 -36.95
N LYS B 634 7.23 -14.11 -38.06
CA LYS B 634 5.86 -14.53 -38.33
C LYS B 634 5.36 -15.50 -37.27
N LEU B 635 6.21 -16.43 -36.85
CA LEU B 635 5.82 -17.36 -35.79
C LEU B 635 5.59 -16.63 -34.47
N THR B 636 6.40 -15.60 -34.20
CA THR B 636 6.23 -14.86 -32.97
C THR B 636 4.93 -14.07 -32.95
N ILE B 637 4.63 -13.35 -34.03
CA ILE B 637 3.43 -12.51 -34.05
C ILE B 637 2.16 -13.33 -34.16
N GLY B 638 2.24 -14.57 -34.59
CA GLY B 638 1.10 -15.47 -34.59
C GLY B 638 0.50 -15.81 -35.95
N LEU B 639 1.26 -15.70 -37.03
CA LEU B 639 0.79 -16.07 -38.36
C LEU B 639 1.61 -17.25 -38.89
N GLY B 640 1.19 -17.74 -40.05
CA GLY B 640 1.88 -18.85 -40.68
C GLY B 640 1.57 -20.18 -40.02
N ASP B 641 2.38 -21.18 -40.36
CA ASP B 641 2.25 -22.52 -39.82
C ASP B 641 3.60 -23.05 -39.39
N LEU B 642 3.59 -23.85 -38.33
CA LEU B 642 4.81 -24.46 -37.79
C LEU B 642 5.00 -25.80 -38.50
N ASN B 643 5.73 -25.77 -39.62
CA ASN B 643 6.04 -26.97 -40.38
C ASN B 643 7.35 -27.55 -39.88
N ILE B 644 7.30 -28.78 -39.34
CA ILE B 644 8.50 -29.40 -38.79
C ILE B 644 9.41 -29.96 -39.88
N GLN B 645 8.85 -30.30 -41.05
CA GLN B 645 9.64 -30.85 -42.16
C GLN B 645 10.17 -29.70 -42.99
N GLN B 646 11.37 -29.24 -42.64
CA GLN B 646 12.02 -28.12 -43.32
C GLN B 646 13.28 -28.54 -44.04
N ASN B 647 13.36 -29.82 -44.41
CA ASN B 647 14.53 -30.37 -45.11
C ASN B 647 15.82 -30.13 -44.31
N SER B 648 15.73 -30.30 -43.00
CA SER B 648 16.87 -30.09 -42.11
C SER B 648 17.67 -31.36 -41.95
N LYS B 649 18.98 -31.21 -41.71
CA LYS B 649 19.83 -32.36 -41.46
C LYS B 649 19.48 -33.04 -40.15
N TYR B 650 19.10 -32.26 -39.14
CA TYR B 650 18.73 -32.77 -37.82
C TYR B 650 17.32 -32.28 -37.50
N PRO B 651 16.29 -33.03 -37.88
CA PRO B 651 14.92 -32.58 -37.57
C PRO B 651 14.64 -32.43 -36.09
N ILE B 652 15.16 -33.34 -35.26
CA ILE B 652 14.94 -33.26 -33.83
C ILE B 652 15.60 -32.00 -33.26
N LEU B 653 16.83 -31.71 -33.71
CA LEU B 653 17.51 -30.51 -33.24
C LEU B 653 16.80 -29.25 -33.70
N PHE B 654 16.31 -29.23 -34.94
CA PHE B 654 15.56 -28.08 -35.44
C PHE B 654 14.30 -27.86 -34.62
N LEU B 655 13.57 -28.93 -34.33
CA LEU B 655 12.37 -28.81 -33.51
C LEU B 655 12.71 -28.33 -32.11
N PHE B 656 13.80 -28.83 -31.53
CA PHE B 656 14.20 -28.40 -30.19
C PHE B 656 14.53 -26.92 -30.18
N LEU B 657 15.27 -26.44 -31.18
CA LEU B 657 15.60 -25.02 -31.25
C LEU B 657 14.35 -24.17 -31.42
N LEU B 658 13.42 -24.63 -32.27
CA LEU B 658 12.18 -23.87 -32.48
C LEU B 658 11.35 -23.79 -31.20
N ILE B 659 11.24 -24.91 -30.47
CA ILE B 659 10.47 -24.92 -29.23
C ILE B 659 11.15 -24.04 -28.19
N THR B 660 12.49 -24.07 -28.14
CA THR B 660 13.21 -23.22 -27.20
C THR B 660 12.97 -21.74 -27.50
N TYR B 661 13.00 -21.36 -28.79
CA TYR B 661 12.71 -19.99 -29.17
C TYR B 661 11.29 -19.60 -28.79
N VAL B 662 10.33 -20.50 -29.02
CA VAL B 662 8.93 -20.21 -28.71
C VAL B 662 8.78 -19.99 -27.21
N ILE B 663 9.40 -20.85 -26.39
CA ILE B 663 9.32 -20.69 -24.94
C ILE B 663 9.97 -19.38 -24.51
N LEU B 664 11.12 -19.05 -25.09
CA LEU B 664 11.84 -17.85 -24.68
C LEU B 664 11.06 -16.59 -25.02
N THR B 665 10.43 -16.55 -26.20
CA THR B 665 9.78 -15.31 -26.65
C THR B 665 8.31 -15.25 -26.22
N PHE B 666 7.50 -16.20 -26.66
CA PHE B 666 6.05 -16.12 -26.44
C PHE B 666 5.70 -16.26 -24.96
N VAL B 667 6.27 -17.27 -24.29
CA VAL B 667 5.89 -17.54 -22.92
C VAL B 667 6.49 -16.50 -21.98
N LEU B 668 7.77 -16.17 -22.16
CA LEU B 668 8.50 -15.35 -21.21
C LEU B 668 8.49 -13.87 -21.57
N LEU B 669 9.01 -13.52 -22.75
CA LEU B 669 9.32 -12.13 -23.05
C LEU B 669 8.06 -11.27 -23.16
N LEU B 670 7.03 -11.75 -23.86
CA LEU B 670 5.85 -10.93 -24.08
C LEU B 670 5.10 -10.65 -22.79
N ASN B 671 4.85 -11.70 -21.99
CA ASN B 671 4.14 -11.49 -20.74
C ASN B 671 4.99 -10.72 -19.73
N MET B 672 6.32 -10.90 -19.79
CA MET B 672 7.20 -10.07 -18.99
C MET B 672 7.08 -8.61 -19.36
N LEU B 673 7.04 -8.29 -20.65
CA LEU B 673 6.86 -6.92 -21.08
C LEU B 673 5.51 -6.38 -20.61
N ILE B 674 4.48 -7.23 -20.65
CA ILE B 674 3.18 -6.83 -20.13
C ILE B 674 3.30 -6.43 -18.66
N ALA B 675 3.97 -7.26 -17.86
CA ALA B 675 4.10 -6.97 -16.43
C ALA B 675 4.89 -5.70 -16.17
N LEU B 676 6.04 -5.55 -16.84
CA LEU B 676 6.87 -4.37 -16.66
C LEU B 676 6.12 -3.11 -17.06
N MET B 677 5.40 -3.16 -18.18
CA MET B 677 4.66 -1.99 -18.63
C MET B 677 3.50 -1.69 -17.69
N GLY B 678 2.91 -2.72 -17.08
CA GLY B 678 1.90 -2.47 -16.08
C GLY B 678 2.44 -1.73 -14.87
N GLU B 679 3.59 -2.18 -14.37
CA GLU B 679 4.22 -1.49 -13.24
C GLU B 679 4.56 -0.04 -13.61
N THR B 680 5.14 0.17 -14.80
CA THR B 680 5.48 1.52 -15.23
C THR B 680 4.24 2.38 -15.38
N VAL B 681 3.16 1.79 -15.91
CA VAL B 681 1.91 2.52 -16.11
C VAL B 681 1.38 3.01 -14.77
N GLU B 682 1.34 2.11 -13.77
CA GLU B 682 0.89 2.53 -12.45
C GLU B 682 1.78 3.64 -11.89
N ASN B 683 3.09 3.45 -11.99
CA ASN B 683 4.02 4.38 -11.36
C ASN B 683 3.90 5.79 -11.94
N VAL B 684 3.84 5.89 -13.28
CA VAL B 684 3.85 7.22 -13.88
C VAL B 684 2.43 7.71 -14.16
N SER B 685 1.42 6.89 -13.85
CA SER B 685 0.05 7.39 -13.82
C SER B 685 -0.24 8.00 -12.46
N LYS B 686 0.48 7.58 -11.43
CA LYS B 686 0.44 8.29 -10.17
C LYS B 686 0.96 9.72 -10.29
N GLU B 687 1.79 10.00 -11.31
CA GLU B 687 2.44 11.30 -11.45
C GLU B 687 2.31 11.83 -12.88
N SER B 688 1.11 11.84 -13.45
CA SER B 688 0.92 12.31 -14.82
C SER B 688 0.26 13.67 -14.91
N GLU B 689 -0.53 14.07 -13.91
CA GLU B 689 -1.19 15.37 -13.94
C GLU B 689 -0.17 16.50 -13.93
N ARG B 690 0.90 16.35 -13.15
CA ARG B 690 1.94 17.39 -13.12
C ARG B 690 2.61 17.53 -14.48
N ILE B 691 2.88 16.41 -15.15
CA ILE B 691 3.51 16.48 -16.47
C ILE B 691 2.57 17.14 -17.47
N TRP B 692 1.28 16.80 -17.41
CA TRP B 692 0.32 17.43 -18.32
C TRP B 692 0.24 18.93 -18.08
N ARG B 693 0.21 19.34 -16.81
CA ARG B 693 0.17 20.77 -16.50
C ARG B 693 1.43 21.48 -16.99
N LEU B 694 2.59 20.84 -16.85
CA LEU B 694 3.83 21.44 -17.32
C LEU B 694 3.81 21.60 -18.84
N GLN B 695 3.32 20.58 -19.56
CA GLN B 695 3.22 20.69 -21.01
C GLN B 695 2.27 21.80 -21.42
N ARG B 696 1.13 21.91 -20.74
CA ARG B 696 0.18 22.98 -21.05
C ARG B 696 0.79 24.35 -20.79
N ALA B 697 1.52 24.50 -19.68
CA ALA B 697 2.17 25.77 -19.38
C ALA B 697 3.22 26.11 -20.43
N ARG B 698 4.00 25.11 -20.86
CA ARG B 698 4.99 25.35 -21.91
C ARG B 698 4.33 25.80 -23.20
N THR B 699 3.21 25.17 -23.58
CA THR B 699 2.49 25.58 -24.78
C THR B 699 1.97 27.00 -24.66
N ILE B 700 1.41 27.34 -23.48
CA ILE B 700 0.88 28.68 -23.27
C ILE B 700 1.99 29.71 -23.38
N LEU B 701 3.15 29.44 -22.77
CA LEU B 701 4.25 30.39 -22.84
C LEU B 701 4.81 30.52 -24.25
N GLU B 702 4.86 29.41 -24.99
CA GLU B 702 5.32 29.49 -26.38
C GLU B 702 4.38 30.34 -27.22
N PHE B 703 3.06 30.15 -27.06
CA PHE B 703 2.10 30.95 -27.81
C PHE B 703 2.18 32.42 -27.40
N GLU B 704 2.42 32.68 -26.11
CA GLU B 704 2.56 34.05 -25.63
C GLU B 704 3.78 34.72 -26.25
N LYS B 705 4.89 33.99 -26.35
CA LYS B 705 6.09 34.54 -26.96
C LYS B 705 5.92 34.74 -28.46
N MET B 706 5.09 33.90 -29.10
CA MET B 706 4.89 34.00 -30.54
C MET B 706 4.12 35.26 -30.92
N LEU B 707 3.43 35.88 -29.96
CA LEU B 707 2.59 37.03 -30.26
C LEU B 707 3.44 38.21 -30.73
N PRO B 708 2.89 39.08 -31.56
CA PRO B 708 3.63 40.26 -32.02
C PRO B 708 3.68 41.33 -30.94
N GLU B 709 4.33 42.45 -31.28
CA GLU B 709 4.60 43.49 -30.29
C GLU B 709 3.32 44.16 -29.81
N TRP B 710 2.45 44.57 -30.74
CA TRP B 710 1.28 45.34 -30.35
C TRP B 710 0.24 44.47 -29.64
N LEU B 711 0.19 43.18 -29.98
CA LEU B 711 -0.77 42.30 -29.31
C LEU B 711 -0.37 42.02 -27.88
N ARG B 712 0.94 41.96 -27.60
CA ARG B 712 1.40 41.74 -26.23
C ARG B 712 1.00 42.89 -25.33
N SER B 713 1.12 44.13 -25.82
CA SER B 713 0.74 45.28 -25.01
C SER B 713 -0.76 45.30 -24.73
N ARG B 714 -1.57 44.95 -25.73
CA ARG B 714 -3.02 44.90 -25.52
C ARG B 714 -3.41 43.83 -24.52
N PHE B 715 -2.80 42.66 -24.60
CA PHE B 715 -3.10 41.56 -23.69
C PHE B 715 -2.42 41.71 -22.33
N ARG B 716 -1.54 42.69 -22.17
CA ARG B 716 -0.92 42.94 -20.89
C ARG B 716 -1.96 43.40 -19.88
N MET B 717 -2.29 42.54 -18.93
CA MET B 717 -3.34 42.80 -17.95
C MET B 717 -2.71 43.05 -16.59
N GLY B 718 -3.14 44.13 -15.93
CA GLY B 718 -2.64 44.48 -14.62
C GLY B 718 -2.99 45.91 -14.25
N GLU B 719 -3.41 46.13 -13.02
CA GLU B 719 -3.80 47.44 -12.55
C GLU B 719 -2.65 48.10 -11.82
N LEU B 720 -2.33 49.34 -12.20
CA LEU B 720 -1.24 50.06 -11.57
C LEU B 720 -1.65 50.51 -10.16
N CYS B 721 -0.68 50.54 -9.27
CA CYS B 721 -0.92 50.96 -7.89
C CYS B 721 0.14 51.95 -7.43
N ARG B 729 5.04 49.66 -10.19
CA ARG B 729 4.39 48.44 -9.75
C ARG B 729 3.20 48.10 -10.63
N LEU B 730 2.97 46.80 -10.84
CA LEU B 730 1.85 46.30 -11.65
C LEU B 730 1.13 45.25 -10.82
N CYS B 731 0.20 45.69 -9.99
CA CYS B 731 -0.54 44.79 -9.11
C CYS B 731 -1.62 44.04 -9.88
N LEU B 732 -1.92 42.83 -9.42
CA LEU B 732 -2.97 42.00 -9.99
C LEU B 732 -3.94 41.61 -8.88
N ARG B 733 -5.23 41.81 -9.12
CA ARG B 733 -6.25 41.55 -8.12
C ARG B 733 -6.73 40.11 -8.25
N ILE B 734 -6.64 39.34 -7.17
CA ILE B 734 -7.03 37.94 -7.15
C ILE B 734 -8.01 37.74 -6.01
N ASN B 735 -9.15 37.13 -6.31
CA ASN B 735 -10.17 36.79 -5.31
C ASN B 735 -10.08 35.30 -5.03
N GLU B 736 -9.81 34.95 -3.77
CA GLU B 736 -9.61 33.56 -3.38
C GLU B 736 -10.56 33.18 -2.26
N VAL B 737 -11.11 31.98 -2.37
CA VAL B 737 -11.97 31.40 -1.35
C VAL B 737 -11.35 30.09 -0.88
N LYS B 738 -11.14 29.98 0.44
CA LYS B 738 -10.56 28.78 1.05
C LYS B 738 -11.52 28.33 2.15
N TRP B 739 -12.53 27.55 1.77
CA TRP B 739 -13.54 27.13 2.73
C TRP B 739 -12.95 26.21 3.80
N THR B 740 -12.08 25.28 3.40
CA THR B 740 -11.47 24.38 4.36
C THR B 740 -10.60 25.15 5.35
N GLU B 741 -9.78 26.08 4.85
CA GLU B 741 -8.93 26.86 5.73
C GLU B 741 -9.76 27.73 6.67
N TRP B 742 -10.83 28.35 6.15
CA TRP B 742 -11.69 29.18 6.99
C TRP B 742 -12.37 28.36 8.07
N LYS B 743 -12.85 27.15 7.72
CA LYS B 743 -13.48 26.29 8.69
C LYS B 743 -12.49 25.84 9.77
N THR B 744 -11.27 25.49 9.35
CA THR B 744 -10.26 25.06 10.33
C THR B 744 -9.88 26.21 11.26
N HIS B 745 -9.81 27.43 10.72
CA HIS B 745 -9.46 28.58 11.55
C HIS B 745 -10.60 28.94 12.50
N VAL B 746 -11.85 28.77 12.06
CA VAL B 746 -12.98 29.18 12.87
C VAL B 746 -13.41 28.10 13.86
N SER B 747 -13.00 26.85 13.66
CA SER B 747 -13.36 25.79 14.59
C SER B 747 -12.57 25.83 15.89
N PHE B 748 -11.52 26.65 15.96
CA PHE B 748 -10.72 26.75 17.17
C PHE B 748 -11.49 27.46 18.28
N ARG C 117 -15.17 68.69 1.29
CA ARG C 117 -14.97 67.25 1.22
C ARG C 117 -13.75 66.82 2.04
N ARG C 118 -12.98 67.80 2.49
CA ARG C 118 -11.79 67.50 3.28
C ARG C 118 -12.16 67.00 4.67
N LEU C 119 -13.28 67.50 5.22
CA LEU C 119 -13.69 67.08 6.56
C LEU C 119 -14.05 65.61 6.59
N LYS C 120 -14.77 65.13 5.58
CA LYS C 120 -15.13 63.72 5.54
C LYS C 120 -13.90 62.84 5.39
N LYS C 121 -12.94 63.27 4.56
CA LYS C 121 -11.71 62.50 4.40
C LYS C 121 -10.92 62.47 5.71
N ARG C 122 -10.86 63.58 6.43
CA ARG C 122 -10.17 63.60 7.71
C ARG C 122 -10.86 62.70 8.72
N ILE C 123 -12.20 62.72 8.75
CA ILE C 123 -12.94 61.85 9.66
C ILE C 123 -12.65 60.39 9.35
N PHE C 124 -12.67 60.02 8.07
CA PHE C 124 -12.43 58.63 7.68
C PHE C 124 -11.01 58.21 8.01
N ALA C 125 -10.03 59.10 7.77
CA ALA C 125 -8.64 58.77 8.09
C ALA C 125 -8.46 58.59 9.59
N ALA C 126 -9.06 59.47 10.40
CA ALA C 126 -8.95 59.33 11.84
C ALA C 126 -9.60 58.05 12.34
N VAL C 127 -10.77 57.71 11.77
CA VAL C 127 -11.45 56.48 12.17
C VAL C 127 -10.61 55.26 11.81
N SER C 128 -10.00 55.27 10.63
CA SER C 128 -9.18 54.14 10.20
C SER C 128 -7.92 54.03 11.06
N GLU C 129 -7.30 55.16 11.40
CA GLU C 129 -6.06 55.12 12.17
C GLU C 129 -6.31 54.72 13.62
N GLY C 130 -7.33 55.30 14.25
CA GLY C 130 -7.63 55.00 15.64
C GLY C 130 -7.05 55.97 16.64
N CYS C 131 -6.55 57.12 16.20
CA CYS C 131 -5.98 58.10 17.11
C CYS C 131 -7.10 58.77 17.89
N VAL C 132 -7.10 58.57 19.21
CA VAL C 132 -8.19 59.10 20.05
C VAL C 132 -8.17 60.62 20.06
N GLU C 133 -6.99 61.22 20.24
CA GLU C 133 -6.89 62.67 20.30
C GLU C 133 -7.26 63.31 18.95
N GLU C 134 -6.75 62.74 17.85
CA GLU C 134 -7.07 63.26 16.54
C GLU C 134 -8.56 63.13 16.23
N LEU C 135 -9.16 62.00 16.60
CA LEU C 135 -10.60 61.81 16.39
C LEU C 135 -11.41 62.80 17.22
N VAL C 136 -10.98 63.05 18.46
CA VAL C 136 -11.69 64.01 19.31
C VAL C 136 -11.59 65.42 18.73
N GLU C 137 -10.40 65.80 18.25
CA GLU C 137 -10.24 67.12 17.64
C GLU C 137 -11.08 67.25 16.38
N LEU C 138 -11.12 66.20 15.55
CA LEU C 138 -11.92 66.25 14.33
C LEU C 138 -13.41 66.32 14.66
N LEU C 139 -13.85 65.60 15.69
CA LEU C 139 -15.24 65.67 16.11
C LEU C 139 -15.59 67.05 16.64
N VAL C 140 -14.66 67.68 17.38
CA VAL C 140 -14.89 69.04 17.86
C VAL C 140 -15.01 70.00 16.70
N GLU C 141 -14.14 69.84 15.69
CA GLU C 141 -14.22 70.70 14.50
C GLU C 141 -15.54 70.49 13.76
N LEU C 142 -15.98 69.23 13.65
CA LEU C 142 -17.25 68.96 12.98
C LEU C 142 -18.42 69.57 13.73
N GLN C 143 -18.40 69.48 15.07
CA GLN C 143 -19.46 70.08 15.87
C GLN C 143 -19.46 71.60 15.74
N GLU C 144 -18.28 72.21 15.70
CA GLU C 144 -18.19 73.65 15.51
C GLU C 144 -18.72 74.06 14.14
N LEU C 145 -18.40 73.28 13.10
CA LEU C 145 -18.90 73.57 11.77
C LEU C 145 -20.41 73.42 11.70
N CYS C 146 -20.96 72.39 12.35
CA CYS C 146 -22.40 72.20 12.36
C CYS C 146 -23.11 73.32 13.11
N ARG C 147 -22.54 73.75 14.23
CA ARG C 147 -23.13 74.84 15.02
C ARG C 147 -22.82 76.20 14.39
N LEU C 158 -25.44 66.06 9.24
CA LEU C 158 -24.23 65.31 9.58
C LEU C 158 -24.18 64.00 8.81
N MET C 159 -25.34 63.55 8.33
CA MET C 159 -25.40 62.30 7.58
C MET C 159 -24.61 62.38 6.28
N HIS C 160 -24.69 63.52 5.59
CA HIS C 160 -23.95 63.69 4.35
C HIS C 160 -22.45 63.64 4.57
N LYS C 161 -21.98 64.26 5.66
CA LYS C 161 -20.55 64.25 5.97
C LYS C 161 -20.09 62.90 6.50
N LEU C 162 -20.98 62.14 7.14
CA LEU C 162 -20.61 60.86 7.73
C LEU C 162 -20.71 59.70 6.75
N THR C 163 -21.53 59.81 5.72
CA THR C 163 -21.74 58.73 4.76
C THR C 163 -20.89 58.96 3.53
N ALA C 164 -20.23 57.90 3.06
CA ALA C 164 -19.40 57.94 1.85
C ALA C 164 -20.16 57.30 0.70
N SER C 165 -20.15 57.96 -0.45
CA SER C 165 -20.88 57.47 -1.62
C SER C 165 -20.15 56.37 -2.36
N ASP C 166 -18.91 56.04 -1.95
CA ASP C 166 -18.16 54.98 -2.64
C ASP C 166 -18.84 53.64 -2.49
N THR C 167 -19.32 53.33 -1.28
CA THR C 167 -20.01 52.06 -1.05
C THR C 167 -21.23 52.23 -0.13
N GLY C 168 -21.63 53.46 0.16
CA GLY C 168 -22.75 53.68 1.06
C GLY C 168 -22.47 53.24 2.47
N ALA C 169 -21.23 53.37 2.92
CA ALA C 169 -20.82 52.95 4.25
C ALA C 169 -20.97 54.12 5.24
N THR C 170 -20.44 53.94 6.44
CA THR C 170 -20.50 54.96 7.48
C THR C 170 -19.21 54.93 8.28
N CYS C 171 -19.07 55.89 9.20
CA CYS C 171 -17.89 55.94 10.05
C CYS C 171 -17.80 54.72 10.94
N LEU C 172 -18.94 54.26 11.47
CA LEU C 172 -18.93 53.06 12.31
C LEU C 172 -18.52 51.84 11.51
N MET C 173 -19.03 51.71 10.28
CA MET C 173 -18.64 50.59 9.43
C MET C 173 -17.16 50.63 9.09
N LYS C 174 -16.63 51.83 8.82
CA LYS C 174 -15.21 51.96 8.53
C LYS C 174 -14.37 51.60 9.75
N ALA C 175 -14.80 52.01 10.94
CA ALA C 175 -14.06 51.69 12.15
C ALA C 175 -14.08 50.19 12.44
N LEU C 176 -15.23 49.55 12.24
CA LEU C 176 -15.34 48.12 12.50
C LEU C 176 -14.60 47.29 11.45
N LEU C 177 -14.55 47.75 10.20
CA LEU C 177 -13.82 47.02 9.17
C LEU C 177 -12.31 47.08 9.41
N ASN C 178 -11.83 48.18 9.98
CA ASN C 178 -10.41 48.38 10.27
C ASN C 178 -10.15 48.45 11.77
N ILE C 179 -10.71 47.50 12.53
CA ILE C 179 -10.57 47.52 13.97
C ILE C 179 -9.10 47.43 14.37
N ASN C 180 -8.74 48.15 15.42
CA ASN C 180 -7.37 48.20 15.93
C ASN C 180 -7.38 47.99 17.43
N PRO C 181 -6.21 48.03 18.09
CA PRO C 181 -6.19 47.82 19.54
C PRO C 181 -6.96 48.87 20.32
N ASN C 182 -7.22 50.04 19.73
CA ASN C 182 -8.00 51.10 20.37
C ASN C 182 -9.30 51.35 19.61
N THR C 183 -9.86 50.31 18.98
CA THR C 183 -11.08 50.49 18.22
C THR C 183 -12.29 50.69 19.12
N LYS C 184 -12.26 50.12 20.33
CA LYS C 184 -13.38 50.28 21.25
C LYS C 184 -13.57 51.74 21.65
N GLU C 185 -12.46 52.44 21.90
CA GLU C 185 -12.55 53.85 22.26
C GLU C 185 -13.10 54.69 21.11
N ILE C 186 -12.66 54.39 19.89
CA ILE C 186 -13.16 55.13 18.72
C ILE C 186 -14.65 54.86 18.53
N VAL C 187 -15.08 53.60 18.70
CA VAL C 187 -16.49 53.26 18.55
C VAL C 187 -17.31 53.98 19.61
N ARG C 188 -16.82 54.01 20.86
CA ARG C 188 -17.52 54.71 21.92
C ARG C 188 -17.63 56.20 21.65
N ILE C 189 -16.55 56.80 21.15
CA ILE C 189 -16.57 58.23 20.83
C ILE C 189 -17.56 58.51 19.71
N LEU C 190 -17.58 57.67 18.67
CA LEU C 190 -18.53 57.86 17.59
C LEU C 190 -19.97 57.71 18.08
N LEU C 191 -20.22 56.72 18.94
CA LEU C 191 -21.57 56.55 19.48
C LEU C 191 -21.98 57.73 20.33
N ALA C 192 -21.05 58.27 21.14
CA ALA C 192 -21.37 59.44 21.95
C ALA C 192 -21.66 60.65 21.08
N PHE C 193 -20.88 60.84 20.02
CA PHE C 193 -21.13 61.95 19.10
C PHE C 193 -22.49 61.81 18.41
N ALA C 194 -22.83 60.59 18.00
CA ALA C 194 -24.13 60.36 17.37
C ALA C 194 -25.27 60.61 18.35
N GLU C 195 -25.10 60.21 19.61
CA GLU C 195 -26.12 60.47 20.62
C GLU C 195 -26.27 61.96 20.89
N GLU C 196 -25.15 62.68 20.94
CA GLU C 196 -25.20 64.13 21.14
C GLU C 196 -25.89 64.81 19.99
N ASN C 197 -25.62 64.35 18.76
CA ASN C 197 -26.28 64.90 17.58
C ASN C 197 -27.68 64.35 17.37
N ASP C 198 -28.11 63.39 18.20
CA ASP C 198 -29.44 62.78 18.11
C ASP C 198 -29.68 62.16 16.74
N ILE C 199 -28.66 61.48 16.22
CA ILE C 199 -28.73 60.82 14.92
C ILE C 199 -28.29 59.36 15.00
N LEU C 200 -28.07 58.84 16.21
CA LEU C 200 -27.62 57.47 16.36
C LEU C 200 -28.62 56.49 15.75
N GLY C 201 -29.90 56.66 16.08
CA GLY C 201 -30.93 55.84 15.47
C GLY C 201 -30.99 55.98 13.96
N ARG C 202 -30.56 57.14 13.45
CA ARG C 202 -30.49 57.32 12.00
C ARG C 202 -29.34 56.51 11.41
N PHE C 203 -28.26 56.36 12.17
CA PHE C 203 -27.09 55.64 11.69
C PHE C 203 -27.13 54.15 12.00
N ILE C 204 -28.00 53.72 12.92
CA ILE C 204 -28.10 52.30 13.25
C ILE C 204 -28.69 51.53 12.08
N ASN C 205 -29.64 52.12 11.37
CA ASN C 205 -30.28 51.49 10.23
C ASN C 205 -29.55 51.74 8.91
N ALA C 206 -28.40 52.39 8.94
CA ALA C 206 -27.65 52.65 7.71
C ALA C 206 -27.17 51.34 7.10
N GLU C 207 -27.25 51.25 5.77
CA GLU C 207 -26.87 50.05 5.05
C GLU C 207 -26.14 50.44 3.77
N TYR C 208 -25.47 49.46 3.18
CA TYR C 208 -24.74 49.66 1.94
C TYR C 208 -25.72 49.95 0.81
N THR C 209 -25.43 51.00 0.03
CA THR C 209 -26.26 51.32 -1.13
C THR C 209 -25.75 50.67 -2.40
N GLU C 210 -24.59 50.01 -2.37
CA GLU C 210 -24.05 49.35 -3.54
C GLU C 210 -24.85 48.09 -3.86
N GLU C 211 -24.73 47.65 -5.12
CA GLU C 211 -25.43 46.47 -5.59
C GLU C 211 -24.68 45.17 -5.34
N ALA C 212 -23.51 45.24 -4.69
CA ALA C 212 -22.70 44.06 -4.43
C ALA C 212 -22.92 43.49 -3.03
N TYR C 213 -22.91 44.34 -2.01
CA TYR C 213 -23.05 43.92 -0.62
C TYR C 213 -24.14 44.72 0.07
N GLU C 214 -25.29 44.86 -0.58
CA GLU C 214 -26.40 45.60 -0.02
C GLU C 214 -26.96 44.89 1.21
N GLY C 215 -27.28 45.65 2.24
CA GLY C 215 -27.84 45.13 3.46
C GLY C 215 -26.87 45.02 4.62
N GLN C 216 -25.58 45.29 4.40
CA GLN C 216 -24.61 45.25 5.48
C GLN C 216 -24.89 46.32 6.51
N THR C 217 -24.58 46.02 7.76
CA THR C 217 -24.78 46.93 8.87
C THR C 217 -23.60 46.84 9.83
N ALA C 218 -23.54 47.80 10.76
CA ALA C 218 -22.47 47.81 11.75
C ALA C 218 -22.53 46.56 12.63
N LEU C 219 -23.73 46.14 13.01
CA LEU C 219 -23.88 44.92 13.79
C LEU C 219 -23.40 43.71 13.00
N ASN C 220 -23.73 43.65 11.70
CA ASN C 220 -23.28 42.55 10.87
C ASN C 220 -21.75 42.50 10.80
N ILE C 221 -21.12 43.65 10.59
CA ILE C 221 -19.66 43.70 10.51
C ILE C 221 -19.03 43.31 11.85
N ALA C 222 -19.60 43.79 12.95
CA ALA C 222 -19.06 43.46 14.27
C ALA C 222 -19.18 41.97 14.56
N ILE C 223 -20.30 41.35 14.16
CA ILE C 223 -20.48 39.92 14.37
C ILE C 223 -19.51 39.14 13.50
N GLU C 224 -19.30 39.58 12.26
CA GLU C 224 -18.35 38.90 11.39
C GLU C 224 -16.92 38.98 11.94
N ARG C 225 -16.55 40.15 12.46
CA ARG C 225 -15.18 40.34 12.95
C ARG C 225 -14.95 39.72 14.33
N ARG C 226 -15.90 38.94 14.84
CA ARG C 226 -15.79 38.23 16.10
C ARG C 226 -15.59 39.16 17.30
N GLN C 227 -15.95 40.44 17.18
CA GLN C 227 -15.76 41.39 18.28
C GLN C 227 -17.03 41.39 19.14
N GLY C 228 -17.03 40.50 20.13
CA GLY C 228 -18.23 40.29 20.92
C GLY C 228 -18.63 41.48 21.76
N ASP C 229 -17.65 42.18 22.34
CA ASP C 229 -17.97 43.32 23.19
C ASP C 229 -18.65 44.43 22.40
N ILE C 230 -18.08 44.78 21.24
CA ILE C 230 -18.68 45.82 20.40
C ILE C 230 -20.02 45.34 19.85
N ALA C 231 -20.13 44.05 19.53
CA ALA C 231 -21.41 43.53 19.04
C ALA C 231 -22.50 43.67 20.09
N ALA C 232 -22.19 43.31 21.34
CA ALA C 232 -23.17 43.45 22.42
C ALA C 232 -23.49 44.92 22.68
N LEU C 233 -22.49 45.79 22.59
CA LEU C 233 -22.74 47.22 22.77
C LEU C 233 -23.69 47.74 21.70
N LEU C 234 -23.49 47.34 20.44
CA LEU C 234 -24.38 47.77 19.36
C LEU C 234 -25.79 47.22 19.55
N ILE C 235 -25.91 45.96 19.98
CA ILE C 235 -27.23 45.39 20.21
C ILE C 235 -27.95 46.16 21.32
N ALA C 236 -27.22 46.49 22.40
CA ALA C 236 -27.82 47.26 23.48
C ALA C 236 -28.13 48.70 23.06
N ALA C 237 -27.44 49.23 22.05
CA ALA C 237 -27.68 50.58 21.58
C ALA C 237 -28.85 50.68 20.61
N GLY C 238 -29.44 49.55 20.22
CA GLY C 238 -30.57 49.59 19.32
C GLY C 238 -30.26 49.23 17.88
N ALA C 239 -29.24 48.41 17.64
CA ALA C 239 -28.92 47.98 16.28
C ALA C 239 -30.00 47.05 15.76
N ASP C 240 -30.23 47.11 14.44
CA ASP C 240 -31.23 46.26 13.82
C ASP C 240 -30.79 44.80 13.88
N VAL C 241 -31.61 43.97 14.51
CA VAL C 241 -31.32 42.54 14.66
C VAL C 241 -31.90 41.75 13.50
N ASN C 242 -33.10 42.09 13.05
CA ASN C 242 -33.76 41.41 11.95
C ASN C 242 -33.37 41.97 10.59
N ALA C 243 -32.26 42.71 10.50
CA ALA C 243 -31.84 43.29 9.24
C ALA C 243 -31.43 42.19 8.26
N HIS C 244 -31.92 42.30 7.03
CA HIS C 244 -31.65 41.31 5.99
C HIS C 244 -30.60 41.88 5.04
N ALA C 245 -29.52 41.14 4.85
CA ALA C 245 -28.44 41.54 3.95
C ALA C 245 -28.59 40.74 2.66
N LYS C 246 -29.32 41.31 1.70
CA LYS C 246 -29.65 40.64 0.45
C LYS C 246 -28.75 41.07 -0.69
N GLY C 247 -27.46 41.31 -0.41
CA GLY C 247 -26.54 41.66 -1.46
C GLY C 247 -26.30 40.52 -2.42
N ALA C 248 -26.00 40.86 -3.67
CA ALA C 248 -25.80 39.85 -4.70
C ALA C 248 -24.62 38.95 -4.39
N PHE C 249 -23.55 39.52 -3.83
CA PHE C 249 -22.39 38.71 -3.47
C PHE C 249 -22.71 37.78 -2.31
N PHE C 250 -23.72 38.11 -1.50
CA PHE C 250 -24.03 37.28 -0.34
C PHE C 250 -24.74 36.00 -0.74
N ASN C 251 -25.59 36.05 -1.75
CA ASN C 251 -26.27 34.84 -2.22
C ASN C 251 -25.82 34.53 -3.64
N PRO C 252 -24.54 34.27 -3.85
CA PRO C 252 -24.06 33.97 -5.21
C PRO C 252 -24.60 32.66 -5.72
N LYS C 253 -24.66 32.55 -7.05
CA LYS C 253 -25.16 31.33 -7.68
C LYS C 253 -24.26 30.14 -7.35
N TYR C 254 -22.95 30.35 -7.32
CA TYR C 254 -21.98 29.32 -6.99
C TYR C 254 -21.49 29.51 -5.56
N GLN C 255 -21.20 28.40 -4.89
CA GLN C 255 -20.72 28.45 -3.51
C GLN C 255 -19.34 29.06 -3.43
N HIS C 256 -18.53 28.94 -4.49
CA HIS C 256 -17.20 29.51 -4.51
C HIS C 256 -17.17 30.96 -4.98
N GLU C 257 -18.28 31.48 -5.48
CA GLU C 257 -18.36 32.85 -5.95
C GLU C 257 -18.72 33.85 -4.85
N GLY C 258 -19.00 33.38 -3.64
CA GLY C 258 -19.35 34.27 -2.56
C GLY C 258 -19.54 33.49 -1.27
N PHE C 259 -19.79 34.24 -0.21
CA PHE C 259 -20.01 33.69 1.12
C PHE C 259 -21.48 33.82 1.47
N TYR C 260 -22.14 32.68 1.70
CA TYR C 260 -23.55 32.64 2.08
C TYR C 260 -23.66 32.16 3.52
N PHE C 261 -24.30 32.97 4.36
CA PHE C 261 -24.50 32.64 5.76
C PHE C 261 -25.96 32.62 6.20
N GLY C 262 -26.85 33.31 5.50
CA GLY C 262 -28.25 33.31 5.85
C GLY C 262 -28.91 34.68 5.78
N GLU C 263 -28.12 35.70 5.43
CA GLU C 263 -28.62 37.07 5.30
C GLU C 263 -29.30 37.54 6.58
N THR C 264 -28.67 37.25 7.73
CA THR C 264 -29.23 37.59 9.03
C THR C 264 -28.09 37.58 10.04
N PRO C 265 -28.04 38.54 10.97
CA PRO C 265 -27.00 38.47 12.02
C PRO C 265 -27.03 37.18 12.81
N LEU C 266 -28.23 36.66 13.12
CA LEU C 266 -28.33 35.40 13.84
C LEU C 266 -27.73 34.26 13.02
N ALA C 267 -28.04 34.22 11.72
CA ALA C 267 -27.49 33.17 10.86
C ALA C 267 -25.98 33.30 10.73
N LEU C 268 -25.46 34.53 10.65
CA LEU C 268 -24.02 34.71 10.58
C LEU C 268 -23.33 34.26 11.86
N ALA C 269 -23.92 34.59 13.01
CA ALA C 269 -23.36 34.14 14.28
C ALA C 269 -23.41 32.62 14.38
N ALA C 270 -24.46 32.01 13.84
CA ALA C 270 -24.55 30.55 13.86
C ALA C 270 -23.50 29.91 12.96
N CYS C 271 -23.29 30.48 11.77
CA CYS C 271 -22.35 29.89 10.82
C CYS C 271 -20.90 30.19 11.17
N THR C 272 -20.64 31.24 11.94
CA THR C 272 -19.28 31.65 12.27
C THR C 272 -18.83 31.13 13.63
N ASN C 273 -19.63 30.27 14.27
CA ASN C 273 -19.25 29.61 15.52
C ASN C 273 -18.97 30.64 16.63
N GLN C 274 -20.03 31.35 17.02
CA GLN C 274 -20.00 32.30 18.13
C GLN C 274 -21.11 31.94 19.10
N PRO C 275 -20.88 30.94 19.98
CA PRO C 275 -21.95 30.54 20.92
C PRO C 275 -22.43 31.68 21.80
N GLU C 276 -21.53 32.50 22.32
CA GLU C 276 -21.94 33.58 23.21
C GLU C 276 -22.82 34.60 22.47
N ILE C 277 -22.42 34.96 21.25
CA ILE C 277 -23.18 35.95 20.49
C ILE C 277 -24.53 35.40 20.06
N VAL C 278 -24.57 34.13 19.63
CA VAL C 278 -25.84 33.56 19.22
C VAL C 278 -26.77 33.40 20.42
N GLN C 279 -26.22 33.08 21.59
CA GLN C 279 -27.05 33.00 22.79
C GLN C 279 -27.58 34.37 23.19
N LEU C 280 -26.74 35.41 23.09
CA LEU C 280 -27.19 36.76 23.40
C LEU C 280 -28.28 37.21 22.44
N LEU C 281 -28.16 36.85 21.16
CA LEU C 281 -29.20 37.19 20.20
C LEU C 281 -30.49 36.43 20.48
N MET C 282 -30.37 35.15 20.83
CA MET C 282 -31.56 34.35 21.11
C MET C 282 -32.28 34.85 22.36
N GLU C 283 -31.53 35.26 23.38
CA GLU C 283 -32.15 35.77 24.60
C GLU C 283 -32.83 37.13 24.40
N HIS C 284 -32.53 37.81 23.30
CA HIS C 284 -33.14 39.10 23.03
C HIS C 284 -34.63 38.92 22.71
N GLU C 285 -35.41 39.95 22.99
CA GLU C 285 -36.86 39.90 22.78
C GLU C 285 -37.28 40.40 21.41
N GLN C 286 -36.55 41.37 20.85
CA GLN C 286 -36.93 41.94 19.57
C GLN C 286 -36.59 41.04 18.39
N THR C 287 -35.82 39.98 18.60
CA THR C 287 -35.44 39.09 17.51
C THR C 287 -36.56 38.10 17.21
N ASP C 288 -36.39 37.38 16.10
CA ASP C 288 -37.29 36.31 15.70
C ASP C 288 -36.49 35.13 15.20
N ILE C 289 -37.12 33.95 15.22
CA ILE C 289 -36.48 32.71 14.82
C ILE C 289 -37.04 32.19 13.49
N THR C 290 -38.33 32.39 13.24
CA THR C 290 -38.97 31.91 12.03
C THR C 290 -38.73 32.81 10.82
N SER C 291 -37.78 33.74 10.91
CA SER C 291 -37.51 34.62 9.79
C SER C 291 -36.91 33.85 8.61
N ARG C 292 -37.40 34.15 7.41
CA ARG C 292 -36.94 33.53 6.18
C ARG C 292 -36.27 34.58 5.31
N ASP C 293 -35.07 34.29 4.84
CA ASP C 293 -34.29 35.23 4.05
C ASP C 293 -34.77 35.22 2.60
N SER C 294 -33.99 35.84 1.71
CA SER C 294 -34.36 35.90 0.30
C SER C 294 -34.42 34.51 -0.32
N ARG C 295 -33.48 33.64 0.04
CA ARG C 295 -33.50 32.26 -0.42
C ARG C 295 -34.61 31.44 0.23
N GLY C 296 -35.29 32.00 1.23
CA GLY C 296 -36.28 31.26 1.98
C GLY C 296 -35.72 30.40 3.10
N ASN C 297 -34.40 30.35 3.24
CA ASN C 297 -33.77 29.51 4.24
C ASN C 297 -33.78 30.18 5.61
N ASN C 298 -34.05 29.39 6.64
CA ASN C 298 -33.97 29.83 8.02
C ASN C 298 -32.60 29.45 8.60
N ILE C 299 -32.47 29.58 9.93
CA ILE C 299 -31.19 29.31 10.57
C ILE C 299 -30.79 27.85 10.38
N LEU C 300 -31.76 26.93 10.49
CA LEU C 300 -31.43 25.51 10.33
C LEU C 300 -31.01 25.18 8.90
N HIS C 301 -31.71 25.76 7.91
CA HIS C 301 -31.30 25.55 6.53
C HIS C 301 -29.92 26.11 6.27
N ALA C 302 -29.63 27.30 6.81
CA ALA C 302 -28.31 27.90 6.63
C ALA C 302 -27.22 27.04 7.25
N LEU C 303 -27.48 26.52 8.46
CA LEU C 303 -26.51 25.65 9.12
C LEU C 303 -26.30 24.37 8.32
N VAL C 304 -27.38 23.82 7.76
CA VAL C 304 -27.26 22.62 6.92
C VAL C 304 -26.40 22.92 5.70
N THR C 305 -26.62 24.06 5.06
CA THR C 305 -25.84 24.42 3.87
C THR C 305 -24.37 24.63 4.22
N VAL C 306 -24.10 25.25 5.37
CA VAL C 306 -22.72 25.56 5.74
C VAL C 306 -21.99 24.31 6.22
N ALA C 307 -22.71 23.34 6.77
CA ALA C 307 -22.09 22.15 7.34
C ALA C 307 -21.25 21.41 6.28
N GLU C 308 -20.25 20.68 6.76
CA GLU C 308 -19.30 19.98 5.91
C GLU C 308 -19.69 18.50 5.84
N ASP C 309 -19.68 17.95 4.62
CA ASP C 309 -20.02 16.54 4.44
C ASP C 309 -18.99 15.63 5.10
N PHE C 310 -17.71 15.97 4.98
CA PHE C 310 -16.66 15.15 5.57
C PHE C 310 -16.72 15.21 7.08
N LYS C 311 -16.47 14.06 7.72
CA LYS C 311 -16.50 13.95 9.18
C LYS C 311 -15.19 14.50 9.73
N THR C 312 -15.18 15.81 10.01
CA THR C 312 -14.01 16.45 10.56
C THR C 312 -13.84 16.10 12.03
N GLN C 313 -12.64 16.37 12.55
CA GLN C 313 -12.36 16.09 13.95
C GLN C 313 -13.21 16.96 14.88
N ASN C 314 -13.38 18.24 14.54
CA ASN C 314 -14.17 19.18 15.31
C ASN C 314 -15.39 19.59 14.49
N ASP C 315 -16.57 19.15 14.92
CA ASP C 315 -17.82 19.46 14.24
C ASP C 315 -18.66 20.34 15.16
N PHE C 316 -18.65 21.64 14.92
CA PHE C 316 -19.42 22.59 15.72
C PHE C 316 -20.82 22.80 15.19
N VAL C 317 -21.04 22.57 13.89
CA VAL C 317 -22.33 22.85 13.28
C VAL C 317 -23.41 21.96 13.87
N LYS C 318 -23.09 20.67 14.08
CA LYS C 318 -24.09 19.76 14.65
C LYS C 318 -24.44 20.14 16.08
N ARG C 319 -23.43 20.44 16.90
CA ARG C 319 -23.69 20.81 18.28
C ARG C 319 -24.51 22.08 18.38
N MET C 320 -24.19 23.08 17.55
CA MET C 320 -24.93 24.34 17.65
C MET C 320 -26.31 24.23 17.01
N TYR C 321 -26.48 23.36 16.00
CA TYR C 321 -27.81 23.02 15.53
C TYR C 321 -28.64 22.42 16.65
N ASP C 322 -28.04 21.50 17.41
CA ASP C 322 -28.74 20.89 18.54
C ASP C 322 -29.13 21.97 19.55
N MET C 323 -28.19 22.87 19.86
CA MET C 323 -28.47 23.92 20.84
C MET C 323 -29.60 24.83 20.38
N ILE C 324 -29.56 25.25 19.12
CA ILE C 324 -30.60 26.15 18.60
C ILE C 324 -31.95 25.45 18.59
N LEU C 325 -32.00 24.18 18.17
CA LEU C 325 -33.26 23.46 18.13
C LEU C 325 -33.83 23.28 19.54
N LEU C 326 -32.97 22.97 20.51
CA LEU C 326 -33.44 22.81 21.88
C LEU C 326 -33.93 24.15 22.46
N ARG C 327 -33.24 25.24 22.14
CA ARG C 327 -33.69 26.55 22.62
C ARG C 327 -35.01 26.96 21.97
N SER C 328 -35.21 26.60 20.71
CA SER C 328 -36.48 26.90 20.05
C SER C 328 -37.62 26.07 20.65
N GLY C 329 -37.41 24.76 20.77
CA GLY C 329 -38.42 23.90 21.37
C GLY C 329 -39.73 23.86 20.63
N ASN C 330 -39.69 23.82 19.29
CA ASN C 330 -40.90 23.77 18.50
C ASN C 330 -40.62 23.06 17.18
N TRP C 331 -41.68 22.56 16.56
CA TRP C 331 -41.57 21.85 15.29
C TRP C 331 -41.71 22.76 14.08
N GLU C 332 -41.91 24.07 14.30
CA GLU C 332 -42.08 24.98 13.18
C GLU C 332 -40.78 25.17 12.42
N LEU C 333 -39.64 25.14 13.12
CA LEU C 333 -38.36 25.33 12.46
C LEU C 333 -38.05 24.19 11.50
N GLU C 334 -38.32 22.95 11.91
CA GLU C 334 -38.00 21.79 11.10
C GLU C 334 -39.09 21.45 10.07
N THR C 335 -40.19 22.19 10.07
CA THR C 335 -41.27 21.94 9.12
C THR C 335 -41.43 23.04 8.08
N THR C 336 -40.74 24.17 8.24
CA THR C 336 -40.85 25.26 7.27
C THR C 336 -40.10 24.90 6.00
N ARG C 337 -40.69 25.27 4.86
CA ARG C 337 -40.12 25.00 3.55
C ARG C 337 -39.78 26.32 2.88
N ASN C 338 -38.64 26.35 2.18
CA ASN C 338 -38.21 27.52 1.44
C ASN C 338 -38.87 27.52 0.05
N ASN C 339 -38.40 28.39 -0.84
CA ASN C 339 -38.95 28.44 -2.19
C ASN C 339 -38.70 27.15 -2.96
N ASP C 340 -37.70 26.37 -2.56
CA ASP C 340 -37.48 25.05 -3.15
C ASP C 340 -38.42 24.00 -2.60
N GLY C 341 -39.21 24.33 -1.59
CA GLY C 341 -40.14 23.37 -1.01
C GLY C 341 -39.48 22.21 -0.29
N LEU C 342 -38.45 22.49 0.51
CA LEU C 342 -37.72 21.45 1.23
C LEU C 342 -37.61 21.81 2.70
N THR C 343 -37.78 20.81 3.56
CA THR C 343 -37.49 20.94 4.98
C THR C 343 -35.99 20.88 5.18
N PRO C 344 -35.50 21.23 6.38
CA PRO C 344 -34.05 21.08 6.64
C PRO C 344 -33.54 19.67 6.42
N LEU C 345 -34.32 18.66 6.78
CA LEU C 345 -33.91 17.27 6.57
C LEU C 345 -33.78 16.96 5.09
N GLN C 346 -34.78 17.38 4.30
CA GLN C 346 -34.72 17.15 2.85
C GLN C 346 -33.57 17.91 2.22
N LEU C 347 -33.29 19.12 2.71
CA LEU C 347 -32.17 19.90 2.18
C LEU C 347 -30.84 19.23 2.49
N ALA C 348 -30.69 18.69 3.71
CA ALA C 348 -29.48 17.95 4.05
C ALA C 348 -29.33 16.72 3.19
N ALA C 349 -30.43 16.00 2.95
CA ALA C 349 -30.37 14.82 2.08
C ALA C 349 -29.99 15.20 0.66
N LYS C 350 -30.51 16.33 0.16
CA LYS C 350 -30.20 16.76 -1.20
C LYS C 350 -28.74 17.18 -1.34
N MET C 351 -28.24 17.96 -0.37
CA MET C 351 -26.86 18.43 -0.45
C MET C 351 -25.84 17.35 -0.10
N GLY C 352 -26.25 16.30 0.59
CA GLY C 352 -25.35 15.19 0.86
C GLY C 352 -24.50 15.37 2.09
N LYS C 353 -25.14 15.65 3.23
CA LYS C 353 -24.44 15.83 4.51
C LYS C 353 -24.79 14.64 5.40
N ALA C 354 -23.91 13.64 5.39
CA ALA C 354 -24.19 12.39 6.09
C ALA C 354 -24.30 12.60 7.59
N GLU C 355 -23.41 13.42 8.16
CA GLU C 355 -23.41 13.62 9.61
C GLU C 355 -24.70 14.27 10.08
N ILE C 356 -25.09 15.38 9.44
CA ILE C 356 -26.31 16.07 9.83
C ILE C 356 -27.53 15.19 9.55
N LEU C 357 -27.53 14.46 8.44
CA LEU C 357 -28.63 13.57 8.13
C LEU C 357 -28.80 12.51 9.20
N LYS C 358 -27.70 11.88 9.61
CA LYS C 358 -27.77 10.86 10.65
C LYS C 358 -28.21 11.45 11.98
N TYR C 359 -27.70 12.64 12.33
CA TYR C 359 -28.10 13.26 13.58
C TYR C 359 -29.59 13.56 13.61
N ILE C 360 -30.13 14.08 12.51
CA ILE C 360 -31.55 14.42 12.48
C ILE C 360 -32.41 13.15 12.46
N LEU C 361 -31.98 12.13 11.71
CA LEU C 361 -32.78 10.91 11.61
C LEU C 361 -32.80 10.14 12.93
N SER C 362 -31.67 10.06 13.62
CA SER C 362 -31.56 9.34 14.88
C SER C 362 -31.25 10.37 15.97
N ARG C 363 -32.30 10.96 16.54
CA ARG C 363 -32.18 11.96 17.59
C ARG C 363 -32.99 11.52 18.79
N GLU C 364 -32.34 11.46 19.95
CA GLU C 364 -32.98 11.05 21.19
C GLU C 364 -32.82 12.15 22.23
N ILE C 365 -33.92 12.53 22.87
CA ILE C 365 -33.94 13.53 23.92
C ILE C 365 -34.56 12.92 25.16
N LYS C 366 -33.84 13.01 26.28
CA LYS C 366 -34.29 12.44 27.54
C LYS C 366 -34.91 13.47 28.48
N GLU C 367 -35.01 14.73 28.07
CA GLU C 367 -35.56 15.76 28.92
C GLU C 367 -37.08 15.82 28.82
N LYS C 368 -37.72 16.19 29.92
CA LYS C 368 -39.17 16.31 29.93
C LYS C 368 -39.61 17.51 29.09
N ARG C 369 -40.78 17.38 28.47
CA ARG C 369 -41.39 18.38 27.59
C ARG C 369 -40.60 18.61 26.31
N LEU C 370 -39.45 17.95 26.13
CA LEU C 370 -38.66 18.06 24.91
C LEU C 370 -38.54 16.75 24.16
N ARG C 371 -39.15 15.66 24.65
CA ARG C 371 -39.06 14.39 23.95
C ARG C 371 -39.84 14.40 22.63
N SER C 372 -40.78 15.33 22.47
CA SER C 372 -41.53 15.41 21.21
C SER C 372 -40.62 15.78 20.05
N LEU C 373 -39.56 16.54 20.30
CA LEU C 373 -38.62 16.90 19.24
C LEU C 373 -37.81 15.71 18.74
N SER C 374 -37.72 14.64 19.54
CA SER C 374 -36.95 13.48 19.14
C SER C 374 -37.71 12.67 18.09
N ARG C 375 -36.95 11.96 17.25
CA ARG C 375 -37.52 11.11 16.22
C ARG C 375 -37.25 9.62 16.44
N LYS C 376 -36.51 9.26 17.48
CA LYS C 376 -36.22 7.87 17.80
C LYS C 376 -36.44 7.64 19.28
N PHE C 377 -37.27 6.66 19.62
CA PHE C 377 -37.60 6.33 21.00
C PHE C 377 -37.16 4.90 21.29
N THR C 378 -36.31 4.74 22.31
CA THR C 378 -35.85 3.42 22.69
C THR C 378 -36.86 2.76 23.63
N ASP C 379 -37.42 1.63 23.21
CA ASP C 379 -38.44 0.95 24.00
C ASP C 379 -37.81 0.16 25.15
N TRP C 380 -36.97 -0.82 24.82
CA TRP C 380 -36.31 -1.63 25.83
C TRP C 380 -34.91 -1.97 25.35
N ALA C 381 -33.98 -2.05 26.29
CA ALA C 381 -32.58 -2.36 26.01
C ALA C 381 -32.11 -3.46 26.94
N TYR C 382 -31.49 -4.49 26.37
CA TYR C 382 -30.93 -5.62 27.11
C TYR C 382 -29.61 -6.01 26.46
N GLY C 383 -28.51 -5.47 26.98
CA GLY C 383 -27.21 -5.70 26.40
C GLY C 383 -27.11 -5.14 25.00
N PRO C 384 -26.72 -5.99 24.04
CA PRO C 384 -26.63 -5.52 22.66
C PRO C 384 -27.96 -5.37 21.95
N VAL C 385 -29.00 -6.07 22.40
CA VAL C 385 -30.31 -5.99 21.75
C VAL C 385 -30.99 -4.69 22.17
N SER C 386 -31.50 -3.95 21.19
CA SER C 386 -32.20 -2.71 21.47
C SER C 386 -33.32 -2.52 20.45
N SER C 387 -34.52 -2.22 20.95
CA SER C 387 -35.67 -1.95 20.10
C SER C 387 -35.94 -0.45 20.07
N SER C 388 -36.09 0.10 18.87
CA SER C 388 -36.27 1.54 18.72
C SER C 388 -37.40 1.83 17.74
N LEU C 389 -38.26 2.75 18.11
CA LEU C 389 -39.30 3.27 17.21
C LEU C 389 -38.77 4.52 16.54
N TYR C 390 -38.65 4.47 15.21
CA TYR C 390 -38.23 5.61 14.41
C TYR C 390 -39.45 6.31 13.83
N ASP C 391 -39.23 7.52 13.34
CA ASP C 391 -40.28 8.33 12.73
C ASP C 391 -40.10 8.36 11.22
N LEU C 392 -41.20 8.20 10.50
CA LEU C 392 -41.17 8.14 9.04
C LEU C 392 -42.08 9.20 8.43
N THR C 393 -42.00 10.43 8.93
CA THR C 393 -42.84 11.50 8.40
C THR C 393 -42.42 11.87 6.97
N ASN C 394 -41.18 12.32 6.80
CA ASN C 394 -40.65 12.69 5.50
C ASN C 394 -39.62 11.69 4.99
N VAL C 395 -39.46 10.56 5.66
CA VAL C 395 -38.46 9.57 5.26
C VAL C 395 -39.07 8.51 4.34
N ASP C 396 -40.28 8.06 4.65
CA ASP C 396 -40.94 7.06 3.82
C ASP C 396 -41.42 7.68 2.51
N THR C 397 -41.51 6.83 1.48
CA THR C 397 -41.95 7.27 0.16
C THR C 397 -43.47 7.36 0.13
N THR C 398 -43.99 8.32 0.89
CA THR C 398 -45.43 8.56 0.99
C THR C 398 -45.84 9.87 0.35
N THR C 399 -45.18 10.96 0.68
CA THR C 399 -45.49 12.26 0.10
C THR C 399 -44.89 12.39 -1.30
N ASP C 400 -45.05 13.57 -1.90
CA ASP C 400 -44.50 13.79 -3.23
C ASP C 400 -42.98 13.73 -3.23
N ASN C 401 -42.34 14.32 -2.23
CA ASN C 401 -40.88 14.32 -2.11
C ASN C 401 -40.51 13.76 -0.75
N SER C 402 -39.58 12.80 -0.74
CA SER C 402 -39.17 12.12 0.47
C SER C 402 -37.66 12.06 0.56
N VAL C 403 -37.16 11.86 1.79
CA VAL C 403 -35.71 11.81 2.01
C VAL C 403 -35.11 10.61 1.29
N LEU C 404 -35.78 9.46 1.35
CA LEU C 404 -35.27 8.26 0.70
C LEU C 404 -35.19 8.44 -0.82
N GLU C 405 -36.26 8.99 -1.41
CA GLU C 405 -36.24 9.23 -2.85
C GLU C 405 -35.17 10.23 -3.22
N ILE C 406 -34.98 11.26 -2.40
CA ILE C 406 -33.97 12.28 -2.69
C ILE C 406 -32.57 11.67 -2.65
N THR C 407 -32.28 10.87 -1.63
CA THR C 407 -30.94 10.31 -1.50
C THR C 407 -30.68 9.18 -2.48
N VAL C 408 -31.73 8.53 -2.99
CA VAL C 408 -31.51 7.49 -3.98
C VAL C 408 -31.38 8.07 -5.38
N TYR C 409 -32.20 9.06 -5.72
CA TYR C 409 -32.22 9.64 -7.06
C TYR C 409 -31.23 10.78 -7.22
N ASN C 410 -30.45 11.11 -6.20
CA ASN C 410 -29.48 12.19 -6.31
C ASN C 410 -28.33 11.79 -7.22
N THR C 411 -27.96 12.69 -8.13
CA THR C 411 -26.87 12.47 -9.05
C THR C 411 -25.68 13.40 -8.85
N ASN C 412 -25.86 14.49 -8.09
CA ASN C 412 -24.79 15.45 -7.84
C ASN C 412 -24.21 15.32 -6.43
N ILE C 413 -24.11 14.10 -5.92
CA ILE C 413 -23.56 13.84 -4.60
C ILE C 413 -22.56 12.70 -4.68
N ASP C 414 -21.73 12.58 -3.64
CA ASP C 414 -20.73 11.54 -3.56
C ASP C 414 -20.85 10.65 -2.34
N ASN C 415 -21.57 11.08 -1.30
CA ASN C 415 -21.74 10.30 -0.08
C ASN C 415 -23.06 9.54 -0.08
N ARG C 416 -23.52 9.09 -1.24
CA ARG C 416 -24.80 8.39 -1.32
C ARG C 416 -24.76 7.09 -0.53
N HIS C 417 -23.66 6.34 -0.62
CA HIS C 417 -23.55 5.09 0.12
C HIS C 417 -23.52 5.34 1.62
N GLU C 418 -22.81 6.40 2.04
CA GLU C 418 -22.76 6.73 3.46
C GLU C 418 -24.12 7.13 3.99
N MET C 419 -24.88 7.88 3.19
CA MET C 419 -26.22 8.31 3.63
C MET C 419 -27.20 7.15 3.62
N LEU C 420 -27.05 6.21 2.68
CA LEU C 420 -27.99 5.09 2.58
C LEU C 420 -27.73 4.00 3.61
N THR C 421 -26.53 3.94 4.17
CA THR C 421 -26.18 2.90 5.15
C THR C 421 -26.40 3.38 6.58
N LEU C 422 -27.60 3.88 6.86
CA LEU C 422 -27.95 4.32 8.21
C LEU C 422 -29.46 4.27 8.36
N GLU C 423 -29.89 4.02 9.60
CA GLU C 423 -31.30 3.86 9.90
C GLU C 423 -32.02 5.20 9.87
N PRO C 424 -33.32 5.22 9.52
CA PRO C 424 -34.16 4.10 9.10
C PRO C 424 -34.24 3.94 7.59
N LEU C 425 -33.10 3.97 6.89
CA LEU C 425 -33.08 3.79 5.45
C LEU C 425 -32.66 2.40 5.04
N HIS C 426 -31.68 1.81 5.73
CA HIS C 426 -31.23 0.46 5.40
C HIS C 426 -32.32 -0.56 5.65
N THR C 427 -32.92 -0.54 6.84
CA THR C 427 -34.00 -1.47 7.15
C THR C 427 -35.21 -1.23 6.24
N LEU C 428 -35.52 0.03 5.96
CA LEU C 428 -36.64 0.34 5.08
C LEU C 428 -36.40 -0.21 3.68
N LEU C 429 -35.17 -0.06 3.17
CA LEU C 429 -34.85 -0.58 1.85
C LEU C 429 -34.94 -2.09 1.80
N HIS C 430 -34.40 -2.78 2.82
CA HIS C 430 -34.49 -4.25 2.82
C HIS C 430 -35.93 -4.72 2.95
N MET C 431 -36.74 -4.04 3.76
CA MET C 431 -38.14 -4.41 3.90
C MET C 431 -38.88 -4.20 2.58
N LYS C 432 -38.66 -3.06 1.93
CA LYS C 432 -39.32 -2.78 0.65
C LYS C 432 -38.87 -3.78 -0.41
N TRP C 433 -37.62 -4.21 -0.37
CA TRP C 433 -37.16 -5.26 -1.28
C TRP C 433 -37.91 -6.56 -1.02
N LYS C 434 -37.74 -7.12 0.18
CA LYS C 434 -38.29 -8.43 0.50
C LYS C 434 -39.81 -8.47 0.43
N LYS C 435 -40.48 -7.32 0.47
CA LYS C 435 -41.93 -7.31 0.37
C LYS C 435 -42.40 -7.72 -1.03
N PHE C 436 -42.02 -6.94 -2.05
CA PHE C 436 -42.48 -7.18 -3.40
C PHE C 436 -41.42 -7.01 -4.49
N ALA C 437 -40.29 -6.38 -4.20
CA ALA C 437 -39.37 -6.02 -5.27
C ALA C 437 -38.67 -7.24 -5.83
N LYS C 438 -38.35 -8.23 -4.99
CA LYS C 438 -37.75 -9.46 -5.48
C LYS C 438 -38.69 -10.19 -6.42
N HIS C 439 -39.96 -10.29 -6.05
CA HIS C 439 -40.94 -10.94 -6.91
C HIS C 439 -41.12 -10.19 -8.22
N MET C 440 -41.18 -8.86 -8.16
CA MET C 440 -41.33 -8.08 -9.38
C MET C 440 -40.12 -8.23 -10.28
N PHE C 441 -38.92 -8.24 -9.71
CA PHE C 441 -37.70 -8.41 -10.50
C PHE C 441 -37.66 -9.78 -11.16
N PHE C 442 -38.04 -10.83 -10.42
CA PHE C 442 -38.06 -12.17 -11.00
C PHE C 442 -39.09 -12.27 -12.12
N LEU C 443 -40.26 -11.66 -11.92
CA LEU C 443 -41.29 -11.68 -12.96
C LEU C 443 -40.82 -10.95 -14.20
N SER C 444 -40.18 -9.79 -14.04
CA SER C 444 -39.64 -9.07 -15.19
C SER C 444 -38.57 -9.88 -15.89
N PHE C 445 -37.69 -10.53 -15.14
CA PHE C 445 -36.67 -11.39 -15.72
C PHE C 445 -37.31 -12.48 -16.57
N CYS C 446 -38.28 -13.20 -16.02
CA CYS C 446 -38.91 -14.28 -16.76
C CYS C 446 -39.61 -13.76 -18.01
N PHE C 447 -40.34 -12.65 -17.89
CA PHE C 447 -41.07 -12.13 -19.03
C PHE C 447 -40.14 -11.69 -20.15
N TYR C 448 -39.07 -10.97 -19.80
CA TYR C 448 -38.12 -10.53 -20.82
C TYR C 448 -37.38 -11.70 -21.44
N PHE C 449 -37.04 -12.71 -20.63
CA PHE C 449 -36.35 -13.88 -21.18
C PHE C 449 -37.24 -14.62 -22.17
N PHE C 450 -38.51 -14.81 -21.82
CA PHE C 450 -39.44 -15.46 -22.74
C PHE C 450 -39.65 -14.63 -24.00
N TYR C 451 -39.72 -13.30 -23.86
CA TYR C 451 -39.87 -12.44 -25.03
C TYR C 451 -38.67 -12.55 -25.96
N ASN C 452 -37.46 -12.55 -25.40
CA ASN C 452 -36.25 -12.67 -26.23
C ASN C 452 -36.19 -14.03 -26.90
N ILE C 453 -36.54 -15.10 -26.17
CA ILE C 453 -36.54 -16.43 -26.77
C ILE C 453 -37.55 -16.50 -27.92
N THR C 454 -38.74 -15.94 -27.72
CA THR C 454 -39.75 -15.96 -28.77
C THR C 454 -39.29 -15.17 -29.99
N LEU C 455 -38.68 -14.00 -29.78
CA LEU C 455 -38.18 -13.22 -30.90
C LEU C 455 -37.10 -13.98 -31.66
N THR C 456 -36.16 -14.58 -30.94
CA THR C 456 -35.07 -15.32 -31.59
C THR C 456 -35.61 -16.49 -32.39
N LEU C 457 -36.51 -17.27 -31.81
CA LEU C 457 -37.07 -18.43 -32.52
C LEU C 457 -37.85 -17.98 -33.74
N VAL C 458 -38.69 -16.95 -33.60
CA VAL C 458 -39.52 -16.48 -34.70
C VAL C 458 -38.66 -16.00 -35.85
N SER C 459 -37.58 -15.26 -35.55
CA SER C 459 -36.75 -14.74 -36.63
C SER C 459 -35.91 -15.84 -37.25
N TYR C 460 -35.34 -16.73 -36.44
CA TYR C 460 -34.48 -17.78 -36.99
C TYR C 460 -35.28 -18.73 -37.88
N TYR C 461 -36.50 -19.08 -37.46
CA TYR C 461 -37.35 -19.94 -38.29
C TYR C 461 -38.10 -19.13 -39.33
N ARG C 462 -37.35 -18.35 -40.12
CA ARG C 462 -37.91 -17.47 -41.14
C ARG C 462 -38.13 -18.26 -42.44
N PRO C 463 -39.24 -18.01 -43.15
CA PRO C 463 -39.53 -18.69 -44.41
C PRO C 463 -38.64 -18.21 -45.56
N LEU C 482 -48.47 -21.37 -34.50
CA LEU C 482 -47.51 -21.08 -33.44
C LEU C 482 -46.72 -19.81 -33.75
N GLN C 483 -46.43 -19.59 -35.04
CA GLN C 483 -45.69 -18.40 -35.44
C GLN C 483 -46.52 -17.14 -35.26
N LEU C 484 -47.82 -17.21 -35.56
CA LEU C 484 -48.66 -16.03 -35.45
C LEU C 484 -48.79 -15.56 -34.01
N LEU C 485 -49.02 -16.50 -33.08
CA LEU C 485 -49.13 -16.13 -31.67
C LEU C 485 -47.82 -15.56 -31.14
N GLY C 486 -46.69 -16.15 -31.53
CA GLY C 486 -45.41 -15.63 -31.11
C GLY C 486 -45.16 -14.23 -31.65
N ARG C 487 -45.50 -13.99 -32.92
CA ARG C 487 -45.33 -12.66 -33.50
C ARG C 487 -46.23 -11.64 -32.80
N MET C 488 -47.47 -12.03 -32.49
CA MET C 488 -48.37 -11.13 -31.78
C MET C 488 -47.85 -10.79 -30.39
N PHE C 489 -47.34 -11.80 -29.66
CA PHE C 489 -46.78 -11.54 -28.34
C PHE C 489 -45.56 -10.63 -28.44
N VAL C 490 -44.69 -10.87 -29.43
CA VAL C 490 -43.51 -10.04 -29.62
C VAL C 490 -43.92 -8.60 -29.90
N LEU C 491 -44.91 -8.41 -30.77
CA LEU C 491 -45.37 -7.05 -31.08
C LEU C 491 -45.95 -6.37 -29.84
N ILE C 492 -46.77 -7.08 -29.07
CA ILE C 492 -47.40 -6.48 -27.89
C ILE C 492 -46.33 -6.06 -26.88
N TRP C 493 -45.38 -6.96 -26.60
CA TRP C 493 -44.35 -6.64 -25.62
C TRP C 493 -43.42 -5.55 -26.13
N ALA C 494 -43.14 -5.52 -27.43
CA ALA C 494 -42.30 -4.47 -27.99
C ALA C 494 -42.98 -3.12 -27.86
N MET C 495 -44.28 -3.05 -28.16
CA MET C 495 -45.00 -1.79 -28.01
C MET C 495 -45.02 -1.35 -26.55
N CYS C 496 -45.27 -2.29 -25.63
CA CYS C 496 -45.28 -1.95 -24.22
C CYS C 496 -43.93 -1.42 -23.76
N ILE C 497 -42.85 -2.10 -24.15
CA ILE C 497 -41.51 -1.66 -23.75
C ILE C 497 -41.20 -0.30 -24.35
N SER C 498 -41.58 -0.08 -25.62
CA SER C 498 -41.31 1.19 -26.26
C SER C 498 -42.02 2.33 -25.56
N VAL C 499 -43.30 2.16 -25.25
CA VAL C 499 -44.05 3.24 -24.61
C VAL C 499 -43.55 3.47 -23.18
N LYS C 500 -43.22 2.40 -22.47
CA LYS C 500 -42.70 2.55 -21.11
C LYS C 500 -41.37 3.27 -21.11
N GLU C 501 -40.48 2.94 -22.05
CA GLU C 501 -39.20 3.62 -22.14
C GLU C 501 -39.37 5.07 -22.58
N GLY C 502 -40.36 5.35 -23.44
CA GLY C 502 -40.64 6.73 -23.80
C GLY C 502 -41.08 7.55 -22.61
N ILE C 503 -41.99 7.01 -21.79
CA ILE C 503 -42.42 7.72 -20.59
C ILE C 503 -41.25 7.89 -19.63
N ALA C 504 -40.40 6.86 -19.50
CA ALA C 504 -39.25 6.95 -18.61
C ALA C 504 -38.29 8.05 -19.06
N ILE C 505 -38.03 8.13 -20.37
CA ILE C 505 -37.13 9.15 -20.88
C ILE C 505 -37.74 10.54 -20.71
N PHE C 506 -39.04 10.67 -20.96
CA PHE C 506 -39.69 11.97 -20.81
C PHE C 506 -39.67 12.43 -19.35
N LEU C 507 -39.90 11.51 -18.42
CA LEU C 507 -39.92 11.86 -17.00
C LEU C 507 -38.52 11.96 -16.40
N LEU C 508 -37.50 11.45 -17.09
CA LEU C 508 -36.15 11.52 -16.56
C LEU C 508 -35.60 12.94 -16.64
N ARG C 509 -34.63 13.22 -15.77
CA ARG C 509 -33.99 14.52 -15.77
C ARG C 509 -33.12 14.66 -17.02
N PRO C 510 -33.20 15.78 -17.75
CA PRO C 510 -32.38 15.93 -18.96
C PRO C 510 -30.98 16.45 -18.69
N SER C 511 -30.62 16.72 -17.43
CA SER C 511 -29.32 17.29 -17.09
C SER C 511 -28.53 16.28 -16.27
N ASP C 512 -27.29 16.01 -16.72
CA ASP C 512 -26.33 15.19 -16.00
C ASP C 512 -26.77 13.73 -15.88
N LEU C 513 -27.92 13.39 -16.48
CA LEU C 513 -28.37 11.99 -16.43
C LEU C 513 -27.56 11.13 -17.39
N GLN C 514 -27.30 11.62 -18.60
CA GLN C 514 -26.51 10.86 -19.56
C GLN C 514 -25.02 10.90 -19.23
N SER C 515 -24.55 12.00 -18.65
CA SER C 515 -23.13 12.11 -18.30
C SER C 515 -22.74 11.09 -17.23
N ILE C 516 -23.58 10.93 -16.21
CA ILE C 516 -23.33 9.97 -15.15
C ILE C 516 -23.97 8.64 -15.53
N LEU C 517 -23.53 7.57 -14.86
CA LEU C 517 -24.07 6.23 -15.08
C LEU C 517 -25.32 5.99 -14.23
N SER C 518 -26.33 6.85 -14.40
CA SER C 518 -27.57 6.76 -13.63
C SER C 518 -28.62 5.92 -14.35
N ASP C 519 -28.23 4.72 -14.79
CA ASP C 519 -29.13 3.75 -15.40
C ASP C 519 -29.88 4.36 -16.60
N ALA C 520 -29.17 5.17 -17.38
CA ALA C 520 -29.75 5.76 -18.59
C ALA C 520 -29.37 5.01 -19.85
N TRP C 521 -28.18 4.42 -19.90
CA TRP C 521 -27.77 3.64 -21.06
C TRP C 521 -28.69 2.45 -21.28
N PHE C 522 -29.08 1.77 -20.20
CA PHE C 522 -29.97 0.63 -20.33
C PHE C 522 -31.34 1.06 -20.85
N HIS C 523 -31.86 2.19 -20.36
CA HIS C 523 -33.13 2.69 -20.87
C HIS C 523 -33.03 3.03 -22.35
N PHE C 524 -31.96 3.71 -22.75
CA PHE C 524 -31.77 4.05 -24.16
C PHE C 524 -31.70 2.80 -25.03
N VAL C 525 -30.98 1.78 -24.57
CA VAL C 525 -30.81 0.58 -25.37
C VAL C 525 -32.10 -0.21 -25.46
N PHE C 526 -32.87 -0.27 -24.36
CA PHE C 526 -34.17 -0.93 -24.39
C PHE C 526 -35.10 -0.23 -25.37
N PHE C 527 -35.13 1.10 -25.34
CA PHE C 527 -35.97 1.85 -26.27
C PHE C 527 -35.54 1.61 -27.72
N ILE C 528 -34.22 1.58 -27.95
CA ILE C 528 -33.72 1.37 -29.31
C ILE C 528 -34.09 -0.02 -29.80
N GLN C 529 -33.99 -1.03 -28.92
CA GLN C 529 -34.34 -2.39 -29.31
C GLN C 529 -35.83 -2.51 -29.62
N ALA C 530 -36.69 -1.87 -28.81
CA ALA C 530 -38.12 -1.90 -29.09
C ALA C 530 -38.44 -1.20 -30.40
N VAL C 531 -37.78 -0.07 -30.66
CA VAL C 531 -37.99 0.64 -31.93
C VAL C 531 -37.54 -0.22 -33.10
N LEU C 532 -36.42 -0.92 -32.95
CA LEU C 532 -35.95 -1.79 -34.01
C LEU C 532 -36.93 -2.92 -34.27
N VAL C 533 -37.48 -3.51 -33.22
CA VAL C 533 -38.43 -4.62 -33.39
C VAL C 533 -39.69 -4.14 -34.10
N ILE C 534 -40.24 -3.00 -33.66
CA ILE C 534 -41.48 -2.52 -34.27
C ILE C 534 -41.23 -2.09 -35.71
N LEU C 535 -40.06 -1.51 -35.99
CA LEU C 535 -39.73 -1.13 -37.37
C LEU C 535 -39.57 -2.36 -38.25
N SER C 536 -38.95 -3.43 -37.73
CA SER C 536 -38.82 -4.66 -38.49
C SER C 536 -40.19 -5.25 -38.79
N VAL C 537 -41.10 -5.24 -37.81
CA VAL C 537 -42.45 -5.75 -38.04
C VAL C 537 -43.17 -4.92 -39.10
N PHE C 538 -43.06 -3.59 -39.00
CA PHE C 538 -43.72 -2.72 -39.98
C PHE C 538 -43.16 -2.93 -41.37
N LEU C 539 -41.85 -3.14 -41.49
CA LEU C 539 -41.24 -3.37 -42.79
C LEU C 539 -41.62 -4.73 -43.35
N TYR C 540 -41.74 -5.74 -42.49
CA TYR C 540 -42.20 -7.05 -42.96
C TYR C 540 -43.65 -6.99 -43.40
N LEU C 541 -44.45 -6.14 -42.76
CA LEU C 541 -45.82 -5.92 -43.24
C LEU C 541 -45.83 -5.33 -44.64
N PHE C 542 -44.86 -4.45 -44.93
CA PHE C 542 -44.71 -3.87 -46.26
C PHE C 542 -43.86 -4.80 -47.12
N ALA C 543 -43.40 -4.30 -48.26
CA ALA C 543 -42.62 -5.09 -49.21
C ALA C 543 -41.12 -4.80 -49.14
N TYR C 544 -40.66 -4.06 -48.14
CA TYR C 544 -39.25 -3.73 -48.03
C TYR C 544 -38.46 -4.96 -47.57
N LYS C 545 -37.13 -4.88 -47.73
CA LYS C 545 -36.24 -6.00 -47.46
C LYS C 545 -35.27 -5.71 -46.32
N GLU C 546 -35.42 -4.58 -45.64
CA GLU C 546 -34.58 -4.26 -44.49
C GLU C 546 -35.09 -4.85 -43.19
N TYR C 547 -36.23 -5.55 -43.23
CA TYR C 547 -36.79 -6.14 -42.02
C TYR C 547 -35.85 -7.19 -41.44
N LEU C 548 -35.15 -7.94 -42.31
CA LEU C 548 -34.21 -8.94 -41.82
C LEU C 548 -33.05 -8.29 -41.08
N ALA C 549 -32.52 -7.20 -41.63
CA ALA C 549 -31.43 -6.47 -40.94
C ALA C 549 -31.90 -5.92 -39.61
N CYS C 550 -33.09 -5.30 -39.59
CA CYS C 550 -33.62 -4.78 -38.33
C CYS C 550 -33.81 -5.90 -37.32
N LEU C 551 -34.28 -7.06 -37.77
CA LEU C 551 -34.56 -8.16 -36.86
C LEU C 551 -33.27 -8.77 -36.30
N VAL C 552 -32.23 -8.89 -37.13
CA VAL C 552 -30.97 -9.45 -36.62
C VAL C 552 -30.31 -8.48 -35.66
N LEU C 553 -30.36 -7.17 -35.96
CA LEU C 553 -29.87 -6.20 -35.00
C LEU C 553 -30.69 -6.27 -33.70
N ALA C 554 -32.00 -6.51 -33.83
CA ALA C 554 -32.85 -6.61 -32.66
C ALA C 554 -32.46 -7.80 -31.78
N MET C 555 -32.24 -8.97 -32.37
CA MET C 555 -31.84 -10.11 -31.56
C MET C 555 -30.48 -9.87 -30.91
N ALA C 556 -29.53 -9.30 -31.67
CA ALA C 556 -28.22 -9.01 -31.10
C ALA C 556 -28.33 -8.11 -29.88
N LEU C 557 -29.08 -7.00 -30.02
CA LEU C 557 -29.23 -6.08 -28.90
C LEU C 557 -29.96 -6.71 -27.73
N GLY C 558 -31.02 -7.47 -28.01
CA GLY C 558 -31.78 -8.09 -26.93
C GLY C 558 -30.98 -9.11 -26.17
N TRP C 559 -30.16 -9.91 -26.87
CA TRP C 559 -29.34 -10.89 -26.20
C TRP C 559 -28.17 -10.24 -25.48
N ALA C 560 -27.72 -9.08 -25.94
CA ALA C 560 -26.72 -8.34 -25.18
C ALA C 560 -27.35 -7.59 -24.02
N ASN C 561 -28.68 -7.50 -23.98
CA ASN C 561 -29.37 -6.75 -22.94
C ASN C 561 -29.69 -7.58 -21.71
N MET C 562 -29.44 -8.88 -21.72
CA MET C 562 -29.73 -9.70 -20.55
C MET C 562 -28.85 -9.33 -19.36
N LEU C 563 -27.68 -8.73 -19.60
CA LEU C 563 -26.77 -8.39 -18.52
C LEU C 563 -27.41 -7.42 -17.53
N TYR C 564 -28.35 -6.60 -17.98
CA TYR C 564 -29.04 -5.69 -17.08
C TYR C 564 -29.72 -6.43 -15.94
N TYR C 565 -30.13 -7.68 -16.18
CA TYR C 565 -30.81 -8.46 -15.16
C TYR C 565 -29.85 -9.22 -14.26
N THR C 566 -28.54 -9.00 -14.40
CA THR C 566 -27.56 -9.62 -13.53
C THR C 566 -27.25 -8.77 -12.29
N ARG C 567 -28.01 -7.71 -12.04
CA ARG C 567 -27.82 -6.93 -10.83
C ARG C 567 -28.58 -7.50 -9.64
N GLY C 568 -29.41 -8.52 -9.85
CA GLY C 568 -30.11 -9.14 -8.74
C GLY C 568 -29.18 -9.85 -7.77
N PHE C 569 -28.16 -10.53 -8.29
CA PHE C 569 -27.16 -11.19 -7.46
C PHE C 569 -25.97 -10.26 -7.26
N GLN C 570 -25.38 -10.32 -6.06
CA GLN C 570 -24.22 -9.47 -5.77
C GLN C 570 -23.01 -9.88 -6.61
N SER C 571 -22.86 -11.18 -6.86
CA SER C 571 -21.65 -11.67 -7.54
C SER C 571 -21.57 -11.18 -8.98
N MET C 572 -22.69 -10.75 -9.56
CA MET C 572 -22.70 -10.31 -10.95
C MET C 572 -22.91 -8.80 -11.11
N GLY C 573 -23.44 -8.12 -10.10
CA GLY C 573 -23.51 -6.67 -10.17
C GLY C 573 -22.13 -6.04 -10.21
N MET C 574 -21.18 -6.61 -9.48
CA MET C 574 -19.79 -6.16 -9.59
C MET C 574 -19.29 -6.34 -11.02
N TYR C 575 -19.62 -7.46 -11.65
CA TYR C 575 -19.19 -7.69 -13.03
C TYR C 575 -19.81 -6.66 -13.98
N SER C 576 -21.09 -6.33 -13.77
CA SER C 576 -21.74 -5.34 -14.63
C SER C 576 -21.11 -3.96 -14.48
N VAL C 577 -20.87 -3.53 -13.24
CA VAL C 577 -20.24 -2.23 -13.05
C VAL C 577 -18.80 -2.26 -13.56
N MET C 578 -18.15 -3.43 -13.54
CA MET C 578 -16.83 -3.57 -14.13
C MET C 578 -16.89 -3.33 -15.63
N ILE C 579 -17.80 -4.01 -16.33
CA ILE C 579 -18.03 -3.75 -17.75
C ILE C 579 -18.18 -2.25 -17.99
N GLN C 580 -19.10 -1.63 -17.25
CA GLN C 580 -19.44 -0.23 -17.51
C GLN C 580 -18.22 0.68 -17.31
N LYS C 581 -17.55 0.55 -16.17
CA LYS C 581 -16.42 1.43 -15.87
C LYS C 581 -15.28 1.22 -16.85
N VAL C 582 -14.94 -0.03 -17.17
CA VAL C 582 -13.82 -0.30 -18.08
C VAL C 582 -14.12 0.25 -19.46
N ILE C 583 -15.33 0.02 -19.98
CA ILE C 583 -15.68 0.52 -21.31
C ILE C 583 -15.67 2.04 -21.33
N LEU C 584 -16.21 2.67 -20.28
CA LEU C 584 -16.27 4.13 -20.27
C LEU C 584 -14.91 4.76 -20.05
N HIS C 585 -13.96 4.02 -19.48
CA HIS C 585 -12.66 4.61 -19.14
C HIS C 585 -11.61 4.37 -20.22
N ASP C 586 -11.29 3.10 -20.51
CA ASP C 586 -10.08 2.78 -21.26
C ASP C 586 -10.33 2.32 -22.69
N VAL C 587 -11.40 1.55 -22.91
CA VAL C 587 -11.64 0.97 -24.23
C VAL C 587 -11.87 2.05 -25.27
N LEU C 588 -12.56 3.13 -24.89
CA LEU C 588 -12.84 4.20 -25.86
C LEU C 588 -11.56 4.86 -26.33
N LYS C 589 -10.68 5.23 -25.40
CA LYS C 589 -9.43 5.88 -25.77
C LYS C 589 -8.54 4.94 -26.58
N PHE C 590 -8.43 3.68 -26.15
CA PHE C 590 -7.62 2.73 -26.90
C PHE C 590 -8.15 2.57 -28.33
N LEU C 591 -9.47 2.44 -28.47
CA LEU C 591 -10.07 2.32 -29.78
C LEU C 591 -9.77 3.54 -30.64
N PHE C 592 -9.95 4.74 -30.08
CA PHE C 592 -9.74 5.97 -30.85
C PHE C 592 -8.32 6.05 -31.38
N VAL C 593 -7.33 5.82 -30.50
CA VAL C 593 -5.95 5.81 -30.96
C VAL C 593 -5.76 4.72 -32.02
N TYR C 594 -6.50 3.61 -31.88
CA TYR C 594 -6.36 2.52 -32.83
C TYR C 594 -6.84 2.93 -34.22
N ILE C 595 -8.02 3.56 -34.32
CA ILE C 595 -8.46 3.96 -35.66
C ILE C 595 -7.54 5.03 -36.21
N VAL C 596 -7.02 5.92 -35.35
CA VAL C 596 -6.10 6.94 -35.84
C VAL C 596 -4.90 6.28 -36.52
N PHE C 597 -4.19 5.42 -35.79
CA PHE C 597 -3.00 4.77 -36.34
C PHE C 597 -3.36 3.87 -37.53
N LEU C 598 -4.50 3.18 -37.44
CA LEU C 598 -4.89 2.23 -38.47
C LEU C 598 -5.19 2.95 -39.79
N LEU C 599 -5.97 4.03 -39.73
CA LEU C 599 -6.25 4.79 -40.94
C LEU C 599 -4.98 5.43 -41.50
N GLY C 600 -4.13 5.98 -40.63
CA GLY C 600 -2.89 6.56 -41.11
C GLY C 600 -2.05 5.54 -41.88
N PHE C 601 -1.82 4.37 -41.28
CA PHE C 601 -1.01 3.37 -41.94
C PHE C 601 -1.71 2.76 -43.16
N GLY C 602 -3.05 2.71 -43.15
CA GLY C 602 -3.76 2.21 -44.30
C GLY C 602 -3.61 3.10 -45.51
N VAL C 603 -3.78 4.41 -45.33
CA VAL C 603 -3.56 5.31 -46.46
C VAL C 603 -2.09 5.38 -46.84
N ALA C 604 -1.19 5.16 -45.88
CA ALA C 604 0.23 5.09 -46.21
C ALA C 604 0.53 3.89 -47.10
N LEU C 605 -0.06 2.74 -46.78
CA LEU C 605 0.25 1.51 -47.50
C LEU C 605 -0.45 1.45 -48.86
N ALA C 606 -1.71 1.89 -48.92
CA ALA C 606 -2.48 1.74 -50.15
C ALA C 606 -2.03 2.67 -51.26
N SER C 607 -1.14 3.62 -50.97
CA SER C 607 -0.74 4.60 -51.97
C SER C 607 0.54 4.22 -52.70
N LEU C 608 1.36 3.33 -52.14
CA LEU C 608 2.62 2.92 -52.76
C LEU C 608 2.52 1.57 -53.46
N ILE C 609 1.32 1.03 -53.60
CA ILE C 609 1.12 -0.26 -54.26
C ILE C 609 0.77 0.00 -55.72
N GLU C 610 1.61 -0.51 -56.63
CA GLU C 610 1.38 -0.33 -58.06
C GLU C 610 0.36 -1.32 -58.58
N SER C 620 -0.70 -6.01 -54.44
CA SER C 620 -1.59 -7.14 -54.65
C SER C 620 -2.82 -7.05 -53.75
N SER C 621 -2.69 -7.57 -52.53
CA SER C 621 -3.80 -7.52 -51.58
C SER C 621 -4.11 -6.10 -51.16
N TYR C 622 -3.09 -5.28 -50.95
CA TYR C 622 -3.26 -3.89 -50.53
C TYR C 622 -3.53 -3.01 -51.74
N GLY C 623 -4.68 -3.27 -52.37
CA GLY C 623 -5.07 -2.53 -53.56
C GLY C 623 -5.68 -1.18 -53.26
N SER C 624 -6.79 -1.18 -52.54
CA SER C 624 -7.51 0.04 -52.18
C SER C 624 -7.38 0.29 -50.68
N PHE C 625 -7.95 1.43 -50.25
CA PHE C 625 -7.89 1.80 -48.85
C PHE C 625 -8.67 0.81 -47.98
N SER C 626 -9.85 0.38 -48.44
CA SER C 626 -10.65 -0.57 -47.68
C SER C 626 -9.94 -1.91 -47.57
N ASP C 627 -9.36 -2.39 -48.67
CA ASP C 627 -8.63 -3.65 -48.62
C ASP C 627 -7.42 -3.54 -47.70
N ALA C 628 -6.71 -2.41 -47.75
CA ALA C 628 -5.54 -2.24 -46.90
C ALA C 628 -5.92 -2.21 -45.42
N VAL C 629 -7.00 -1.49 -45.08
CA VAL C 629 -7.39 -1.42 -43.68
C VAL C 629 -7.92 -2.77 -43.20
N LEU C 630 -8.60 -3.52 -44.07
CA LEU C 630 -9.03 -4.86 -43.70
C LEU C 630 -7.85 -5.77 -43.44
N GLU C 631 -6.83 -5.72 -44.31
CA GLU C 631 -5.64 -6.54 -44.10
C GLU C 631 -4.91 -6.15 -42.83
N LEU C 632 -4.83 -4.85 -42.54
CA LEU C 632 -4.19 -4.40 -41.31
C LEU C 632 -4.95 -4.91 -40.08
N PHE C 633 -6.28 -4.84 -40.11
CA PHE C 633 -7.07 -5.35 -39.00
C PHE C 633 -6.88 -6.86 -38.83
N LYS C 634 -6.85 -7.60 -39.94
CA LYS C 634 -6.63 -9.04 -39.86
C LYS C 634 -5.26 -9.36 -39.28
N LEU C 635 -4.24 -8.61 -39.68
CA LEU C 635 -2.91 -8.82 -39.12
C LEU C 635 -2.88 -8.49 -37.63
N THR C 636 -3.63 -7.47 -37.22
CA THR C 636 -3.66 -7.10 -35.81
C THR C 636 -4.34 -8.17 -34.96
N ILE C 637 -5.51 -8.64 -35.39
CA ILE C 637 -6.25 -9.61 -34.58
C ILE C 637 -5.60 -10.99 -34.60
N GLY C 638 -4.74 -11.27 -35.56
CA GLY C 638 -3.97 -12.50 -35.57
C GLY C 638 -4.36 -13.54 -36.61
N LEU C 639 -5.00 -13.14 -37.71
CA LEU C 639 -5.35 -14.06 -38.78
C LEU C 639 -4.59 -13.68 -40.05
N GLY C 640 -4.74 -14.52 -41.07
CA GLY C 640 -4.10 -14.27 -42.35
C GLY C 640 -2.61 -14.61 -42.32
N ASP C 641 -1.92 -14.14 -43.35
CA ASP C 641 -0.49 -14.35 -43.50
C ASP C 641 0.19 -13.05 -43.88
N LEU C 642 1.42 -12.88 -43.39
CA LEU C 642 2.22 -11.70 -43.68
C LEU C 642 3.03 -11.98 -44.95
N ASN C 643 2.44 -11.64 -46.10
CA ASN C 643 3.10 -11.81 -47.39
C ASN C 643 3.86 -10.54 -47.72
N ILE C 644 5.19 -10.65 -47.84
CA ILE C 644 6.01 -9.48 -48.12
C ILE C 644 5.96 -9.07 -49.59
N GLN C 645 5.67 -10.01 -50.49
CA GLN C 645 5.59 -9.72 -51.92
C GLN C 645 4.18 -9.27 -52.25
N GLN C 646 3.96 -7.95 -52.18
CA GLN C 646 2.65 -7.35 -52.44
C GLN C 646 2.67 -6.47 -53.68
N ASN C 647 3.59 -6.75 -54.61
CA ASN C 647 3.72 -5.98 -55.84
C ASN C 647 3.92 -4.49 -55.55
N SER C 648 4.73 -4.19 -54.54
CA SER C 648 4.99 -2.82 -54.13
C SER C 648 6.18 -2.26 -54.88
N LYS C 649 6.18 -0.93 -55.08
CA LYS C 649 7.31 -0.27 -55.73
C LYS C 649 8.55 -0.33 -54.86
N TYR C 650 8.38 -0.22 -53.55
CA TYR C 650 9.49 -0.26 -52.58
C TYR C 650 9.21 -1.38 -51.59
N PRO C 651 9.66 -2.60 -51.88
CA PRO C 651 9.42 -3.70 -50.93
C PRO C 651 10.03 -3.47 -49.56
N ILE C 652 11.24 -2.91 -49.50
CA ILE C 652 11.88 -2.65 -48.22
C ILE C 652 11.08 -1.63 -47.42
N LEU C 653 10.61 -0.57 -48.08
CA LEU C 653 9.82 0.44 -47.39
C LEU C 653 8.49 -0.14 -46.92
N PHE C 654 7.85 -0.97 -47.74
CA PHE C 654 6.60 -1.61 -47.33
C PHE C 654 6.81 -2.49 -46.12
N LEU C 655 7.88 -3.29 -46.12
CA LEU C 655 8.18 -4.12 -44.97
C LEU C 655 8.47 -3.29 -43.73
N PHE C 656 9.20 -2.19 -43.89
CA PHE C 656 9.50 -1.32 -42.75
C PHE C 656 8.23 -0.74 -42.17
N LEU C 657 7.32 -0.26 -43.03
CA LEU C 657 6.06 0.29 -42.53
C LEU C 657 5.23 -0.78 -41.83
N LEU C 658 5.19 -1.99 -42.39
CA LEU C 658 4.42 -3.07 -41.76
C LEU C 658 4.99 -3.43 -40.39
N ILE C 659 6.33 -3.52 -40.29
CA ILE C 659 6.95 -3.86 -39.01
C ILE C 659 6.72 -2.74 -38.00
N THR C 660 6.78 -1.48 -38.46
CA THR C 660 6.51 -0.36 -37.56
C THR C 660 5.08 -0.40 -37.03
N TYR C 661 4.11 -0.70 -37.91
CA TYR C 661 2.73 -0.83 -37.47
C TYR C 661 2.57 -1.98 -36.47
N VAL C 662 3.23 -3.10 -36.73
CA VAL C 662 3.13 -4.26 -35.84
C VAL C 662 3.69 -3.90 -34.47
N ILE C 663 4.84 -3.23 -34.43
CA ILE C 663 5.44 -2.83 -33.15
C ILE C 663 4.53 -1.85 -32.43
N LEU C 664 3.95 -0.89 -33.16
CA LEU C 664 3.13 0.13 -32.53
C LEU C 664 1.86 -0.46 -31.94
N THR C 665 1.23 -1.41 -32.64
CA THR C 665 -0.07 -1.93 -32.20
C THR C 665 0.08 -3.16 -31.29
N PHE C 666 0.68 -4.22 -31.80
CA PHE C 666 0.71 -5.49 -31.06
C PHE C 666 1.58 -5.39 -29.81
N VAL C 667 2.79 -4.84 -29.95
CA VAL C 667 3.71 -4.82 -28.82
C VAL C 667 3.29 -3.78 -27.79
N LEU C 668 2.92 -2.58 -28.25
CA LEU C 668 2.69 -1.45 -27.36
C LEU C 668 1.22 -1.29 -26.96
N LEU C 669 0.33 -1.12 -27.93
CA LEU C 669 -1.02 -0.65 -27.63
C LEU C 669 -1.82 -1.70 -26.87
N LEU C 670 -1.76 -2.97 -27.29
CA LEU C 670 -2.60 -3.99 -26.66
C LEU C 670 -2.19 -4.24 -25.22
N ASN C 671 -0.89 -4.42 -24.97
CA ASN C 671 -0.44 -4.66 -23.61
C ASN C 671 -0.60 -3.41 -22.74
N MET C 672 -0.46 -2.22 -23.35
CA MET C 672 -0.77 -1.00 -22.64
C MET C 672 -2.23 -0.96 -22.21
N LEU C 673 -3.15 -1.34 -23.09
CA LEU C 673 -4.55 -1.37 -22.73
C LEU C 673 -4.79 -2.39 -21.62
N ILE C 674 -4.09 -3.52 -21.67
CA ILE C 674 -4.17 -4.50 -20.60
C ILE C 674 -3.78 -3.87 -19.27
N ALA C 675 -2.66 -3.14 -19.24
CA ALA C 675 -2.19 -2.53 -18.00
C ALA C 675 -3.15 -1.47 -17.49
N LEU C 676 -3.61 -0.58 -18.37
CA LEU C 676 -4.54 0.47 -17.97
C LEU C 676 -5.84 -0.12 -17.44
N MET C 677 -6.35 -1.15 -18.10
CA MET C 677 -7.59 -1.76 -17.66
C MET C 677 -7.39 -2.50 -16.34
N GLY C 678 -6.20 -3.05 -16.12
CA GLY C 678 -5.92 -3.64 -14.82
C GLY C 678 -5.95 -2.63 -13.70
N GLU C 679 -5.30 -1.48 -13.92
CA GLU C 679 -5.33 -0.42 -12.92
C GLU C 679 -6.76 0.05 -12.66
N THR C 680 -7.54 0.27 -13.73
CA THR C 680 -8.92 0.70 -13.57
C THR C 680 -9.75 -0.34 -12.84
N VAL C 681 -9.52 -1.62 -13.16
CA VAL C 681 -10.25 -2.71 -12.53
C VAL C 681 -10.00 -2.71 -11.03
N GLU C 682 -8.73 -2.60 -10.63
CA GLU C 682 -8.43 -2.54 -9.20
C GLU C 682 -9.11 -1.33 -8.55
N ASN C 683 -8.98 -0.17 -9.19
CA ASN C 683 -9.47 1.07 -8.58
C ASN C 683 -10.97 1.04 -8.36
N VAL C 684 -11.73 0.59 -9.36
CA VAL C 684 -13.18 0.65 -9.23
C VAL C 684 -13.76 -0.67 -8.72
N SER C 685 -12.90 -1.67 -8.49
CA SER C 685 -13.33 -2.84 -7.74
C SER C 685 -13.18 -2.58 -6.25
N LYS C 686 -12.29 -1.66 -5.88
CA LYS C 686 -12.27 -1.18 -4.51
C LYS C 686 -13.56 -0.47 -4.13
N GLU C 687 -14.31 0.04 -5.12
CA GLU C 687 -15.51 0.85 -4.86
C GLU C 687 -16.68 0.38 -5.73
N SER C 688 -16.98 -0.91 -5.75
CA SER C 688 -18.08 -1.42 -6.56
C SER C 688 -19.31 -1.81 -5.77
N GLU C 689 -19.15 -2.17 -4.49
CA GLU C 689 -20.30 -2.55 -3.67
C GLU C 689 -21.26 -1.39 -3.51
N ARG C 690 -20.74 -0.18 -3.32
CA ARG C 690 -21.61 0.99 -3.20
C ARG C 690 -22.42 1.22 -4.47
N ILE C 691 -21.78 1.07 -5.63
CA ILE C 691 -22.50 1.26 -6.89
C ILE C 691 -23.57 0.20 -7.06
N TRP C 692 -23.26 -1.05 -6.70
CA TRP C 692 -24.27 -2.11 -6.79
C TRP C 692 -25.44 -1.84 -5.87
N ARG C 693 -25.17 -1.39 -4.64
CA ARG C 693 -26.24 -1.07 -3.71
C ARG C 693 -27.10 0.08 -4.22
N LEU C 694 -26.46 1.09 -4.83
CA LEU C 694 -27.22 2.22 -5.38
C LEU C 694 -28.11 1.76 -6.53
N GLN C 695 -27.60 0.89 -7.40
CA GLN C 695 -28.42 0.37 -8.49
C GLN C 695 -29.59 -0.44 -7.96
N ARG C 696 -29.35 -1.27 -6.95
CA ARG C 696 -30.44 -2.06 -6.36
C ARG C 696 -31.49 -1.15 -5.73
N ALA C 697 -31.06 -0.10 -5.03
CA ALA C 697 -32.00 0.83 -4.43
C ALA C 697 -32.81 1.56 -5.49
N ARG C 698 -32.17 1.96 -6.59
CA ARG C 698 -32.89 2.61 -7.68
C ARG C 698 -33.93 1.67 -8.28
N THR C 699 -33.58 0.40 -8.48
CA THR C 699 -34.54 -0.56 -9.00
C THR C 699 -35.72 -0.75 -8.05
N ILE C 700 -35.43 -0.85 -6.74
CA ILE C 700 -36.48 -1.03 -5.75
C ILE C 700 -37.42 0.17 -5.76
N LEU C 701 -36.87 1.38 -5.81
CA LEU C 701 -37.72 2.57 -5.81
C LEU C 701 -38.54 2.67 -7.09
N GLU C 702 -37.95 2.29 -8.23
CA GLU C 702 -38.71 2.30 -9.48
C GLU C 702 -39.87 1.33 -9.42
N PHE C 703 -39.64 0.11 -8.92
CA PHE C 703 -40.72 -0.86 -8.80
C PHE C 703 -41.78 -0.40 -7.81
N GLU C 704 -41.35 0.27 -6.73
CA GLU C 704 -42.30 0.81 -5.76
C GLU C 704 -43.18 1.88 -6.38
N LYS C 705 -42.59 2.75 -7.21
CA LYS C 705 -43.37 3.79 -7.87
C LYS C 705 -44.29 3.20 -8.93
N MET C 706 -43.89 2.07 -9.54
CA MET C 706 -44.70 1.46 -10.59
C MET C 706 -45.99 0.86 -10.03
N LEU C 707 -46.05 0.62 -8.72
CA LEU C 707 -47.20 -0.04 -8.12
C LEU C 707 -48.45 0.83 -8.25
N PRO C 708 -49.62 0.22 -8.32
CA PRO C 708 -50.87 0.99 -8.42
C PRO C 708 -51.26 1.57 -7.06
N GLU C 709 -52.38 2.27 -7.04
CA GLU C 709 -52.78 3.03 -5.85
C GLU C 709 -53.13 2.10 -4.69
N TRP C 710 -53.96 1.08 -4.94
CA TRP C 710 -54.44 0.25 -3.84
C TRP C 710 -53.34 -0.66 -3.30
N LEU C 711 -52.39 -1.04 -4.16
CA LEU C 711 -51.30 -1.90 -3.69
C LEU C 711 -50.33 -1.14 -2.81
N ARG C 712 -50.14 0.16 -3.08
CA ARG C 712 -49.26 0.97 -2.24
C ARG C 712 -49.80 1.09 -0.83
N SER C 713 -51.12 1.28 -0.69
CA SER C 713 -51.72 1.38 0.64
C SER C 713 -51.60 0.08 1.41
N ARG C 714 -51.80 -1.05 0.73
CA ARG C 714 -51.66 -2.35 1.40
C ARG C 714 -50.24 -2.60 1.85
N PHE C 715 -49.26 -2.27 1.02
CA PHE C 715 -47.86 -2.48 1.35
C PHE C 715 -47.30 -1.40 2.27
N ARG C 716 -48.06 -0.35 2.55
CA ARG C 716 -47.63 0.67 3.48
C ARG C 716 -47.53 0.09 4.88
N MET C 717 -46.30 -0.08 5.36
CA MET C 717 -46.05 -0.71 6.66
C MET C 717 -45.57 0.35 7.64
N GLY C 718 -46.18 0.35 8.83
CA GLY C 718 -45.83 1.29 9.87
C GLY C 718 -46.88 1.34 10.96
N GLU C 719 -46.45 1.37 12.22
CA GLU C 719 -47.36 1.39 13.35
C GLU C 719 -47.55 2.81 13.83
N LEU C 720 -48.81 3.22 13.98
CA LEU C 720 -49.11 4.56 14.44
C LEU C 720 -48.79 4.70 15.93
N CYS C 721 -48.37 5.89 16.32
CA CYS C 721 -48.04 6.17 17.72
C CYS C 721 -48.66 7.48 18.17
N ARG C 729 -48.04 10.78 13.11
CA ARG C 729 -46.77 10.08 13.13
C ARG C 729 -46.91 8.63 12.69
N LEU C 730 -45.90 8.11 12.00
CA LEU C 730 -45.88 6.73 11.51
C LEU C 730 -44.56 6.11 11.95
N CYS C 731 -44.53 5.58 13.16
CA CYS C 731 -43.31 5.00 13.71
C CYS C 731 -43.07 3.61 13.13
N LEU C 732 -41.78 3.25 13.05
CA LEU C 732 -41.36 1.95 12.58
C LEU C 732 -40.48 1.31 13.64
N ARG C 733 -40.78 0.07 14.01
CA ARG C 733 -40.05 -0.63 15.07
C ARG C 733 -38.88 -1.38 14.46
N ILE C 734 -37.67 -1.10 14.94
CA ILE C 734 -36.45 -1.73 14.44
C ILE C 734 -35.71 -2.33 15.62
N ASN C 735 -35.33 -3.60 15.51
CA ASN C 735 -34.55 -4.30 16.52
C ASN C 735 -33.12 -4.41 16.02
N GLU C 736 -32.18 -3.83 16.78
CA GLU C 736 -30.79 -3.78 16.37
C GLU C 736 -29.90 -4.39 17.44
N VAL C 737 -28.91 -5.17 16.99
CA VAL C 737 -27.91 -5.76 17.86
C VAL C 737 -26.54 -5.28 17.41
N LYS C 738 -25.78 -4.70 18.34
CA LYS C 738 -24.43 -4.19 18.07
C LYS C 738 -23.50 -4.83 19.10
N TRP C 739 -23.02 -6.04 18.78
CA TRP C 739 -22.18 -6.76 19.73
C TRP C 739 -20.84 -6.05 19.95
N THR C 740 -20.24 -5.54 18.88
CA THR C 740 -18.97 -4.83 19.02
C THR C 740 -19.14 -3.57 19.87
N GLU C 741 -20.19 -2.79 19.60
CA GLU C 741 -20.42 -1.58 20.37
C GLU C 741 -20.70 -1.91 21.83
N TRP C 742 -21.50 -2.95 22.09
CA TRP C 742 -21.81 -3.34 23.46
C TRP C 742 -20.56 -3.79 24.19
N LYS C 743 -19.69 -4.57 23.52
CA LYS C 743 -18.46 -5.02 24.14
C LYS C 743 -17.53 -3.85 24.44
N THR C 744 -17.42 -2.91 23.50
CA THR C 744 -16.56 -1.74 23.72
C THR C 744 -17.08 -0.89 24.87
N HIS C 745 -18.40 -0.76 24.98
CA HIS C 745 -18.98 0.03 26.07
C HIS C 745 -18.82 -0.67 27.41
N VAL C 746 -18.91 -2.01 27.43
CA VAL C 746 -18.86 -2.73 28.68
C VAL C 746 -17.43 -3.03 29.13
N SER C 747 -16.45 -2.94 28.23
CA SER C 747 -15.07 -3.19 28.62
C SER C 747 -14.45 -2.04 29.41
N PHE C 748 -15.11 -0.89 29.47
CA PHE C 748 -14.59 0.25 30.20
C PHE C 748 -14.65 0.01 31.71
N ARG D 117 -58.86 -1.01 38.53
CA ARG D 117 -57.65 -1.12 37.73
C ARG D 117 -56.86 0.19 37.75
N ARG D 118 -57.47 1.24 38.30
CA ARG D 118 -56.81 2.53 38.37
C ARG D 118 -55.69 2.52 39.39
N LEU D 119 -55.85 1.74 40.47
CA LEU D 119 -54.82 1.70 41.50
C LEU D 119 -53.53 1.10 40.98
N LYS D 120 -53.63 0.02 40.20
CA LYS D 120 -52.43 -0.59 39.63
C LYS D 120 -51.73 0.35 38.66
N LYS D 121 -52.51 1.07 37.84
CA LYS D 121 -51.93 2.03 36.92
C LYS D 121 -51.23 3.16 37.67
N ARG D 122 -51.84 3.64 38.75
CA ARG D 122 -51.20 4.69 39.55
C ARG D 122 -49.92 4.18 40.19
N ILE D 123 -49.93 2.95 40.71
CA ILE D 123 -48.73 2.37 41.30
C ILE D 123 -47.62 2.28 40.27
N PHE D 124 -47.95 1.80 39.07
CA PHE D 124 -46.94 1.65 38.02
C PHE D 124 -46.40 3.00 37.58
N ALA D 125 -47.28 4.00 37.45
CA ALA D 125 -46.83 5.33 37.06
C ALA D 125 -45.92 5.93 38.11
N ALA D 126 -46.28 5.78 39.39
CA ALA D 126 -45.43 6.31 40.46
C ALA D 126 -44.08 5.61 40.50
N VAL D 127 -44.07 4.29 40.30
CA VAL D 127 -42.82 3.55 40.29
C VAL D 127 -41.93 3.99 39.13
N SER D 128 -42.53 4.20 37.96
CA SER D 128 -41.77 4.62 36.80
C SER D 128 -41.23 6.04 36.98
N GLU D 129 -42.04 6.94 37.57
CA GLU D 129 -41.60 8.32 37.72
C GLU D 129 -40.53 8.46 38.80
N GLY D 130 -40.72 7.81 39.94
CA GLY D 130 -39.77 7.90 41.03
C GLY D 130 -40.10 8.93 42.08
N CYS D 131 -41.31 9.48 42.08
CA CYS D 131 -41.70 10.47 43.08
C CYS D 131 -41.90 9.79 44.42
N VAL D 132 -41.06 10.16 45.39
CA VAL D 132 -41.10 9.50 46.71
C VAL D 132 -42.42 9.80 47.42
N GLU D 133 -42.84 11.07 47.42
CA GLU D 133 -44.07 11.45 48.11
C GLU D 133 -45.29 10.81 47.44
N GLU D 134 -45.35 10.84 46.11
CA GLU D 134 -46.46 10.23 45.41
C GLU D 134 -46.51 8.73 45.64
N LEU D 135 -45.35 8.07 45.63
CA LEU D 135 -45.30 6.63 45.89
C LEU D 135 -45.75 6.31 47.30
N VAL D 136 -45.34 7.14 48.27
CA VAL D 136 -45.75 6.92 49.66
C VAL D 136 -47.25 7.09 49.81
N GLU D 137 -47.82 8.13 49.17
CA GLU D 137 -49.27 8.33 49.24
C GLU D 137 -50.01 7.18 48.59
N LEU D 138 -49.52 6.70 47.44
CA LEU D 138 -50.18 5.58 46.77
C LEU D 138 -50.09 4.31 47.60
N LEU D 139 -48.95 4.08 48.25
CA LEU D 139 -48.81 2.92 49.13
C LEU D 139 -49.75 3.02 50.32
N VAL D 140 -49.91 4.23 50.88
CA VAL D 140 -50.84 4.42 51.99
C VAL D 140 -52.26 4.12 51.54
N GLU D 141 -52.63 4.60 50.33
CA GLU D 141 -53.96 4.32 49.80
C GLU D 141 -54.16 2.82 49.58
N LEU D 142 -53.13 2.13 49.07
CA LEU D 142 -53.24 0.70 48.85
C LEU D 142 -53.40 -0.05 50.17
N GLN D 143 -52.65 0.36 51.19
CA GLN D 143 -52.77 -0.26 52.51
C GLN D 143 -54.15 -0.03 53.10
N GLU D 144 -54.69 1.18 52.94
CA GLU D 144 -56.04 1.47 53.42
C GLU D 144 -57.08 0.62 52.69
N LEU D 145 -56.92 0.46 51.38
CA LEU D 145 -57.84 -0.36 50.62
C LEU D 145 -57.76 -1.82 51.03
N CYS D 146 -56.55 -2.32 51.28
CA CYS D 146 -56.38 -3.70 51.71
C CYS D 146 -56.98 -3.92 53.10
N ARG D 147 -56.79 -2.97 54.00
CA ARG D 147 -57.34 -3.07 55.35
C ARG D 147 -58.83 -2.72 55.37
N LEU D 158 -52.66 -8.63 47.42
CA LEU D 158 -51.84 -7.54 46.91
C LEU D 158 -51.08 -7.97 45.66
N MET D 159 -50.95 -9.29 45.48
CA MET D 159 -50.24 -9.80 44.31
C MET D 159 -50.96 -9.46 43.01
N HIS D 160 -52.29 -9.53 43.02
CA HIS D 160 -53.05 -9.20 41.83
C HIS D 160 -52.89 -7.73 41.45
N LYS D 161 -52.87 -6.85 42.44
CA LYS D 161 -52.70 -5.41 42.18
C LYS D 161 -51.27 -5.07 41.81
N LEU D 162 -50.30 -5.85 42.29
CA LEU D 162 -48.89 -5.56 42.04
C LEU D 162 -48.37 -6.17 40.74
N THR D 163 -49.00 -7.23 40.25
CA THR D 163 -48.54 -7.92 39.05
C THR D 163 -49.36 -7.46 37.86
N ALA D 164 -48.67 -7.19 36.75
CA ALA D 164 -49.30 -6.79 35.49
C ALA D 164 -49.33 -7.96 34.54
N SER D 165 -50.49 -8.19 33.91
CA SER D 165 -50.65 -9.32 33.00
C SER D 165 -50.06 -9.07 31.63
N ASP D 166 -49.57 -7.85 31.36
CA ASP D 166 -48.99 -7.56 30.04
C ASP D 166 -47.76 -8.40 29.78
N THR D 167 -46.89 -8.53 30.78
CA THR D 167 -45.68 -9.34 30.63
C THR D 167 -45.37 -10.16 31.88
N GLY D 168 -46.30 -10.22 32.84
CA GLY D 168 -46.04 -10.94 34.07
C GLY D 168 -44.95 -10.33 34.91
N ALA D 169 -44.83 -9.01 34.88
CA ALA D 169 -43.80 -8.29 35.62
C ALA D 169 -44.31 -7.92 37.01
N THR D 170 -43.55 -7.08 37.71
CA THR D 170 -43.92 -6.63 39.05
C THR D 170 -43.47 -5.18 39.22
N CYS D 171 -43.84 -4.59 40.36
CA CYS D 171 -43.46 -3.22 40.64
C CYS D 171 -41.95 -3.08 40.76
N LEU D 172 -41.29 -4.07 41.38
CA LEU D 172 -39.83 -4.02 41.50
C LEU D 172 -39.18 -4.12 40.13
N MET D 173 -39.69 -5.00 39.26
CA MET D 173 -39.14 -5.10 37.92
C MET D 173 -39.34 -3.81 37.13
N LYS D 174 -40.51 -3.19 37.28
CA LYS D 174 -40.75 -1.92 36.59
C LYS D 174 -39.82 -0.83 37.11
N ALA D 175 -39.59 -0.79 38.42
CA ALA D 175 -38.69 0.21 38.98
C ALA D 175 -37.26 0.01 38.52
N LEU D 176 -36.81 -1.25 38.48
CA LEU D 176 -35.44 -1.54 38.06
C LEU D 176 -35.25 -1.32 36.56
N LEU D 177 -36.27 -1.57 35.74
CA LEU D 177 -36.16 -1.34 34.31
C LEU D 177 -36.07 0.14 33.99
N ASN D 178 -36.74 0.98 34.78
CA ASN D 178 -36.75 2.43 34.60
C ASN D 178 -36.06 3.15 35.75
N ILE D 179 -34.87 2.68 36.13
CA ILE D 179 -34.16 3.26 37.26
C ILE D 179 -33.87 4.74 37.00
N ASN D 180 -33.96 5.53 38.07
CA ASN D 180 -33.75 6.97 38.00
C ASN D 180 -32.81 7.39 39.12
N PRO D 181 -32.50 8.69 39.25
CA PRO D 181 -31.59 9.12 40.32
C PRO D 181 -32.12 8.83 41.72
N ASN D 182 -33.43 8.63 41.88
CA ASN D 182 -34.02 8.29 43.16
C ASN D 182 -34.63 6.90 43.14
N THR D 183 -34.06 5.99 42.35
CA THR D 183 -34.60 4.64 42.25
C THR D 183 -34.32 3.83 43.51
N LYS D 184 -33.22 4.12 44.21
CA LYS D 184 -32.91 3.39 45.44
C LYS D 184 -33.97 3.61 46.50
N GLU D 185 -34.45 4.85 46.64
CA GLU D 185 -35.49 5.14 47.62
C GLU D 185 -36.79 4.42 47.27
N ILE D 186 -37.14 4.40 45.99
CA ILE D 186 -38.37 3.72 45.57
C ILE D 186 -38.24 2.21 45.83
N VAL D 187 -37.07 1.64 45.53
CA VAL D 187 -36.86 0.21 45.76
C VAL D 187 -36.96 -0.10 47.25
N ARG D 188 -36.35 0.75 48.09
CA ARG D 188 -36.42 0.55 49.53
C ARG D 188 -37.86 0.65 50.05
N ILE D 189 -38.62 1.61 49.53
CA ILE D 189 -40.02 1.76 49.95
C ILE D 189 -40.82 0.54 49.53
N LEU D 190 -40.62 0.04 48.31
CA LEU D 190 -41.33 -1.14 47.86
C LEU D 190 -40.97 -2.36 48.70
N LEU D 191 -39.68 -2.51 49.03
CA LEU D 191 -39.26 -3.63 49.87
C LEU D 191 -39.87 -3.54 51.26
N ALA D 192 -39.92 -2.32 51.83
CA ALA D 192 -40.53 -2.15 53.15
C ALA D 192 -42.01 -2.46 53.11
N PHE D 193 -42.70 -2.03 52.06
CA PHE D 193 -44.13 -2.34 51.93
C PHE D 193 -44.36 -3.84 51.79
N ALA D 194 -43.51 -4.52 51.02
CA ALA D 194 -43.64 -5.97 50.87
C ALA D 194 -43.38 -6.68 52.18
N GLU D 195 -42.39 -6.21 52.95
CA GLU D 195 -42.12 -6.80 54.26
C GLU D 195 -43.28 -6.58 55.22
N GLU D 196 -43.86 -5.38 55.20
CA GLU D 196 -45.01 -5.10 56.06
C GLU D 196 -46.19 -5.98 55.69
N ASN D 197 -46.41 -6.18 54.38
CA ASN D 197 -47.48 -7.07 53.92
C ASN D 197 -47.11 -8.54 54.00
N ASP D 198 -45.87 -8.86 54.38
CA ASP D 198 -45.40 -10.24 54.50
C ASP D 198 -45.55 -11.00 53.19
N ILE D 199 -45.21 -10.34 52.09
CA ILE D 199 -45.30 -10.93 50.75
C ILE D 199 -43.99 -10.76 49.98
N LEU D 200 -42.93 -10.28 50.63
CA LEU D 200 -41.67 -10.07 49.95
C LEU D 200 -41.13 -11.37 49.36
N GLY D 201 -41.13 -12.44 50.17
CA GLY D 201 -40.73 -13.73 49.67
C GLY D 201 -41.61 -14.22 48.54
N ARG D 202 -42.87 -13.77 48.51
CA ARG D 202 -43.74 -14.12 47.39
C ARG D 202 -43.34 -13.38 46.12
N PHE D 203 -42.82 -12.16 46.28
CA PHE D 203 -42.43 -11.35 45.13
C PHE D 203 -40.98 -11.57 44.71
N ILE D 204 -40.16 -12.18 45.56
CA ILE D 204 -38.77 -12.44 45.21
C ILE D 204 -38.69 -13.49 44.11
N ASN D 205 -39.56 -14.48 44.15
CA ASN D 205 -39.59 -15.55 43.17
C ASN D 205 -40.46 -15.23 41.96
N ALA D 206 -41.00 -14.02 41.87
CA ALA D 206 -41.84 -13.66 40.73
C ALA D 206 -41.01 -13.64 39.45
N GLU D 207 -41.61 -14.14 38.36
CA GLU D 207 -40.93 -14.23 37.09
C GLU D 207 -41.89 -13.87 35.97
N TYR D 208 -41.34 -13.61 34.79
CA TYR D 208 -42.14 -13.27 33.62
C TYR D 208 -42.96 -14.48 33.20
N THR D 209 -44.26 -14.26 32.96
CA THR D 209 -45.12 -15.33 32.47
C THR D 209 -45.19 -15.37 30.95
N GLU D 210 -44.60 -14.40 30.25
CA GLU D 210 -44.61 -14.37 28.80
C GLU D 210 -43.69 -15.46 28.24
N GLU D 211 -43.93 -15.81 26.98
CA GLU D 211 -43.16 -16.83 26.30
C GLU D 211 -41.91 -16.29 25.63
N ALA D 212 -41.63 -14.99 25.76
CA ALA D 212 -40.47 -14.37 25.13
C ALA D 212 -39.28 -14.25 26.07
N TYR D 213 -39.51 -13.77 27.29
CA TYR D 213 -38.44 -13.55 28.27
C TYR D 213 -38.80 -14.21 29.59
N GLU D 214 -39.25 -15.46 29.54
CA GLU D 214 -39.61 -16.18 30.74
C GLU D 214 -38.39 -16.45 31.60
N GLY D 215 -38.54 -16.30 32.91
CA GLY D 215 -37.47 -16.54 33.85
C GLY D 215 -36.79 -15.30 34.39
N GLN D 216 -37.12 -14.11 33.87
CA GLN D 216 -36.54 -12.88 34.38
C GLN D 216 -36.96 -12.62 35.81
N THR D 217 -36.06 -12.00 36.57
CA THR D 217 -36.30 -11.68 37.96
C THR D 217 -35.72 -10.30 38.27
N ALA D 218 -36.09 -9.78 39.45
CA ALA D 218 -35.60 -8.48 39.87
C ALA D 218 -34.08 -8.49 40.02
N LEU D 219 -33.53 -9.57 40.57
CA LEU D 219 -32.09 -9.70 40.68
C LEU D 219 -31.43 -9.72 39.31
N ASN D 220 -32.03 -10.44 38.35
CA ASN D 220 -31.49 -10.48 37.00
C ASN D 220 -31.47 -9.08 36.37
N ILE D 221 -32.57 -8.35 36.52
CA ILE D 221 -32.65 -7.00 35.94
C ILE D 221 -31.63 -6.08 36.61
N ALA D 222 -31.50 -6.18 37.94
CA ALA D 222 -30.55 -5.32 38.65
C ALA D 222 -29.11 -5.63 38.24
N ILE D 223 -28.79 -6.91 38.03
CA ILE D 223 -27.44 -7.28 37.60
C ILE D 223 -27.20 -6.78 36.18
N GLU D 224 -28.20 -6.88 35.31
CA GLU D 224 -28.05 -6.39 33.95
C GLU D 224 -27.83 -4.88 33.92
N ARG D 225 -28.58 -4.15 34.74
CA ARG D 225 -28.49 -2.69 34.74
C ARG D 225 -27.26 -2.17 35.48
N ARG D 226 -26.33 -3.04 35.87
CA ARG D 226 -25.08 -2.68 36.52
C ARG D 226 -25.29 -1.95 37.85
N GLN D 227 -26.46 -2.09 38.48
CA GLN D 227 -26.72 -1.39 39.74
C GLN D 227 -26.31 -2.31 40.89
N GLY D 228 -25.04 -2.17 41.28
CA GLY D 228 -24.46 -3.09 42.25
C GLY D 228 -25.07 -2.98 43.63
N ASP D 229 -25.38 -1.76 44.07
CA ASP D 229 -25.94 -1.58 45.41
C ASP D 229 -27.30 -2.26 45.53
N ILE D 230 -28.18 -2.01 44.55
CA ILE D 230 -29.51 -2.64 44.57
C ILE D 230 -29.38 -4.15 44.39
N ALA D 231 -28.43 -4.60 43.57
CA ALA D 231 -28.23 -6.03 43.39
C ALA D 231 -27.83 -6.70 44.70
N ALA D 232 -26.88 -6.10 45.43
CA ALA D 232 -26.47 -6.65 46.71
C ALA D 232 -27.62 -6.60 47.72
N LEU D 233 -28.41 -5.53 47.70
CA LEU D 233 -29.56 -5.45 48.60
C LEU D 233 -30.55 -6.56 48.32
N LEU D 234 -30.83 -6.84 47.04
CA LEU D 234 -31.75 -7.92 46.69
C LEU D 234 -31.20 -9.28 47.10
N ILE D 235 -29.89 -9.49 46.90
CA ILE D 235 -29.29 -10.76 47.29
C ILE D 235 -29.40 -10.95 48.81
N ALA D 236 -29.14 -9.88 49.57
CA ALA D 236 -29.27 -9.95 51.02
C ALA D 236 -30.72 -10.10 51.47
N ALA D 237 -31.68 -9.67 50.64
CA ALA D 237 -33.09 -9.79 50.98
C ALA D 237 -33.67 -11.16 50.66
N GLY D 238 -32.90 -12.05 50.04
CA GLY D 238 -33.39 -13.37 49.73
C GLY D 238 -33.79 -13.59 48.29
N ALA D 239 -33.20 -12.87 47.35
CA ALA D 239 -33.51 -13.07 45.93
C ALA D 239 -32.98 -14.41 45.46
N ASP D 240 -33.69 -15.02 44.52
CA ASP D 240 -33.27 -16.30 43.97
C ASP D 240 -31.98 -16.15 43.18
N VAL D 241 -30.95 -16.86 43.60
CA VAL D 241 -29.64 -16.82 42.95
C VAL D 241 -29.53 -17.86 41.85
N ASN D 242 -30.06 -19.05 42.08
CA ASN D 242 -30.03 -20.14 41.11
C ASN D 242 -31.20 -20.09 40.13
N ALA D 243 -31.88 -18.94 40.01
CA ALA D 243 -33.00 -18.83 39.11
C ALA D 243 -32.54 -18.95 37.66
N HIS D 244 -33.25 -19.77 36.89
CA HIS D 244 -32.92 -20.02 35.49
C HIS D 244 -33.89 -19.23 34.61
N ALA D 245 -33.33 -18.42 33.72
CA ALA D 245 -34.13 -17.61 32.79
C ALA D 245 -34.08 -18.30 31.43
N LYS D 246 -35.06 -19.17 31.19
CA LYS D 246 -35.11 -19.99 29.98
C LYS D 246 -36.05 -19.41 28.93
N GLY D 247 -36.11 -18.09 28.81
CA GLY D 247 -36.93 -17.48 27.79
C GLY D 247 -36.42 -17.77 26.40
N ALA D 248 -37.35 -17.81 25.44
CA ALA D 248 -36.99 -18.13 24.06
C ALA D 248 -36.05 -17.10 23.47
N PHE D 249 -36.25 -15.82 23.80
CA PHE D 249 -35.37 -14.77 23.30
C PHE D 249 -33.98 -14.89 23.91
N PHE D 250 -33.86 -15.52 25.08
CA PHE D 250 -32.57 -15.61 25.76
C PHE D 250 -31.66 -16.63 25.09
N ASN D 251 -32.22 -17.73 24.60
CA ASN D 251 -31.41 -18.73 23.90
C ASN D 251 -31.86 -18.81 22.45
N PRO D 252 -31.73 -17.72 21.69
CA PRO D 252 -32.15 -17.75 20.28
C PRO D 252 -31.27 -18.66 19.45
N LYS D 253 -31.84 -19.15 18.34
CA LYS D 253 -31.11 -20.03 17.45
C LYS D 253 -29.91 -19.31 16.84
N TYR D 254 -30.07 -18.04 16.49
CA TYR D 254 -29.00 -17.23 15.93
C TYR D 254 -28.45 -16.29 17.00
N GLN D 255 -27.15 -16.02 16.91
CA GLN D 255 -26.50 -15.14 17.88
C GLN D 255 -26.98 -13.71 17.74
N HIS D 256 -27.40 -13.31 16.53
CA HIS D 256 -27.90 -11.96 16.30
C HIS D 256 -29.38 -11.81 16.58
N GLU D 257 -30.09 -12.91 16.82
CA GLU D 257 -31.52 -12.87 17.11
C GLU D 257 -31.83 -12.69 18.60
N GLY D 258 -30.82 -12.66 19.45
CA GLY D 258 -31.05 -12.49 20.87
C GLY D 258 -29.73 -12.41 21.62
N PHE D 259 -29.85 -12.18 22.92
CA PHE D 259 -28.70 -12.07 23.81
C PHE D 259 -28.65 -13.32 24.68
N TYR D 260 -27.55 -14.07 24.58
CA TYR D 260 -27.33 -15.28 25.37
C TYR D 260 -26.20 -15.03 26.35
N PHE D 261 -26.48 -15.22 27.64
CA PHE D 261 -25.49 -15.04 28.69
C PHE D 261 -25.26 -16.26 29.55
N GLY D 262 -26.22 -17.18 29.63
CA GLY D 262 -26.05 -18.38 30.41
C GLY D 262 -27.27 -18.76 31.24
N GLU D 263 -28.33 -17.94 31.15
CA GLU D 263 -29.58 -18.20 31.86
C GLU D 263 -29.35 -18.35 33.36
N THR D 264 -28.52 -17.46 33.93
CA THR D 264 -28.17 -17.52 35.34
C THR D 264 -27.64 -16.15 35.75
N PRO D 265 -28.00 -15.63 36.92
CA PRO D 265 -27.41 -14.36 37.36
C PRO D 265 -25.90 -14.38 37.42
N LEU D 266 -25.30 -15.49 37.85
CA LEU D 266 -23.85 -15.60 37.88
C LEU D 266 -23.27 -15.51 36.47
N ALA D 267 -23.89 -16.20 35.51
CA ALA D 267 -23.41 -16.15 34.13
C ALA D 267 -23.58 -14.76 33.54
N LEU D 268 -24.68 -14.07 33.87
CA LEU D 268 -24.86 -12.72 33.37
C LEU D 268 -23.83 -11.76 33.96
N ALA D 269 -23.54 -11.90 35.25
CA ALA D 269 -22.51 -11.06 35.86
C ALA D 269 -21.14 -11.36 35.25
N ALA D 270 -20.89 -12.62 34.91
CA ALA D 270 -19.62 -12.97 34.28
C ALA D 270 -19.52 -12.38 32.87
N CYS D 271 -20.60 -12.45 32.10
CA CYS D 271 -20.56 -11.97 30.72
C CYS D 271 -20.63 -10.45 30.62
N THR D 272 -21.16 -9.79 31.64
CA THR D 272 -21.34 -8.34 31.61
C THR D 272 -20.20 -7.60 32.31
N ASN D 273 -19.14 -8.30 32.71
CA ASN D 273 -17.94 -7.69 33.28
C ASN D 273 -18.27 -6.89 34.55
N GLN D 274 -18.70 -7.63 35.58
CA GLN D 274 -18.96 -7.09 36.90
C GLN D 274 -18.17 -7.89 37.92
N PRO D 275 -16.87 -7.59 38.08
CA PRO D 275 -16.06 -8.37 39.04
C PRO D 275 -16.60 -8.34 40.46
N GLU D 276 -17.04 -7.18 40.94
CA GLU D 276 -17.54 -7.09 42.31
C GLU D 276 -18.79 -7.95 42.50
N ILE D 277 -19.72 -7.89 41.54
CA ILE D 277 -20.96 -8.64 41.66
C ILE D 277 -20.70 -10.13 41.54
N VAL D 278 -19.82 -10.55 40.62
CA VAL D 278 -19.54 -11.97 40.47
C VAL D 278 -18.81 -12.49 41.71
N GLN D 279 -17.94 -11.68 42.31
CA GLN D 279 -17.27 -12.09 43.54
C GLN D 279 -18.26 -12.21 44.69
N LEU D 280 -19.20 -11.27 44.79
CA LEU D 280 -20.22 -11.34 45.83
C LEU D 280 -21.10 -12.57 45.66
N LEU D 281 -21.43 -12.92 44.41
CA LEU D 281 -22.21 -14.12 44.17
C LEU D 281 -21.42 -15.38 44.50
N MET D 282 -20.13 -15.40 44.15
CA MET D 282 -19.31 -16.57 44.43
C MET D 282 -19.13 -16.77 45.93
N GLU D 283 -18.96 -15.68 46.68
CA GLU D 283 -18.80 -15.79 48.12
C GLU D 283 -20.07 -16.23 48.83
N HIS D 284 -21.21 -16.16 48.16
CA HIS D 284 -22.47 -16.58 48.77
C HIS D 284 -22.48 -18.09 48.95
N GLU D 285 -23.24 -18.55 49.95
CA GLU D 285 -23.31 -19.97 50.27
C GLU D 285 -24.43 -20.69 49.54
N GLN D 286 -25.55 -20.01 49.29
CA GLN D 286 -26.69 -20.65 48.66
C GLN D 286 -26.50 -20.86 47.16
N THR D 287 -25.47 -20.28 46.56
CA THR D 287 -25.24 -20.42 45.13
C THR D 287 -24.55 -21.74 44.82
N ASP D 288 -24.48 -22.06 43.53
CA ASP D 288 -23.76 -23.22 43.03
C ASP D 288 -22.98 -22.85 41.78
N ILE D 289 -21.96 -23.65 41.48
CA ILE D 289 -21.08 -23.40 40.35
C ILE D 289 -21.30 -24.43 39.24
N THR D 290 -21.61 -25.67 39.59
CA THR D 290 -21.81 -26.74 38.62
C THR D 290 -23.19 -26.72 37.97
N SER D 291 -23.94 -25.63 38.13
CA SER D 291 -25.27 -25.56 37.55
C SER D 291 -25.19 -25.51 36.01
N ARG D 292 -26.05 -26.28 35.37
CA ARG D 292 -26.13 -26.34 33.91
C ARG D 292 -27.47 -25.80 33.46
N ASP D 293 -27.45 -24.87 32.51
CA ASP D 293 -28.65 -24.21 32.03
C ASP D 293 -29.38 -25.11 31.03
N SER D 294 -30.35 -24.54 30.32
CA SER D 294 -31.11 -25.30 29.34
C SER D 294 -30.22 -25.82 28.22
N ARG D 295 -29.29 -24.98 27.76
CA ARG D 295 -28.32 -25.41 26.75
C ARG D 295 -27.30 -26.39 27.30
N GLY D 296 -27.28 -26.62 28.61
CA GLY D 296 -26.27 -27.44 29.23
C GLY D 296 -24.96 -26.73 29.53
N ASN D 297 -24.84 -25.47 29.15
CA ASN D 297 -23.61 -24.73 29.34
C ASN D 297 -23.50 -24.19 30.75
N ASN D 298 -22.30 -24.27 31.32
CA ASN D 298 -21.99 -23.69 32.61
C ASN D 298 -21.36 -22.31 32.41
N ILE D 299 -20.81 -21.75 33.49
CA ILE D 299 -20.24 -20.41 33.42
C ILE D 299 -19.07 -20.37 32.44
N LEU D 300 -18.22 -21.41 32.45
CA LEU D 300 -17.08 -21.41 31.55
C LEU D 300 -17.51 -21.52 30.09
N HIS D 301 -18.51 -22.37 29.81
CA HIS D 301 -19.02 -22.46 28.45
C HIS D 301 -19.63 -21.14 28.00
N ALA D 302 -20.39 -20.48 28.89
CA ALA D 302 -20.98 -19.20 28.55
C ALA D 302 -19.92 -18.15 28.26
N LEU D 303 -18.86 -18.11 29.09
CA LEU D 303 -17.77 -17.17 28.86
C LEU D 303 -17.06 -17.46 27.55
N VAL D 304 -16.88 -18.74 27.22
CA VAL D 304 -16.26 -19.10 25.94
C VAL D 304 -17.13 -18.62 24.79
N THR D 305 -18.44 -18.82 24.88
CA THR D 305 -19.34 -18.39 23.81
C THR D 305 -19.34 -16.87 23.66
N VAL D 306 -19.30 -16.15 24.78
CA VAL D 306 -19.37 -14.69 24.72
C VAL D 306 -18.04 -14.09 24.27
N ALA D 307 -16.93 -14.77 24.52
CA ALA D 307 -15.61 -14.24 24.20
C ALA D 307 -15.50 -13.92 22.70
N GLU D 308 -14.62 -12.98 22.39
CA GLU D 308 -14.43 -12.49 21.03
C GLU D 308 -13.19 -13.14 20.42
N ASP D 309 -13.33 -13.61 19.18
CA ASP D 309 -12.20 -14.24 18.51
C ASP D 309 -11.07 -13.25 18.24
N PHE D 310 -11.43 -12.03 17.84
CA PHE D 310 -10.42 -11.02 17.56
C PHE D 310 -9.70 -10.59 18.83
N LYS D 311 -8.39 -10.38 18.72
CA LYS D 311 -7.56 -9.98 19.86
C LYS D 311 -7.75 -8.48 20.09
N THR D 312 -8.75 -8.15 20.92
CA THR D 312 -9.02 -6.77 21.24
C THR D 312 -7.97 -6.22 22.21
N GLN D 313 -7.94 -4.89 22.32
CA GLN D 313 -6.99 -4.25 23.22
C GLN D 313 -7.28 -4.60 24.68
N ASN D 314 -8.56 -4.62 25.07
CA ASN D 314 -8.99 -4.95 26.42
C ASN D 314 -9.77 -6.26 26.38
N ASP D 315 -9.18 -7.31 26.95
CA ASP D 315 -9.80 -8.63 26.99
C ASP D 315 -10.10 -8.97 28.45
N PHE D 316 -11.34 -8.79 28.85
CA PHE D 316 -11.77 -9.08 30.22
C PHE D 316 -12.23 -10.52 30.39
N VAL D 317 -12.68 -11.16 29.32
CA VAL D 317 -13.24 -12.50 29.42
C VAL D 317 -12.18 -13.49 29.87
N LYS D 318 -10.95 -13.37 29.32
CA LYS D 318 -9.89 -14.29 29.72
C LYS D 318 -9.51 -14.11 31.17
N ARG D 319 -9.35 -12.86 31.62
CA ARG D 319 -8.97 -12.61 33.00
C ARG D 319 -10.03 -13.11 33.97
N MET D 320 -11.31 -12.88 33.65
CA MET D 320 -12.35 -13.31 34.58
C MET D 320 -12.58 -14.81 34.50
N TYR D 321 -12.34 -15.44 33.35
CA TYR D 321 -12.29 -16.90 33.29
C TYR D 321 -11.21 -17.44 34.21
N ASP D 322 -10.03 -16.81 34.18
CA ASP D 322 -8.95 -17.23 35.06
C ASP D 322 -9.37 -17.08 36.52
N MET D 323 -9.99 -15.94 36.86
CA MET D 323 -10.41 -15.70 38.23
C MET D 323 -11.43 -16.73 38.70
N ILE D 324 -12.43 -17.01 37.86
CA ILE D 324 -13.47 -17.97 38.23
C ILE D 324 -12.89 -19.36 38.38
N LEU D 325 -12.00 -19.78 37.47
CA LEU D 325 -11.40 -21.10 37.56
C LEU D 325 -10.54 -21.23 38.81
N LEU D 326 -9.78 -20.18 39.14
CA LEU D 326 -8.96 -20.23 40.35
C LEU D 326 -9.83 -20.26 41.61
N ARG D 327 -10.93 -19.51 41.62
CA ARG D 327 -11.82 -19.54 42.78
C ARG D 327 -12.51 -20.90 42.92
N SER D 328 -12.83 -21.54 41.80
CA SER D 328 -13.43 -22.87 41.87
C SER D 328 -12.42 -23.90 42.37
N GLY D 329 -11.23 -23.91 41.78
CA GLY D 329 -10.19 -24.83 42.23
C GLY D 329 -10.53 -26.29 42.08
N ASN D 330 -11.17 -26.67 40.98
CA ASN D 330 -11.53 -28.06 40.75
C ASN D 330 -11.58 -28.33 39.25
N TRP D 331 -11.46 -29.60 38.89
CA TRP D 331 -11.48 -30.02 37.49
C TRP D 331 -12.88 -30.35 36.99
N GLU D 332 -13.90 -30.24 37.85
CA GLU D 332 -15.26 -30.57 37.43
C GLU D 332 -15.79 -29.56 36.43
N LEU D 333 -15.41 -28.29 36.58
CA LEU D 333 -15.89 -27.25 35.67
C LEU D 333 -15.39 -27.47 34.26
N GLU D 334 -14.12 -27.83 34.11
CA GLU D 334 -13.52 -27.99 32.79
C GLU D 334 -13.74 -29.39 32.20
N THR D 335 -14.39 -30.28 32.93
CA THR D 335 -14.66 -31.63 32.45
C THR D 335 -16.13 -31.89 32.17
N THR D 336 -17.03 -30.99 32.58
CA THR D 336 -18.46 -31.19 32.35
C THR D 336 -18.78 -30.95 30.88
N ARG D 337 -19.67 -31.78 30.35
CA ARG D 337 -20.10 -31.70 28.95
C ARG D 337 -21.57 -31.35 28.90
N ASN D 338 -21.93 -30.50 27.95
CA ASN D 338 -23.32 -30.11 27.74
C ASN D 338 -24.02 -31.15 26.85
N ASN D 339 -25.22 -30.82 26.37
CA ASN D 339 -25.94 -31.74 25.50
C ASN D 339 -25.21 -31.98 24.19
N ASP D 340 -24.33 -31.07 23.79
CA ASP D 340 -23.49 -31.30 22.62
C ASP D 340 -22.30 -32.20 22.90
N GLY D 341 -22.08 -32.57 24.16
CA GLY D 341 -20.97 -33.43 24.52
C GLY D 341 -19.60 -32.81 24.32
N LEU D 342 -19.43 -31.55 24.73
CA LEU D 342 -18.17 -30.84 24.56
C LEU D 342 -17.74 -30.22 25.88
N THR D 343 -16.44 -30.29 26.17
CA THR D 343 -15.85 -29.56 27.27
C THR D 343 -15.68 -28.11 26.87
N PRO D 344 -15.38 -27.22 27.82
CA PRO D 344 -15.12 -25.82 27.44
C PRO D 344 -14.00 -25.67 26.42
N LEU D 345 -12.95 -26.47 26.52
CA LEU D 345 -11.85 -26.41 25.56
C LEU D 345 -12.33 -26.81 24.17
N GLN D 346 -13.09 -27.90 24.08
CA GLN D 346 -13.62 -28.34 22.79
C GLN D 346 -14.58 -27.32 22.22
N LEU D 347 -15.39 -26.68 23.07
CA LEU D 347 -16.31 -25.65 22.61
C LEU D 347 -15.58 -24.44 22.07
N ALA D 348 -14.50 -24.03 22.75
CA ALA D 348 -13.68 -22.93 22.25
C ALA D 348 -13.04 -23.28 20.92
N ALA D 349 -12.55 -24.52 20.79
CA ALA D 349 -11.97 -24.95 19.52
C ALA D 349 -13.00 -24.96 18.41
N LYS D 350 -14.23 -25.39 18.72
CA LYS D 350 -15.29 -25.44 17.71
C LYS D 350 -15.71 -24.04 17.27
N MET D 351 -15.90 -23.13 18.23
CA MET D 351 -16.34 -21.79 17.89
C MET D 351 -15.22 -20.93 17.30
N GLY D 352 -13.96 -21.28 17.52
CA GLY D 352 -12.87 -20.57 16.89
C GLY D 352 -12.40 -19.36 17.67
N LYS D 353 -12.07 -19.55 18.95
CA LYS D 353 -11.58 -18.48 19.81
C LYS D 353 -10.11 -18.75 20.10
N ALA D 354 -9.24 -18.12 19.31
CA ALA D 354 -7.81 -18.40 19.40
C ALA D 354 -7.24 -17.99 20.74
N GLU D 355 -7.66 -16.83 21.27
CA GLU D 355 -7.10 -16.36 22.54
C GLU D 355 -7.44 -17.29 23.68
N ILE D 356 -8.72 -17.65 23.82
CA ILE D 356 -9.13 -18.54 24.90
C ILE D 356 -8.52 -19.92 24.71
N LEU D 357 -8.45 -20.40 23.46
CA LEU D 357 -7.84 -21.70 23.19
C LEU D 357 -6.38 -21.72 23.63
N LYS D 358 -5.62 -20.68 23.27
CA LYS D 358 -4.22 -20.61 23.66
C LYS D 358 -4.07 -20.51 25.16
N TYR D 359 -4.92 -19.71 25.82
CA TYR D 359 -4.83 -19.58 27.26
C TYR D 359 -5.09 -20.90 27.96
N ILE D 360 -6.09 -21.65 27.51
CA ILE D 360 -6.41 -22.92 28.16
C ILE D 360 -5.32 -23.96 27.86
N LEU D 361 -4.81 -23.98 26.63
CA LEU D 361 -3.81 -24.98 26.26
C LEU D 361 -2.49 -24.74 26.97
N SER D 362 -2.06 -23.49 27.08
CA SER D 362 -0.81 -23.13 27.73
C SER D 362 -1.15 -22.31 28.98
N ARG D 363 -1.38 -23.01 30.10
CA ARG D 363 -1.72 -22.39 31.36
C ARG D 363 -0.74 -22.85 32.42
N GLU D 364 -0.11 -21.90 33.10
CA GLU D 364 0.87 -22.19 34.14
C GLU D 364 0.45 -21.52 35.44
N ILE D 365 0.43 -22.28 36.53
CA ILE D 365 0.09 -21.79 37.85
C ILE D 365 1.23 -22.09 38.79
N LYS D 366 1.73 -21.07 39.48
CA LYS D 366 2.85 -21.20 40.39
C LYS D 366 2.43 -21.30 41.85
N GLU D 367 1.13 -21.29 42.14
CA GLU D 367 0.66 -21.35 43.51
C GLU D 367 0.55 -22.78 44.00
N LYS D 368 0.78 -22.98 45.29
CA LYS D 368 0.67 -24.30 45.88
C LYS D 368 -0.79 -24.74 45.92
N ARG D 369 -1.00 -26.05 45.78
CA ARG D 369 -2.31 -26.71 45.75
C ARG D 369 -3.15 -26.32 44.54
N LEU D 370 -2.66 -25.43 43.67
CA LEU D 370 -3.36 -25.05 42.46
C LEU D 370 -2.60 -25.41 41.20
N ARG D 371 -1.42 -26.03 41.30
CA ARG D 371 -0.67 -26.40 40.11
C ARG D 371 -1.34 -27.53 39.33
N SER D 372 -2.24 -28.29 39.97
CA SER D 372 -2.95 -29.35 39.27
C SER D 372 -3.84 -28.80 38.17
N LEU D 373 -4.36 -27.59 38.35
CA LEU D 373 -5.20 -26.97 37.32
C LEU D 373 -4.42 -26.59 36.07
N SER D 374 -3.09 -26.46 36.18
CA SER D 374 -2.28 -26.08 35.04
C SER D 374 -2.12 -27.26 34.09
N ARG D 375 -1.92 -26.94 32.81
CA ARG D 375 -1.71 -27.95 31.78
C ARG D 375 -0.31 -27.90 31.17
N LYS D 376 0.53 -26.97 31.58
CA LYS D 376 1.90 -26.85 31.08
C LYS D 376 2.84 -26.64 32.25
N PHE D 377 3.85 -27.50 32.36
CA PHE D 377 4.83 -27.43 33.45
C PHE D 377 6.21 -27.20 32.86
N THR D 378 6.87 -26.13 33.30
CA THR D 378 8.21 -25.82 32.82
C THR D 378 9.24 -26.60 33.64
N ASP D 379 10.01 -27.46 32.97
CA ASP D 379 10.98 -28.30 33.66
C ASP D 379 12.24 -27.50 34.00
N TRP D 380 12.93 -27.00 32.97
CA TRP D 380 14.14 -26.23 33.17
C TRP D 380 14.20 -25.13 32.12
N ALA D 381 14.75 -23.98 32.51
CA ALA D 381 14.89 -22.83 31.64
C ALA D 381 16.31 -22.31 31.70
N TYR D 382 16.92 -22.09 30.53
CA TYR D 382 18.28 -21.55 30.42
C TYR D 382 18.29 -20.60 29.23
N GLY D 383 18.09 -19.31 29.51
CA GLY D 383 18.01 -18.32 28.46
C GLY D 383 16.82 -18.54 27.56
N PRO D 384 17.08 -18.64 26.24
CA PRO D 384 15.98 -18.89 25.32
C PRO D 384 15.49 -20.33 25.29
N VAL D 385 16.31 -21.29 25.70
CA VAL D 385 15.91 -22.69 25.68
C VAL D 385 14.99 -22.96 26.87
N SER D 386 13.86 -23.60 26.61
CA SER D 386 12.91 -23.94 27.67
C SER D 386 12.23 -25.26 27.34
N SER D 387 12.21 -26.17 28.31
CA SER D 387 11.55 -27.45 28.16
C SER D 387 10.24 -27.43 28.93
N SER D 388 9.16 -27.84 28.28
CA SER D 388 7.84 -27.79 28.89
C SER D 388 7.08 -29.09 28.64
N LEU D 389 6.46 -29.62 29.68
CA LEU D 389 5.56 -30.76 29.57
C LEU D 389 4.15 -30.24 29.41
N TYR D 390 3.53 -30.55 28.28
CA TYR D 390 2.14 -30.19 28.01
C TYR D 390 1.23 -31.38 28.30
N ASP D 391 -0.06 -31.10 28.39
CA ASP D 391 -1.07 -32.11 28.66
C ASP D 391 -1.85 -32.41 27.39
N LEU D 392 -2.08 -33.69 27.12
CA LEU D 392 -2.77 -34.12 25.91
C LEU D 392 -3.99 -34.96 26.24
N THR D 393 -4.80 -34.50 27.18
CA THR D 393 -6.00 -35.25 27.56
C THR D 393 -7.03 -35.23 26.43
N ASN D 394 -7.50 -34.04 26.05
CA ASN D 394 -8.47 -33.88 24.98
C ASN D 394 -7.85 -33.26 23.73
N VAL D 395 -6.54 -33.12 23.69
CA VAL D 395 -5.88 -32.49 22.54
C VAL D 395 -5.43 -33.54 21.53
N ASP D 396 -4.89 -34.66 22.00
CA ASP D 396 -4.45 -35.71 21.10
C ASP D 396 -5.64 -36.45 20.50
N THR D 397 -5.43 -37.01 19.30
CA THR D 397 -6.47 -37.75 18.60
C THR D 397 -6.58 -39.16 19.17
N THR D 398 -7.02 -39.23 20.42
CA THR D 398 -7.19 -40.49 21.13
C THR D 398 -8.65 -40.84 21.37
N THR D 399 -9.43 -39.91 21.90
CA THR D 399 -10.84 -40.14 22.16
C THR D 399 -11.65 -39.99 20.87
N ASP D 400 -12.97 -40.10 21.00
CA ASP D 400 -13.83 -39.96 19.82
C ASP D 400 -13.77 -38.56 19.25
N ASN D 401 -13.77 -37.53 20.10
CA ASN D 401 -13.70 -36.14 19.67
C ASN D 401 -12.53 -35.48 20.37
N SER D 402 -11.69 -34.78 19.60
CA SER D 402 -10.49 -34.16 20.12
C SER D 402 -10.38 -32.73 19.62
N VAL D 403 -9.60 -31.92 20.34
CA VAL D 403 -9.43 -30.51 19.97
C VAL D 403 -8.75 -30.39 18.62
N LEU D 404 -7.73 -31.22 18.37
CA LEU D 404 -7.01 -31.16 17.10
C LEU D 404 -7.93 -31.53 15.93
N GLU D 405 -8.71 -32.60 16.09
CA GLU D 405 -9.64 -32.98 15.03
C GLU D 405 -10.69 -31.91 14.81
N ILE D 406 -11.16 -31.29 15.89
CA ILE D 406 -12.18 -30.25 15.77
C ILE D 406 -11.63 -29.04 15.01
N THR D 407 -10.42 -28.61 15.36
CA THR D 407 -9.87 -27.42 14.72
C THR D 407 -9.38 -27.69 13.31
N VAL D 408 -9.08 -28.95 12.97
CA VAL D 408 -8.67 -29.24 11.61
C VAL D 408 -9.87 -29.44 10.70
N TYR D 409 -10.90 -30.13 11.19
CA TYR D 409 -12.08 -30.45 10.37
C TYR D 409 -13.14 -29.36 10.42
N ASN D 410 -12.91 -28.26 11.12
CA ASN D 410 -13.89 -27.19 11.19
C ASN D 410 -13.99 -26.48 9.85
N THR D 411 -15.23 -26.24 9.40
CA THR D 411 -15.49 -25.54 8.16
C THR D 411 -16.20 -24.20 8.33
N ASN D 412 -16.75 -23.93 9.52
CA ASN D 412 -17.45 -22.68 9.78
C ASN D 412 -16.63 -21.72 10.65
N ILE D 413 -15.32 -21.70 10.46
CA ILE D 413 -14.43 -20.83 11.21
C ILE D 413 -13.47 -20.14 10.25
N ASP D 414 -12.84 -19.06 10.74
CA ASP D 414 -11.90 -18.30 9.95
C ASP D 414 -10.51 -18.20 10.57
N ASN D 415 -10.37 -18.47 11.87
CA ASN D 415 -9.08 -18.40 12.56
C ASN D 415 -8.43 -19.77 12.68
N ARG D 416 -8.63 -20.64 11.69
CA ARG D 416 -8.07 -21.99 11.76
C ARG D 416 -6.55 -21.96 11.78
N HIS D 417 -5.94 -21.10 10.96
CA HIS D 417 -4.49 -21.00 10.94
C HIS D 417 -3.96 -20.45 12.26
N GLU D 418 -4.65 -19.47 12.84
CA GLU D 418 -4.22 -18.92 14.11
C GLU D 418 -4.32 -19.95 15.22
N MET D 419 -5.37 -20.77 15.20
CA MET D 419 -5.53 -21.80 16.23
C MET D 419 -4.54 -22.94 16.04
N LEU D 420 -4.19 -23.26 14.79
CA LEU D 420 -3.29 -24.38 14.52
C LEU D 420 -1.83 -24.02 14.76
N THR D 421 -1.49 -22.74 14.75
CA THR D 421 -0.09 -22.30 14.93
C THR D 421 0.21 -21.98 16.39
N LEU D 422 -0.09 -22.92 17.28
CA LEU D 422 0.21 -22.75 18.70
C LEU D 422 0.32 -24.12 19.34
N GLU D 423 1.15 -24.19 20.38
CA GLU D 423 1.43 -25.44 21.06
C GLU D 423 0.25 -25.87 21.92
N PRO D 424 0.05 -27.18 22.11
CA PRO D 424 0.81 -28.31 21.55
C PRO D 424 0.19 -28.88 20.29
N LEU D 425 -0.18 -28.03 19.32
CA LEU D 425 -0.76 -28.48 18.07
C LEU D 425 0.25 -28.48 16.93
N HIS D 426 1.12 -27.46 16.87
CA HIS D 426 2.12 -27.39 15.81
C HIS D 426 3.12 -28.52 15.92
N THR D 427 3.69 -28.71 17.12
CA THR D 427 4.65 -29.80 17.32
C THR D 427 3.98 -31.15 17.13
N LEU D 428 2.74 -31.30 17.61
CA LEU D 428 2.03 -32.56 17.44
C LEU D 428 1.80 -32.87 15.96
N LEU D 429 1.42 -31.85 15.18
CA LEU D 429 1.21 -32.06 13.76
C LEU D 429 2.50 -32.44 13.05
N HIS D 430 3.61 -31.74 13.35
CA HIS D 430 4.87 -32.10 12.70
C HIS D 430 5.34 -33.49 13.10
N MET D 431 5.15 -33.87 14.37
CA MET D 431 5.53 -35.21 14.81
C MET D 431 4.69 -36.26 14.11
N LYS D 432 3.37 -36.05 14.03
CA LYS D 432 2.49 -37.00 13.37
C LYS D 432 2.82 -37.10 11.88
N TRP D 433 3.22 -36.00 11.26
CA TRP D 433 3.67 -36.04 9.88
C TRP D 433 4.92 -36.91 9.75
N LYS D 434 6.01 -36.48 10.39
CA LYS D 434 7.30 -37.14 10.24
C LYS D 434 7.29 -38.59 10.71
N LYS D 435 6.31 -38.99 11.52
CA LYS D 435 6.24 -40.37 11.97
C LYS D 435 5.89 -41.31 10.82
N PHE D 436 4.72 -41.13 10.22
CA PHE D 436 4.24 -42.02 9.18
C PHE D 436 3.56 -41.34 8.00
N ALA D 437 3.16 -40.07 8.11
CA ALA D 437 2.32 -39.47 7.09
C ALA D 437 3.09 -39.22 5.81
N LYS D 438 4.37 -38.85 5.92
CA LYS D 438 5.20 -38.67 4.74
C LYS D 438 5.35 -39.97 3.97
N HIS D 439 5.61 -41.06 4.68
CA HIS D 439 5.74 -42.36 4.04
C HIS D 439 4.43 -42.79 3.39
N MET D 440 3.31 -42.59 4.08
CA MET D 440 2.02 -42.95 3.51
C MET D 440 1.71 -42.13 2.28
N PHE D 441 2.01 -40.83 2.31
CA PHE D 441 1.77 -39.97 1.15
C PHE D 441 2.62 -40.39 -0.04
N PHE D 442 3.90 -40.72 0.21
CA PHE D 442 4.77 -41.16 -0.88
C PHE D 442 4.28 -42.49 -1.46
N LEU D 443 3.85 -43.40 -0.59
CA LEU D 443 3.34 -44.69 -1.07
C LEU D 443 2.09 -44.50 -1.90
N SER D 444 1.17 -43.63 -1.46
CA SER D 444 -0.03 -43.35 -2.25
C SER D 444 0.32 -42.72 -3.58
N PHE D 445 1.27 -41.78 -3.59
CA PHE D 445 1.73 -41.17 -4.84
C PHE D 445 2.24 -42.23 -5.80
N CYS D 446 3.14 -43.10 -5.34
CA CYS D 446 3.70 -44.12 -6.21
C CYS D 446 2.62 -45.06 -6.73
N PHE D 447 1.71 -45.50 -5.85
CA PHE D 447 0.68 -46.44 -6.27
C PHE D 447 -0.25 -45.83 -7.30
N TYR D 448 -0.69 -44.59 -7.07
CA TYR D 448 -1.58 -43.94 -8.02
C TYR D 448 -0.88 -43.65 -9.35
N PHE D 449 0.41 -43.27 -9.29
CA PHE D 449 1.15 -43.02 -10.52
C PHE D 449 1.29 -44.29 -11.34
N PHE D 450 1.62 -45.41 -10.69
CA PHE D 450 1.71 -46.68 -11.41
C PHE D 450 0.36 -47.10 -11.96
N TYR D 451 -0.72 -46.88 -11.21
CA TYR D 451 -2.05 -47.22 -11.69
C TYR D 451 -2.42 -46.41 -12.93
N ASN D 452 -2.13 -45.11 -12.91
CA ASN D 452 -2.43 -44.26 -14.07
C ASN D 452 -1.59 -44.66 -15.27
N ILE D 453 -0.31 -44.96 -15.05
CA ILE D 453 0.54 -45.39 -16.16
C ILE D 453 0.03 -46.70 -16.76
N THR D 454 -0.37 -47.65 -15.91
CA THR D 454 -0.88 -48.92 -16.40
C THR D 454 -2.17 -48.71 -17.19
N LEU D 455 -3.08 -47.86 -16.69
CA LEU D 455 -4.31 -47.60 -17.41
C LEU D 455 -4.03 -46.97 -18.77
N THR D 456 -3.14 -45.98 -18.80
CA THR D 456 -2.83 -45.30 -20.06
C THR D 456 -2.21 -46.26 -21.07
N LEU D 457 -1.25 -47.07 -20.63
CA LEU D 457 -0.61 -48.02 -21.55
C LEU D 457 -1.61 -49.05 -22.05
N VAL D 458 -2.44 -49.59 -21.15
CA VAL D 458 -3.41 -50.63 -21.52
C VAL D 458 -4.39 -50.09 -22.54
N SER D 459 -4.87 -48.85 -22.33
CA SER D 459 -5.86 -48.31 -23.26
C SER D 459 -5.22 -47.92 -24.58
N TYR D 460 -4.04 -47.30 -24.55
CA TYR D 460 -3.40 -46.87 -25.79
C TYR D 460 -3.03 -48.07 -26.66
N TYR D 461 -2.53 -49.14 -26.05
CA TYR D 461 -2.20 -50.35 -26.81
C TYR D 461 -3.43 -51.22 -27.01
N ARG D 462 -4.50 -50.61 -27.55
CA ARG D 462 -5.77 -51.29 -27.77
C ARG D 462 -5.74 -52.04 -29.10
N PRO D 463 -6.33 -53.25 -29.16
CA PRO D 463 -6.37 -54.04 -30.40
C PRO D 463 -7.36 -53.48 -31.42
N LEU D 482 0.87 -59.82 -20.42
CA LEU D 482 1.15 -58.54 -19.78
C LEU D 482 -0.10 -57.67 -19.72
N GLN D 483 -0.93 -57.76 -20.76
CA GLN D 483 -2.15 -56.97 -20.80
C GLN D 483 -3.17 -57.45 -19.77
N LEU D 484 -3.26 -58.77 -19.57
CA LEU D 484 -4.24 -59.30 -18.63
C LEU D 484 -3.91 -58.89 -17.20
N LEU D 485 -2.64 -58.99 -16.80
CA LEU D 485 -2.25 -58.59 -15.45
C LEU D 485 -2.47 -57.10 -15.23
N GLY D 486 -2.14 -56.28 -16.22
CA GLY D 486 -2.38 -54.85 -16.11
C GLY D 486 -3.86 -54.53 -15.98
N ARG D 487 -4.71 -55.19 -16.77
CA ARG D 487 -6.14 -54.97 -16.68
C ARG D 487 -6.68 -55.40 -15.31
N MET D 488 -6.19 -56.53 -14.80
CA MET D 488 -6.62 -56.99 -13.49
C MET D 488 -6.22 -56.01 -12.39
N PHE D 489 -4.98 -55.50 -12.45
CA PHE D 489 -4.53 -54.52 -11.47
C PHE D 489 -5.36 -53.24 -11.56
N VAL D 490 -5.65 -52.78 -12.78
CA VAL D 490 -6.46 -51.59 -12.97
C VAL D 490 -7.84 -51.79 -12.38
N LEU D 491 -8.45 -52.95 -12.64
CA LEU D 491 -9.78 -53.22 -12.09
C LEU D 491 -9.76 -53.25 -10.56
N ILE D 492 -8.76 -53.91 -9.98
CA ILE D 492 -8.69 -54.02 -8.52
C ILE D 492 -8.54 -52.64 -7.89
N TRP D 493 -7.62 -51.83 -8.43
CA TRP D 493 -7.39 -50.51 -7.86
C TRP D 493 -8.58 -49.59 -8.09
N ALA D 494 -9.26 -49.73 -9.23
CA ALA D 494 -10.44 -48.92 -9.50
C ALA D 494 -11.56 -49.27 -8.52
N MET D 495 -11.78 -50.56 -8.26
CA MET D 495 -12.79 -50.95 -7.29
C MET D 495 -12.44 -50.44 -5.90
N CYS D 496 -11.17 -50.56 -5.51
CA CYS D 496 -10.75 -50.08 -4.20
C CYS D 496 -10.97 -48.57 -4.07
N ILE D 497 -10.58 -47.81 -5.09
CA ILE D 497 -10.74 -46.36 -5.04
C ILE D 497 -12.22 -46.00 -5.01
N SER D 498 -13.05 -46.70 -5.79
CA SER D 498 -14.47 -46.41 -5.82
C SER D 498 -15.11 -46.65 -4.46
N VAL D 499 -14.81 -47.79 -3.83
CA VAL D 499 -15.43 -48.08 -2.54
C VAL D 499 -14.91 -47.14 -1.46
N LYS D 500 -13.62 -46.80 -1.50
CA LYS D 500 -13.06 -45.87 -0.51
C LYS D 500 -13.69 -44.50 -0.66
N GLU D 501 -13.86 -44.02 -1.90
CA GLU D 501 -14.49 -42.72 -2.11
C GLU D 501 -15.96 -42.75 -1.73
N GLY D 502 -16.64 -43.89 -1.94
CA GLY D 502 -18.02 -44.01 -1.49
C GLY D 502 -18.13 -43.90 0.02
N ILE D 503 -17.27 -44.59 0.75
CA ILE D 503 -17.27 -44.49 2.21
C ILE D 503 -16.93 -43.08 2.65
N ALA D 504 -15.97 -42.43 1.97
CA ALA D 504 -15.60 -41.07 2.31
C ALA D 504 -16.76 -40.10 2.12
N ILE D 505 -17.49 -40.25 1.01
CA ILE D 505 -18.63 -39.38 0.75
C ILE D 505 -19.75 -39.64 1.75
N PHE D 506 -19.99 -40.91 2.08
CA PHE D 506 -21.05 -41.23 3.04
C PHE D 506 -20.71 -40.68 4.42
N LEU D 507 -19.45 -40.77 4.83
CA LEU D 507 -19.05 -40.29 6.15
C LEU D 507 -18.82 -38.77 6.18
N LEU D 508 -18.72 -38.13 5.02
CA LEU D 508 -18.49 -36.70 4.99
C LEU D 508 -19.76 -35.94 5.39
N ARG D 509 -19.57 -34.72 5.87
CA ARG D 509 -20.69 -33.88 6.25
C ARG D 509 -21.43 -33.43 4.99
N PRO D 510 -22.76 -33.52 4.96
CA PRO D 510 -23.49 -33.10 3.75
C PRO D 510 -23.80 -31.61 3.71
N SER D 511 -23.40 -30.84 4.72
CA SER D 511 -23.71 -29.42 4.80
C SER D 511 -22.43 -28.61 4.70
N ASP D 512 -22.41 -27.65 3.77
CA ASP D 512 -21.33 -26.68 3.62
C ASP D 512 -20.01 -27.33 3.19
N LEU D 513 -20.02 -28.64 2.97
CA LEU D 513 -18.80 -29.31 2.51
C LEU D 513 -18.53 -29.01 1.04
N GLN D 514 -19.56 -29.05 0.21
CA GLN D 514 -19.38 -28.74 -1.21
C GLN D 514 -19.23 -27.25 -1.46
N SER D 515 -19.89 -26.42 -0.64
CA SER D 515 -19.80 -24.97 -0.83
C SER D 515 -18.38 -24.47 -0.58
N ILE D 516 -17.73 -24.97 0.47
CA ILE D 516 -16.37 -24.58 0.79
C ILE D 516 -15.41 -25.55 0.10
N LEU D 517 -14.15 -25.13 -0.01
CA LEU D 517 -13.11 -25.95 -0.62
C LEU D 517 -12.48 -26.90 0.40
N SER D 518 -13.31 -27.73 1.02
CA SER D 518 -12.86 -28.67 2.05
C SER D 518 -12.50 -30.03 1.46
N ASP D 519 -11.68 -30.02 0.40
CA ASP D 519 -11.16 -31.23 -0.22
C ASP D 519 -12.29 -32.18 -0.63
N ALA D 520 -13.37 -31.61 -1.15
CA ALA D 520 -14.49 -32.42 -1.64
C ALA D 520 -14.48 -32.59 -3.15
N TRP D 521 -13.98 -31.60 -3.89
CA TRP D 521 -13.90 -31.72 -5.34
C TRP D 521 -12.98 -32.87 -5.74
N PHE D 522 -11.85 -33.03 -5.04
CA PHE D 522 -10.94 -34.11 -5.36
C PHE D 522 -11.57 -35.47 -5.09
N HIS D 523 -12.31 -35.60 -3.98
CA HIS D 523 -13.01 -36.84 -3.70
C HIS D 523 -14.05 -37.15 -4.77
N PHE D 524 -14.83 -36.14 -5.17
CA PHE D 524 -15.83 -36.33 -6.21
C PHE D 524 -15.18 -36.77 -7.52
N VAL D 525 -14.07 -36.14 -7.89
CA VAL D 525 -13.42 -36.46 -9.15
C VAL D 525 -12.79 -37.84 -9.13
N PHE D 526 -12.19 -38.22 -7.99
CA PHE D 526 -11.65 -39.57 -7.86
C PHE D 526 -12.75 -40.61 -7.99
N PHE D 527 -13.89 -40.38 -7.33
CA PHE D 527 -15.00 -41.31 -7.43
C PHE D 527 -15.53 -41.40 -8.87
N ILE D 528 -15.61 -40.25 -9.55
CA ILE D 528 -16.10 -40.24 -10.92
C ILE D 528 -15.15 -40.99 -11.83
N GLN D 529 -13.84 -40.81 -11.64
CA GLN D 529 -12.86 -41.52 -12.45
C GLN D 529 -12.92 -43.03 -12.22
N ALA D 530 -13.07 -43.45 -10.96
CA ALA D 530 -13.19 -44.88 -10.69
C ALA D 530 -14.46 -45.46 -11.31
N VAL D 531 -15.57 -44.71 -11.23
CA VAL D 531 -16.82 -45.17 -11.85
C VAL D 531 -16.65 -45.27 -13.36
N LEU D 532 -15.97 -44.31 -13.97
CA LEU D 532 -15.75 -44.35 -15.40
C LEU D 532 -14.90 -45.57 -15.78
N VAL D 533 -13.87 -45.86 -15.01
CA VAL D 533 -13.00 -47.00 -15.32
C VAL D 533 -13.78 -48.31 -15.21
N ILE D 534 -14.54 -48.48 -14.13
CA ILE D 534 -15.28 -49.73 -13.95
C ILE D 534 -16.37 -49.86 -15.01
N LEU D 535 -17.01 -48.74 -15.39
CA LEU D 535 -18.02 -48.79 -16.44
C LEU D 535 -17.40 -49.14 -17.79
N SER D 536 -16.21 -48.61 -18.08
CA SER D 536 -15.53 -48.95 -19.32
C SER D 536 -15.18 -50.43 -19.35
N VAL D 537 -14.70 -50.97 -18.22
CA VAL D 537 -14.38 -52.39 -18.16
C VAL D 537 -15.64 -53.24 -18.37
N PHE D 538 -16.74 -52.86 -17.71
CA PHE D 538 -17.98 -53.62 -17.86
C PHE D 538 -18.50 -53.56 -19.29
N LEU D 539 -18.37 -52.41 -19.95
CA LEU D 539 -18.82 -52.29 -21.33
C LEU D 539 -17.93 -53.07 -22.28
N TYR D 540 -16.62 -53.11 -22.01
CA TYR D 540 -15.72 -53.92 -22.83
C TYR D 540 -16.01 -55.40 -22.64
N LEU D 541 -16.43 -55.79 -21.44
CA LEU D 541 -16.86 -57.17 -21.23
C LEU D 541 -18.08 -57.50 -22.09
N PHE D 542 -18.98 -56.53 -22.25
CA PHE D 542 -20.15 -56.69 -23.12
C PHE D 542 -19.77 -56.34 -24.55
N ALA D 543 -20.77 -56.16 -25.41
CA ALA D 543 -20.56 -55.87 -26.82
C ALA D 543 -20.77 -54.40 -27.16
N TYR D 544 -20.90 -53.53 -26.18
CA TYR D 544 -21.12 -52.12 -26.45
C TYR D 544 -19.82 -51.46 -26.93
N LYS D 545 -19.97 -50.26 -27.50
CA LYS D 545 -18.86 -49.55 -28.12
C LYS D 545 -18.53 -48.24 -27.42
N GLU D 546 -19.16 -47.96 -26.28
CA GLU D 546 -18.86 -46.76 -25.51
C GLU D 546 -17.69 -46.95 -24.55
N TYR D 547 -17.13 -48.16 -24.50
CA TYR D 547 -16.01 -48.41 -23.60
C TYR D 547 -14.80 -47.56 -23.96
N LEU D 548 -14.58 -47.31 -25.25
CA LEU D 548 -13.47 -46.47 -25.67
C LEU D 548 -13.66 -45.03 -25.18
N ALA D 549 -14.87 -44.50 -25.31
CA ALA D 549 -15.14 -43.15 -24.81
C ALA D 549 -14.96 -43.07 -23.30
N CYS D 550 -15.49 -44.06 -22.57
CA CYS D 550 -15.31 -44.07 -21.13
C CYS D 550 -13.84 -44.14 -20.75
N LEU D 551 -13.06 -44.94 -21.50
CA LEU D 551 -11.65 -45.12 -21.17
C LEU D 551 -10.84 -43.85 -21.47
N VAL D 552 -11.14 -43.16 -22.57
CA VAL D 552 -10.40 -41.94 -22.87
C VAL D 552 -10.75 -40.84 -21.87
N LEU D 553 -12.03 -40.74 -21.49
CA LEU D 553 -12.39 -39.81 -20.43
C LEU D 553 -11.69 -40.19 -19.12
N ALA D 554 -11.55 -41.49 -18.87
CA ALA D 554 -10.87 -41.94 -17.66
C ALA D 554 -9.41 -41.53 -17.64
N MET D 555 -8.69 -41.72 -18.75
CA MET D 555 -7.29 -41.30 -18.77
C MET D 555 -7.17 -39.79 -18.63
N ALA D 556 -8.03 -39.04 -19.31
CA ALA D 556 -7.99 -37.59 -19.19
C ALA D 556 -8.16 -37.15 -17.74
N LEU D 557 -9.19 -37.68 -17.07
CA LEU D 557 -9.43 -37.30 -15.68
C LEU D 557 -8.30 -37.75 -14.77
N GLY D 558 -7.80 -38.96 -14.97
CA GLY D 558 -6.72 -39.45 -14.11
C GLY D 558 -5.44 -38.66 -14.26
N TRP D 559 -5.10 -38.26 -15.49
CA TRP D 559 -3.91 -37.47 -15.70
C TRP D 559 -4.10 -36.04 -15.24
N ALA D 560 -5.34 -35.54 -15.23
CA ALA D 560 -5.59 -34.24 -14.63
C ALA D 560 -5.66 -34.33 -13.11
N ASN D 561 -5.73 -35.55 -12.57
CA ASN D 561 -5.85 -35.73 -11.13
C ASN D 561 -4.53 -35.80 -10.41
N MET D 562 -3.40 -35.81 -11.11
CA MET D 562 -2.10 -35.87 -10.44
C MET D 562 -1.83 -34.62 -9.62
N LEU D 563 -2.46 -33.49 -9.96
CA LEU D 563 -2.21 -32.25 -9.26
C LEU D 563 -2.55 -32.35 -7.77
N TYR D 564 -3.49 -33.22 -7.42
CA TYR D 564 -3.83 -33.41 -6.02
C TYR D 564 -2.63 -33.83 -5.20
N TYR D 565 -1.67 -34.53 -5.82
CA TYR D 565 -0.48 -34.99 -5.12
C TYR D 565 0.63 -33.96 -5.09
N THR D 566 0.38 -32.74 -5.58
CA THR D 566 1.36 -31.67 -5.51
C THR D 566 1.25 -30.84 -4.23
N ARG D 567 0.45 -31.28 -3.26
CA ARG D 567 0.38 -30.58 -1.98
C ARG D 567 1.47 -31.03 -1.01
N GLY D 568 2.25 -32.06 -1.36
CA GLY D 568 3.34 -32.48 -0.50
C GLY D 568 4.43 -31.44 -0.38
N PHE D 569 4.77 -30.78 -1.48
CA PHE D 569 5.76 -29.71 -1.48
C PHE D 569 5.07 -28.37 -1.32
N GLN D 570 5.72 -27.46 -0.59
CA GLN D 570 5.14 -26.14 -0.37
C GLN D 570 5.09 -25.34 -1.67
N SER D 571 6.09 -25.52 -2.54
CA SER D 571 6.17 -24.69 -3.75
C SER D 571 5.02 -24.97 -4.71
N MET D 572 4.36 -26.11 -4.59
CA MET D 572 3.28 -26.47 -5.50
C MET D 572 1.89 -26.43 -4.85
N GLY D 573 1.81 -26.49 -3.53
CA GLY D 573 0.52 -26.31 -2.88
C GLY D 573 -0.04 -24.92 -3.11
N MET D 574 0.83 -23.91 -3.13
CA MET D 574 0.39 -22.57 -3.51
C MET D 574 -0.17 -22.57 -4.93
N TYR D 575 0.49 -23.28 -5.84
CA TYR D 575 -0.01 -23.35 -7.21
C TYR D 575 -1.37 -24.03 -7.28
N SER D 576 -1.57 -25.09 -6.50
CA SER D 576 -2.86 -25.78 -6.50
C SER D 576 -3.97 -24.90 -5.96
N VAL D 577 -3.72 -24.21 -4.84
CA VAL D 577 -4.74 -23.32 -4.31
C VAL D 577 -4.97 -22.14 -5.26
N MET D 578 -3.94 -21.74 -6.01
CA MET D 578 -4.11 -20.72 -7.04
C MET D 578 -5.07 -21.19 -8.12
N ILE D 579 -4.84 -22.38 -8.67
CA ILE D 579 -5.78 -22.99 -9.61
C ILE D 579 -7.19 -22.93 -9.05
N GLN D 580 -7.37 -23.44 -7.84
CA GLN D 580 -8.71 -23.57 -7.27
C GLN D 580 -9.39 -22.21 -7.12
N LYS D 581 -8.70 -21.26 -6.51
CA LYS D 581 -9.31 -19.95 -6.26
C LYS D 581 -9.61 -19.22 -7.56
N VAL D 582 -8.68 -19.24 -8.52
CA VAL D 582 -8.90 -18.52 -9.78
C VAL D 582 -10.08 -19.12 -10.53
N ILE D 583 -10.14 -20.45 -10.63
CA ILE D 583 -11.24 -21.10 -11.34
C ILE D 583 -12.56 -20.81 -10.65
N LEU D 584 -12.59 -20.88 -9.31
CA LEU D 584 -13.84 -20.66 -8.61
C LEU D 584 -14.27 -19.20 -8.63
N HIS D 585 -13.34 -18.28 -8.85
CA HIS D 585 -13.67 -16.86 -8.77
C HIS D 585 -13.99 -16.25 -10.13
N ASP D 586 -13.04 -16.28 -11.07
CA ASP D 586 -13.14 -15.44 -12.26
C ASP D 586 -13.45 -16.20 -13.54
N VAL D 587 -12.91 -17.41 -13.70
CA VAL D 587 -13.07 -18.15 -14.94
C VAL D 587 -14.53 -18.48 -15.20
N LEU D 588 -15.28 -18.81 -14.14
CA LEU D 588 -16.68 -19.17 -14.32
C LEU D 588 -17.49 -18.00 -14.86
N LYS D 589 -17.33 -16.82 -14.25
CA LYS D 589 -18.08 -15.65 -14.70
C LYS D 589 -17.67 -15.24 -16.11
N PHE D 590 -16.36 -15.24 -16.39
CA PHE D 590 -15.91 -14.90 -17.73
C PHE D 590 -16.50 -15.86 -18.76
N LEU D 591 -16.46 -17.16 -18.47
CA LEU D 591 -17.02 -18.14 -19.37
C LEU D 591 -18.50 -17.90 -19.60
N PHE D 592 -19.26 -17.67 -18.52
CA PHE D 592 -20.71 -17.49 -18.65
C PHE D 592 -21.04 -16.31 -19.55
N VAL D 593 -20.39 -15.16 -19.30
CA VAL D 593 -20.60 -14.01 -20.18
C VAL D 593 -20.19 -14.36 -21.60
N TYR D 594 -19.16 -15.21 -21.74
CA TYR D 594 -18.70 -15.58 -23.07
C TYR D 594 -19.75 -16.38 -23.83
N ILE D 595 -20.35 -17.40 -23.19
CA ILE D 595 -21.37 -18.15 -23.93
C ILE D 595 -22.57 -17.26 -24.21
N VAL D 596 -22.90 -16.35 -23.28
CA VAL D 596 -24.03 -15.44 -23.54
C VAL D 596 -23.79 -14.65 -24.83
N PHE D 597 -22.67 -13.94 -24.89
CA PHE D 597 -22.38 -13.11 -26.07
C PHE D 597 -22.20 -13.98 -27.31
N LEU D 598 -21.57 -15.14 -27.16
CA LEU D 598 -21.27 -16.00 -28.30
C LEU D 598 -22.55 -16.55 -28.92
N LEU D 599 -23.46 -17.06 -28.09
CA LEU D 599 -24.73 -17.56 -28.61
C LEU D 599 -25.55 -16.43 -29.22
N GLY D 600 -25.59 -15.26 -28.56
CA GLY D 600 -26.32 -14.14 -29.13
C GLY D 600 -25.82 -13.79 -30.52
N PHE D 601 -24.51 -13.61 -30.67
CA PHE D 601 -23.97 -13.24 -31.96
C PHE D 601 -24.06 -14.38 -32.98
N GLY D 602 -24.02 -15.63 -32.51
CA GLY D 602 -24.17 -16.75 -33.42
C GLY D 602 -25.54 -16.82 -34.04
N VAL D 603 -26.59 -16.67 -33.22
CA VAL D 603 -27.93 -16.66 -33.79
C VAL D 603 -28.17 -15.38 -34.59
N ALA D 604 -27.50 -14.29 -34.24
CA ALA D 604 -27.60 -13.08 -35.06
C ALA D 604 -27.00 -13.29 -36.44
N LEU D 605 -25.85 -13.97 -36.51
CA LEU D 605 -25.14 -14.12 -37.78
C LEU D 605 -25.78 -15.20 -38.65
N ALA D 606 -26.19 -16.32 -38.05
CA ALA D 606 -26.69 -17.44 -38.83
C ALA D 606 -28.05 -17.20 -39.45
N SER D 607 -28.72 -16.10 -39.10
CA SER D 607 -30.06 -15.84 -39.59
C SER D 607 -30.10 -14.95 -40.82
N LEU D 608 -29.04 -14.18 -41.08
CA LEU D 608 -28.99 -13.27 -42.22
C LEU D 608 -28.17 -13.83 -43.38
N ILE D 609 -27.78 -15.10 -43.32
CA ILE D 609 -27.00 -15.72 -44.38
C ILE D 609 -27.95 -16.45 -45.31
N GLU D 610 -27.97 -16.04 -46.59
CA GLU D 610 -28.84 -16.66 -47.57
C GLU D 610 -28.26 -17.96 -48.09
N SER D 620 -22.12 -18.54 -46.55
CA SER D 620 -21.26 -19.65 -46.93
C SER D 620 -20.89 -20.50 -45.72
N SER D 621 -19.83 -20.10 -45.02
CA SER D 621 -19.40 -20.83 -43.83
C SER D 621 -20.42 -20.73 -42.71
N TYR D 622 -21.03 -19.56 -42.53
CA TYR D 622 -22.02 -19.33 -41.48
C TYR D 622 -23.39 -19.80 -41.95
N GLY D 623 -23.48 -21.11 -42.17
CA GLY D 623 -24.72 -21.70 -42.65
C GLY D 623 -25.74 -21.93 -41.56
N SER D 624 -25.39 -22.74 -40.57
CA SER D 624 -26.27 -23.07 -39.45
C SER D 624 -25.74 -22.45 -38.17
N PHE D 625 -26.50 -22.64 -37.09
CA PHE D 625 -26.12 -22.08 -35.80
C PHE D 625 -24.83 -22.73 -35.28
N SER D 626 -24.70 -24.05 -35.43
CA SER D 626 -23.51 -24.74 -34.97
C SER D 626 -22.28 -24.29 -35.76
N ASP D 627 -22.42 -24.17 -37.08
CA ASP D 627 -21.29 -23.71 -37.90
C ASP D 627 -20.92 -22.27 -37.54
N ALA D 628 -21.92 -21.42 -37.30
CA ALA D 628 -21.64 -20.03 -36.96
C ALA D 628 -20.92 -19.93 -35.61
N VAL D 629 -21.38 -20.69 -34.62
CA VAL D 629 -20.74 -20.62 -33.31
C VAL D 629 -19.33 -21.22 -33.36
N LEU D 630 -19.13 -22.25 -34.17
CA LEU D 630 -17.78 -22.79 -34.34
C LEU D 630 -16.86 -21.78 -34.98
N GLU D 631 -17.33 -21.08 -36.02
CA GLU D 631 -16.51 -20.07 -36.67
C GLU D 631 -16.21 -18.92 -35.72
N LEU D 632 -17.19 -18.51 -34.91
CA LEU D 632 -16.95 -17.46 -33.93
C LEU D 632 -15.90 -17.88 -32.91
N PHE D 633 -15.98 -19.12 -32.42
CA PHE D 633 -14.99 -19.61 -31.47
C PHE D 633 -13.60 -19.66 -32.10
N LYS D 634 -13.52 -20.11 -33.36
CA LYS D 634 -12.23 -20.15 -34.05
C LYS D 634 -11.65 -18.75 -34.22
N LEU D 635 -12.50 -17.78 -34.56
CA LEU D 635 -12.02 -16.40 -34.68
C LEU D 635 -11.56 -15.85 -33.34
N THR D 636 -12.24 -16.24 -32.26
CA THR D 636 -11.85 -15.76 -30.94
C THR D 636 -10.51 -16.33 -30.51
N ILE D 637 -10.33 -17.64 -30.65
CA ILE D 637 -9.09 -18.27 -30.19
C ILE D 637 -7.90 -17.93 -31.08
N GLY D 638 -8.13 -17.47 -32.29
CA GLY D 638 -7.07 -16.98 -33.15
C GLY D 638 -6.69 -17.86 -34.34
N LEU D 639 -7.58 -18.72 -34.81
CA LEU D 639 -7.33 -19.55 -35.98
C LEU D 639 -8.30 -19.16 -37.10
N GLY D 640 -8.09 -19.78 -38.26
CA GLY D 640 -8.93 -19.52 -39.41
C GLY D 640 -8.62 -18.19 -40.08
N ASP D 641 -9.54 -17.77 -40.94
CA ASP D 641 -9.42 -16.52 -41.67
C ASP D 641 -10.73 -15.76 -41.62
N LEU D 642 -10.63 -14.44 -41.59
CA LEU D 642 -11.79 -13.55 -41.56
C LEU D 642 -12.18 -13.25 -43.01
N ASN D 643 -13.05 -14.08 -43.56
CA ASN D 643 -13.55 -13.90 -44.92
C ASN D 643 -14.81 -13.05 -44.87
N ILE D 644 -14.77 -11.87 -45.50
CA ILE D 644 -15.91 -10.97 -45.47
C ILE D 644 -17.01 -11.40 -46.45
N GLN D 645 -16.65 -12.13 -47.51
CA GLN D 645 -17.62 -12.59 -48.51
C GLN D 645 -18.18 -13.92 -48.05
N GLN D 646 -19.29 -13.85 -47.31
CA GLN D 646 -19.94 -15.05 -46.77
C GLN D 646 -21.32 -15.25 -47.36
N ASN D 647 -21.55 -14.73 -48.57
CA ASN D 647 -22.83 -14.84 -49.26
C ASN D 647 -23.97 -14.29 -48.40
N SER D 648 -23.71 -13.17 -47.74
CA SER D 648 -24.70 -12.54 -46.86
C SER D 648 -25.55 -11.56 -47.63
N LYS D 649 -26.80 -11.38 -47.18
CA LYS D 649 -27.69 -10.41 -47.80
C LYS D 649 -27.19 -8.99 -47.57
N TYR D 650 -26.63 -8.72 -46.40
CA TYR D 650 -26.11 -7.40 -46.03
C TYR D 650 -24.64 -7.55 -45.65
N PRO D 651 -23.72 -7.45 -46.62
CA PRO D 651 -22.29 -7.59 -46.27
C PRO D 651 -21.80 -6.55 -45.28
N ILE D 652 -22.26 -5.31 -45.40
CA ILE D 652 -21.83 -4.26 -44.48
C ILE D 652 -22.32 -4.57 -43.07
N LEU D 653 -23.57 -5.02 -42.94
CA LEU D 653 -24.10 -5.36 -41.62
C LEU D 653 -23.37 -6.56 -41.03
N PHE D 654 -23.07 -7.57 -41.86
CA PHE D 654 -22.32 -8.73 -41.38
C PHE D 654 -20.95 -8.32 -40.88
N LEU D 655 -20.25 -7.47 -41.64
CA LEU D 655 -18.95 -6.99 -41.21
C LEU D 655 -19.05 -6.18 -39.93
N PHE D 656 -20.08 -5.34 -39.80
CA PHE D 656 -20.25 -4.55 -38.59
C PHE D 656 -20.47 -5.45 -37.38
N LEU D 657 -21.32 -6.48 -37.53
CA LEU D 657 -21.56 -7.40 -36.42
C LEU D 657 -20.29 -8.15 -36.05
N LEU D 658 -19.52 -8.59 -37.05
CA LEU D 658 -18.28 -9.31 -36.77
C LEU D 658 -17.27 -8.42 -36.04
N ILE D 659 -17.13 -7.16 -36.48
CA ILE D 659 -16.20 -6.25 -35.83
C ILE D 659 -16.66 -5.95 -34.41
N THR D 660 -17.97 -5.80 -34.21
CA THR D 660 -18.50 -5.56 -32.86
C THR D 660 -18.20 -6.74 -31.95
N TYR D 661 -18.39 -7.97 -32.44
CA TYR D 661 -18.07 -9.15 -31.65
C TYR D 661 -16.58 -9.20 -31.32
N VAL D 662 -15.73 -8.88 -32.30
CA VAL D 662 -14.28 -8.91 -32.08
C VAL D 662 -13.90 -7.90 -31.00
N ILE D 663 -14.45 -6.69 -31.08
CA ILE D 663 -14.16 -5.67 -30.07
C ILE D 663 -14.65 -6.11 -28.70
N LEU D 664 -15.85 -6.69 -28.64
CA LEU D 664 -16.42 -7.08 -27.36
C LEU D 664 -15.61 -8.19 -26.70
N THR D 665 -15.15 -9.17 -27.48
CA THR D 665 -14.49 -10.34 -26.90
C THR D 665 -12.97 -10.15 -26.79
N PHE D 666 -12.30 -9.95 -27.92
CA PHE D 666 -10.84 -9.93 -27.92
C PHE D 666 -10.29 -8.71 -27.17
N VAL D 667 -10.83 -7.52 -27.46
CA VAL D 667 -10.27 -6.31 -26.88
C VAL D 667 -10.66 -6.20 -25.41
N LEU D 668 -11.93 -6.46 -25.08
CA LEU D 668 -12.46 -6.19 -23.75
C LEU D 668 -12.40 -7.40 -22.83
N LEU D 669 -13.05 -8.50 -23.21
CA LEU D 669 -13.31 -9.59 -22.27
C LEU D 669 -12.02 -10.30 -21.86
N LEU D 670 -11.14 -10.60 -22.81
CA LEU D 670 -9.95 -11.38 -22.47
C LEU D 670 -9.00 -10.60 -21.57
N ASN D 671 -8.72 -9.34 -21.92
CA ASN D 671 -7.82 -8.55 -21.09
C ASN D 671 -8.47 -8.20 -19.76
N MET D 672 -9.80 -8.03 -19.74
CA MET D 672 -10.50 -7.88 -18.49
C MET D 672 -10.33 -9.10 -17.59
N LEU D 673 -10.45 -10.30 -18.15
CA LEU D 673 -10.25 -11.50 -17.37
C LEU D 673 -8.81 -11.58 -16.86
N ILE D 674 -7.86 -11.14 -17.69
CA ILE D 674 -6.47 -11.07 -17.24
C ILE D 674 -6.35 -10.18 -16.01
N ALA D 675 -6.96 -8.99 -16.06
CA ALA D 675 -6.86 -8.06 -14.94
C ALA D 675 -7.52 -8.60 -13.69
N LEU D 676 -8.74 -9.14 -13.82
CA LEU D 676 -9.45 -9.68 -12.68
C LEU D 676 -8.68 -10.84 -12.05
N MET D 677 -8.13 -11.72 -12.88
CA MET D 677 -7.39 -12.85 -12.36
C MET D 677 -6.09 -12.40 -11.72
N GLY D 678 -5.49 -11.32 -12.22
CA GLY D 678 -4.33 -10.77 -11.55
C GLY D 678 -4.64 -10.27 -10.16
N GLU D 679 -5.74 -9.51 -10.04
CA GLU D 679 -6.16 -9.03 -8.72
C GLU D 679 -6.44 -10.20 -7.78
N THR D 680 -7.17 -11.21 -8.26
CA THR D 680 -7.47 -12.37 -7.43
C THR D 680 -6.21 -13.12 -7.03
N VAL D 681 -5.27 -13.24 -7.97
CA VAL D 681 -4.01 -13.93 -7.71
C VAL D 681 -3.26 -13.23 -6.58
N GLU D 682 -3.14 -11.90 -6.66
CA GLU D 682 -2.47 -11.17 -5.59
C GLU D 682 -3.20 -11.38 -4.26
N ASN D 683 -4.52 -11.24 -4.28
CA ASN D 683 -5.29 -11.28 -3.03
C ASN D 683 -5.16 -12.62 -2.32
N VAL D 684 -5.28 -13.72 -3.08
CA VAL D 684 -5.28 -15.03 -2.42
C VAL D 684 -3.88 -15.65 -2.41
N SER D 685 -2.90 -14.96 -3.00
CA SER D 685 -1.51 -15.35 -2.79
C SER D 685 -0.99 -14.70 -1.52
N LYS D 686 -1.59 -13.59 -1.11
CA LYS D 686 -1.32 -13.05 0.21
C LYS D 686 -1.75 -14.01 1.32
N GLU D 687 -2.69 -14.92 1.03
CA GLU D 687 -3.27 -15.81 2.04
C GLU D 687 -3.31 -17.26 1.55
N SER D 688 -2.20 -17.79 1.04
CA SER D 688 -2.18 -19.15 0.53
C SER D 688 -1.45 -20.13 1.44
N GLU D 689 -0.50 -19.66 2.25
CA GLU D 689 0.24 -20.54 3.14
C GLU D 689 -0.69 -21.18 4.16
N ARG D 690 -1.65 -20.41 4.69
CA ARG D 690 -2.60 -20.96 5.65
C ARG D 690 -3.44 -22.07 5.02
N ILE D 691 -3.89 -21.86 3.78
CA ILE D 691 -4.69 -22.88 3.11
C ILE D 691 -3.86 -24.13 2.87
N TRP D 692 -2.60 -23.96 2.46
CA TRP D 692 -1.74 -25.13 2.25
C TRP D 692 -1.52 -25.89 3.55
N ARG D 693 -1.28 -25.17 4.65
CA ARG D 693 -1.10 -25.83 5.94
C ARG D 693 -2.36 -26.57 6.37
N LEU D 694 -3.53 -25.98 6.12
CA LEU D 694 -4.79 -26.64 6.47
C LEU D 694 -4.97 -27.91 5.65
N GLN D 695 -4.66 -27.86 4.36
CA GLN D 695 -4.76 -29.07 3.53
C GLN D 695 -3.80 -30.15 4.01
N ARG D 696 -2.57 -29.76 4.35
CA ARG D 696 -1.60 -30.74 4.84
C ARG D 696 -2.08 -31.36 6.15
N ALA D 697 -2.63 -30.55 7.05
CA ALA D 697 -3.14 -31.07 8.32
C ALA D 697 -4.31 -32.02 8.09
N ARG D 698 -5.21 -31.68 7.16
CA ARG D 698 -6.31 -32.57 6.83
C ARG D 698 -5.81 -33.90 6.29
N THR D 699 -4.81 -33.87 5.41
CA THR D 699 -4.25 -35.11 4.89
C THR D 699 -3.61 -35.94 5.99
N ILE D 700 -2.87 -35.29 6.90
CA ILE D 700 -2.22 -36.00 7.99
C ILE D 700 -3.27 -36.66 8.88
N LEU D 701 -4.34 -35.94 9.21
CA LEU D 701 -5.38 -36.51 10.06
C LEU D 701 -6.11 -37.65 9.37
N GLU D 702 -6.35 -37.52 8.06
CA GLU D 702 -6.99 -38.62 7.33
C GLU D 702 -6.13 -39.86 7.34
N PHE D 703 -4.82 -39.71 7.10
CA PHE D 703 -3.92 -40.86 7.13
C PHE D 703 -3.84 -41.46 8.53
N GLU D 704 -3.87 -40.61 9.56
CA GLU D 704 -3.85 -41.09 10.94
C GLU D 704 -5.10 -41.91 11.25
N LYS D 705 -6.26 -41.45 10.77
CA LYS D 705 -7.50 -42.19 11.00
C LYS D 705 -7.52 -43.48 10.20
N MET D 706 -6.85 -43.51 9.04
CA MET D 706 -6.86 -44.70 8.20
C MET D 706 -6.07 -45.84 8.83
N LEU D 707 -5.20 -45.54 9.80
CA LEU D 707 -4.34 -46.55 10.39
C LEU D 707 -5.16 -47.59 11.14
N PRO D 708 -4.68 -48.83 11.22
CA PRO D 708 -5.40 -49.87 11.95
C PRO D 708 -5.22 -49.71 13.46
N GLU D 709 -5.83 -50.63 14.21
CA GLU D 709 -5.88 -50.49 15.66
C GLU D 709 -4.50 -50.63 16.30
N TRP D 710 -3.75 -51.67 15.92
CA TRP D 710 -2.49 -51.94 16.59
C TRP D 710 -1.42 -50.91 16.20
N LEU D 711 -1.51 -50.36 14.99
CA LEU D 711 -0.53 -49.36 14.58
C LEU D 711 -0.74 -48.04 15.30
N ARG D 712 -1.99 -47.71 15.62
CA ARG D 712 -2.27 -46.48 16.35
C ARG D 712 -1.67 -46.52 17.75
N SER D 713 -1.77 -47.68 18.42
CA SER D 713 -1.20 -47.80 19.76
C SER D 713 0.31 -47.70 19.73
N ARG D 714 0.95 -48.30 18.73
CA ARG D 714 2.41 -48.21 18.61
C ARG D 714 2.86 -46.79 18.34
N PHE D 715 2.17 -46.07 17.47
CA PHE D 715 2.52 -44.70 17.14
C PHE D 715 2.06 -43.69 18.19
N ARG D 716 1.28 -44.13 19.18
CA ARG D 716 0.86 -43.25 20.25
C ARG D 716 2.07 -42.83 21.08
N MET D 717 2.47 -41.57 20.95
CA MET D 717 3.66 -41.05 21.61
C MET D 717 3.25 -40.10 22.73
N GLY D 718 3.84 -40.31 23.91
CA GLY D 718 3.56 -39.48 25.06
C GLY D 718 4.05 -40.12 26.34
N GLU D 719 4.66 -39.33 27.21
CA GLU D 719 5.21 -39.82 28.47
C GLU D 719 4.21 -39.59 29.59
N LEU D 720 3.93 -40.64 30.36
CA LEU D 720 3.00 -40.53 31.46
C LEU D 720 3.63 -39.75 32.61
N CYS D 721 2.80 -39.01 33.33
CA CYS D 721 3.26 -38.23 34.47
C CYS D 721 2.35 -38.42 35.67
N ARG D 729 -3.04 -38.79 32.89
CA ARG D 729 -2.42 -37.72 32.13
C ARG D 729 -1.39 -38.26 31.15
N LEU D 730 -1.28 -37.63 29.98
CA LEU D 730 -0.33 -38.02 28.94
C LEU D 730 0.43 -36.76 28.54
N CYS D 731 1.50 -36.46 29.26
CA CYS D 731 2.29 -35.26 28.99
C CYS D 731 3.19 -35.47 27.79
N LEU D 732 3.47 -34.36 27.09
CA LEU D 732 4.37 -34.35 25.95
C LEU D 732 5.46 -33.32 26.19
N ARG D 733 6.72 -33.72 26.02
CA ARG D 733 7.85 -32.84 26.29
C ARG D 733 8.21 -32.08 25.02
N ILE D 734 8.22 -30.75 25.11
CA ILE D 734 8.51 -29.88 23.97
C ILE D 734 9.63 -28.94 24.38
N ASN D 735 10.67 -28.86 23.56
CA ASN D 735 11.79 -27.95 23.77
C ASN D 735 11.65 -26.78 22.80
N GLU D 736 11.53 -25.57 23.35
CA GLU D 736 11.29 -24.38 22.54
C GLU D 736 12.36 -23.34 22.80
N VAL D 737 12.82 -22.70 21.72
CA VAL D 737 13.77 -21.61 21.78
C VAL D 737 13.14 -20.38 21.15
N LYS D 738 13.11 -19.28 21.90
CA LYS D 738 12.54 -18.01 21.43
C LYS D 738 13.62 -16.94 21.63
N TRP D 739 14.50 -16.81 20.64
CA TRP D 739 15.61 -15.87 20.76
C TRP D 739 15.12 -14.43 20.79
N THR D 740 14.14 -14.09 19.95
CA THR D 740 13.60 -12.74 19.94
C THR D 740 12.94 -12.40 21.27
N GLU D 741 12.12 -13.32 21.79
CA GLU D 741 11.46 -13.07 23.07
C GLU D 741 12.47 -12.94 24.20
N TRP D 742 13.50 -13.81 24.21
CA TRP D 742 14.52 -13.74 25.24
C TRP D 742 15.29 -12.43 25.17
N LYS D 743 15.63 -11.98 23.96
CA LYS D 743 16.34 -10.72 23.81
C LYS D 743 15.48 -9.54 24.26
N THR D 744 14.20 -9.55 23.90
CA THR D 744 13.31 -8.46 24.31
C THR D 744 13.14 -8.44 25.83
N HIS D 745 13.08 -9.61 26.45
CA HIS D 745 12.94 -9.67 27.91
C HIS D 745 14.22 -9.24 28.61
N VAL D 746 15.38 -9.57 28.03
CA VAL D 746 16.64 -9.27 28.69
C VAL D 746 17.13 -7.85 28.40
N SER D 747 16.61 -7.20 27.37
CA SER D 747 17.03 -5.84 27.07
C SER D 747 16.44 -4.80 28.01
N PHE D 748 15.47 -5.19 28.84
CA PHE D 748 14.85 -4.26 29.77
C PHE D 748 15.81 -3.90 30.90
C33 6OU E . 40.68 -10.20 -19.36
C34 6OU E . 39.41 -10.57 -20.10
C35 6OU E . 39.02 -12.03 -19.90
C36 6OU E . 37.77 -12.41 -20.66
C37 6OU E . 37.41 -13.89 -20.54
C38 6OU E . 36.72 -14.24 -19.23
C39 6OU E . 35.75 -13.17 -18.73
C40 6OU E . 35.00 -13.62 -17.51
C41 6OU E . 34.22 -14.70 -17.40
C42 6OU E . 33.46 -15.16 -16.19
C43 6OU E . 31.96 -15.26 -16.45
C20 6OU F . 6.45 -34.31 -31.26
C21 6OU F . 7.54 -34.56 -32.29
O22 6OU F . 7.32 -33.90 -33.52
P23 6OU F . 6.44 -34.70 -34.65
O24 6OU F . 6.45 -33.92 -35.93
O25 6OU F . 5.12 -35.14 -34.10
O26 6OU F . 7.48 -35.96 -34.76
C27 6OU F . 7.03 -37.03 -35.56
C28 6OU F . 8.13 -37.53 -36.48
N29 6OU F . 7.99 -37.00 -37.82
O30 6OU F . 6.85 -33.30 -30.30
C31 6OU F . 6.36 -32.06 -30.42
O32 6OU F . 5.82 -31.65 -31.41
C33 6OU F . 6.58 -31.28 -29.16
C34 6OU F . 5.99 -29.88 -29.20
C35 6OU F . 6.21 -29.10 -27.91
C36 6OU F . 6.43 -29.98 -26.69
C37 6OU F . 6.96 -29.21 -25.49
C38 6OU F . 6.15 -27.97 -25.16
C39 6OU F . 6.75 -27.14 -24.03
C40 6OU F . 5.99 -25.87 -23.79
C33 6OU G . 21.89 -26.02 -25.04
C34 6OU G . 20.87 -25.24 -25.84
C35 6OU G . 20.80 -23.77 -25.41
C36 6OU G . 19.89 -22.93 -26.28
C37 6OU G . 19.70 -21.51 -25.78
C38 6OU G . 19.29 -21.46 -24.31
C39 6OU G . 18.81 -20.08 -23.87
C40 6OU G . 18.24 -20.10 -22.49
C41 6OU G . 18.51 -19.28 -21.47
C42 6OU G . 19.46 -18.11 -21.47
C43 6OU G . 18.74 -16.80 -21.17
C33 6OU H . 7.87 -38.56 -28.18
C34 6OU H . 6.84 -37.51 -27.78
C35 6OU H . 7.48 -36.24 -27.25
C36 6OU H . 6.45 -35.18 -26.89
C37 6OU H . 7.07 -33.87 -26.41
C38 6OU H . 7.84 -34.00 -25.11
C39 6OU H . 7.96 -32.68 -24.36
C40 6OU H . 8.66 -32.83 -23.03
C41 6OU H . 9.56 -32.03 -22.49
C42 6OU H . 10.12 -30.76 -23.04
C43 6OU H . 9.78 -29.55 -22.17
C33 6OU I . 9.98 -28.54 -17.17
C34 6OU I . 9.85 -27.80 -15.85
C35 6OU I . 9.89 -28.74 -14.66
C36 6OU I . 9.75 -28.02 -13.32
C37 6OU I . 9.81 -28.95 -12.12
C38 6OU I . 9.56 -28.27 -10.78
C39 6OU I . 9.45 -26.75 -10.84
C40 6OU I . 8.92 -26.18 -9.57
C41 6OU I . 9.51 -25.32 -8.74
C42 6OU I . 10.88 -24.70 -8.88
C43 6OU I . 10.83 -23.20 -8.63
C33 6OU J . 29.04 -3.71 -21.59
C34 6OU J . 30.02 -3.03 -20.66
C35 6OU J . 31.03 -2.17 -21.41
C36 6OU J . 32.09 -1.56 -20.50
C37 6OU J . 31.87 -0.09 -20.18
C38 6OU J . 30.81 0.14 -19.11
C39 6OU J . 30.52 1.62 -18.86
C40 6OU J . 29.51 1.84 -17.78
C41 6OU J . 29.72 2.41 -16.59
C42 6OU J . 28.71 2.62 -15.50
C43 6OU J . 28.76 4.05 -14.97
C10 6OU K . 23.32 -10.37 -33.51
C11 6OU K . 23.83 -11.51 -34.38
C12 6OU K . 23.78 -11.21 -35.88
C13 6OU K . 24.50 -12.28 -36.70
C14 6OU K . 24.49 -12.03 -38.20
C15 6OU K . 25.24 -13.13 -38.94
C16 6OU K . 25.70 -12.78 -40.32
O17 6OU K . 26.78 -12.31 -40.60
O18 6OU K . 24.76 -13.02 -41.22
C19 6OU K . 25.08 -12.95 -42.59
C20 6OU K . 23.93 -12.34 -43.34
C21 6OU K . 23.67 -12.92 -44.72
O22 6OU K . 22.89 -12.08 -45.55
P23 6OU K . 22.48 -12.67 -47.03
O24 6OU K . 21.19 -12.06 -47.47
O25 6OU K . 23.66 -12.61 -47.96
O26 6OU K . 22.23 -14.19 -46.49
C27 6OU K . 22.17 -15.19 -47.49
O30 6OU K . 24.19 -10.93 -43.39
C31 6OU K . 23.27 -10.08 -42.95
O32 6OU K . 22.08 -10.27 -43.03
C33 6OU K . 23.92 -8.86 -42.35
C34 6OU K . 23.75 -8.75 -40.84
C35 6OU K . 22.53 -7.93 -40.43
C36 6OU K . 22.45 -7.71 -38.93
C37 6OU K . 21.37 -6.72 -38.52
C09 6OU L . -19.04 -38.46 -16.56
C10 6OU L . -20.01 -38.97 -17.60
C11 6OU L . -19.31 -39.63 -18.78
C12 6OU L . -20.27 -40.21 -19.82
C13 6OU L . -19.53 -40.82 -21.01
C14 6OU L . -20.44 -41.26 -22.14
C15 6OU L . -19.64 -41.71 -23.35
C16 6OU L . -20.27 -41.38 -24.67
O17 6OU L . -20.47 -42.14 -25.58
O18 6OU L . -20.57 -40.09 -24.71
C19 6OU L . -21.39 -39.59 -25.75
C20 6OU L . -20.80 -38.28 -26.24
C21 6OU L . -20.20 -38.30 -27.64
O22 6OU L . -21.14 -38.63 -28.65
P23 6OU L . -21.18 -40.18 -29.19
O24 6OU L . -22.45 -40.84 -28.72
O25 6OU L . -19.88 -40.88 -28.95
O26 6OU L . -21.34 -39.75 -30.76
C27 6OU L . -21.65 -40.81 -31.65
C28 6OU L . -21.55 -40.35 -33.09
N29 6OU L . -22.42 -39.24 -33.39
O30 6OU L . -19.83 -37.89 -25.26
C31 6OU L . -19.94 -36.70 -24.66
O32 6OU L . -20.61 -35.80 -25.09
C33 6OU L . -19.12 -36.66 -23.39
C34 6OU L . -19.53 -35.55 -22.45
C35 6OU L . -18.93 -35.73 -21.05
C36 6OU L . -19.39 -34.67 -20.07
C33 6OU M . -21.23 -29.52 -29.65
C34 6OU M . -20.82 -29.88 -28.23
C35 6OU M . -19.98 -28.77 -27.58
C36 6OU M . -19.61 -29.10 -26.14
C37 6OU M . -18.80 -28.01 -25.47
C38 6OU M . -18.33 -28.39 -24.07
C39 6OU M . -17.27 -27.45 -23.50
C40 6OU M . -16.46 -28.11 -22.43
C41 6OU M . -16.34 -27.74 -21.15
C42 6OU M . -16.97 -26.58 -20.46
C43 6OU M . -15.97 -25.81 -19.59
C09 6OU N . 24.84 -30.00 -24.47
C10 6OU N . 24.74 -31.33 -25.20
C11 6OU N . 24.73 -31.16 -26.72
C12 6OU N . 24.70 -32.48 -27.49
C13 6OU N . 24.64 -32.27 -28.99
C14 6OU N . 24.45 -33.55 -29.78
C15 6OU N . 24.24 -33.26 -31.27
C16 6OU N . 23.28 -34.19 -31.95
O17 6OU N . 23.49 -34.80 -32.96
O18 6OU N . 22.15 -34.24 -31.26
C19 6OU N . 21.18 -35.23 -31.58
C20 6OU N . 19.81 -34.59 -31.58
C21 6OU N . 19.13 -34.47 -32.94
O22 6OU N . 18.90 -35.71 -33.57
P23 6OU N . 19.97 -36.21 -34.71
O24 6OU N . 20.77 -37.37 -34.18
O25 6OU N . 20.70 -35.06 -35.31
O26 6OU N . 18.81 -36.76 -35.73
C27 6OU N . 19.28 -37.53 -36.82
C28 6OU N . 18.16 -37.79 -37.82
N29 6OU N . 17.05 -38.49 -37.22
O30 6OU N . 19.97 -33.32 -30.95
C31 6OU N . 19.25 -33.01 -29.87
O32 6OU N . 18.24 -33.60 -29.56
C33 6OU N . 19.85 -31.85 -29.13
C34 6OU N . 19.36 -31.73 -27.70
C35 6OU N . 20.22 -30.78 -26.87
C36 6OU N . 19.79 -30.71 -25.41
C33 6OU O . 10.52 -34.42 -30.09
C34 6OU O . 11.54 -33.67 -29.26
C35 6OU O . 10.92 -32.48 -28.52
C36 6OU O . 11.93 -31.75 -27.64
C37 6OU O . 11.33 -30.59 -26.88
C38 6OU O . 12.37 -29.79 -26.10
C39 6OU O . 11.84 -28.45 -25.58
C40 6OU O . 12.95 -27.49 -25.32
C41 6OU O . 13.28 -26.91 -24.15
C42 6OU O . 12.61 -27.07 -22.83
C43 6OU O . 12.40 -25.73 -22.13
C33 6OU P . -0.64 30.11 -35.03
C34 6OU P . -0.70 28.62 -35.35
C35 6OU P . 0.66 28.05 -35.73
C36 6OU P . 0.60 26.57 -36.07
C37 6OU P . 1.94 26.00 -36.52
C38 6OU P . 2.90 25.70 -35.39
C39 6OU P . 2.22 25.14 -34.14
C40 6OU P . 3.21 24.73 -33.09
C41 6OU P . 4.20 23.84 -33.22
C42 6OU P . 5.20 23.43 -32.19
C43 6OU P . 5.14 21.93 -31.91
C20 6OU Q . 14.03 -9.97 -43.58
C21 6OU Q . 13.73 -9.33 -44.92
O22 6OU Q . 12.55 -9.78 -45.53
P23 6OU Q . 12.67 -11.11 -46.50
O24 6OU Q . 11.34 -11.35 -47.18
O25 6OU Q . 13.32 -12.24 -45.79
O26 6OU Q . 13.70 -10.40 -47.55
C27 6OU Q . 14.23 -11.26 -48.54
C28 6OU Q . 14.20 -10.62 -49.91
N29 6OU Q . 13.07 -11.06 -50.69
O30 6OU Q . 13.64 -9.13 -42.48
C31 6OU Q . 12.51 -9.38 -41.83
O32 6OU Q . 11.65 -10.12 -42.24
C33 6OU Q . 12.46 -8.65 -40.52
C34 6OU Q . 11.23 -8.95 -39.69
C35 6OU Q . 11.20 -8.20 -38.36
C36 6OU Q . 12.58 -7.79 -37.86
C37 6OU Q . 12.52 -6.78 -36.72
C38 6OU Q . 11.60 -7.20 -35.59
C39 6OU Q . 11.46 -6.14 -34.50
C40 6OU Q . 10.47 -6.54 -33.44
C33 6OU R . 10.07 7.88 -40.24
C34 6OU R . 8.99 6.83 -40.16
C35 6OU R . 7.94 7.17 -39.10
C36 6OU R . 6.77 6.20 -39.09
C37 6OU R . 5.79 6.45 -37.95
C38 6OU R . 6.48 6.52 -36.59
C39 6OU R . 5.51 6.47 -35.41
C40 6OU R . 6.22 6.36 -34.11
C41 6OU R . 6.01 7.08 -33.00
C42 6OU R . 5.01 8.18 -32.80
C43 6OU R . 4.02 7.85 -31.68
C33 6OU S . 19.26 -8.49 -43.58
C34 6OU S . 18.55 -9.14 -42.41
C35 6OU S . 17.72 -8.14 -41.61
C36 6OU S . 16.97 -8.79 -40.46
C37 6OU S . 16.08 -7.83 -39.68
C38 6OU S . 16.86 -6.72 -38.97
C39 6OU S . 16.09 -6.14 -37.79
C40 6OU S . 16.89 -5.11 -37.04
C41 6OU S . 16.48 -3.95 -36.55
C42 6OU S . 15.10 -3.36 -36.61
C43 6OU S . 14.49 -3.19 -35.21
C33 6OU T . 16.13 -1.27 -30.78
C34 6OU T . 16.15 -0.85 -29.32
C35 6OU T . 17.56 -0.62 -28.81
C36 6OU T . 17.61 -0.21 -27.34
C37 6OU T . 19.02 0.05 -26.83
C38 6OU T . 19.10 0.35 -25.34
C39 6OU T . 17.75 0.51 -24.64
C40 6OU T . 17.90 0.51 -23.15
C41 6OU T . 17.57 1.49 -22.30
C42 6OU T . 16.98 2.83 -22.61
C43 6OU T . 15.80 3.14 -21.69
C33 6OU U . -7.44 19.76 -29.63
C34 6OU U . -7.56 21.09 -28.91
C35 6OU U . -8.68 21.96 -29.47
C36 6OU U . -8.74 23.34 -28.84
C37 6OU U . -9.85 23.50 -27.81
C38 6OU U . -9.52 22.89 -26.46
C39 6OU U . -10.68 22.97 -25.46
C40 6OU U . -10.32 22.40 -24.12
C41 6OU U . -10.22 23.06 -22.97
C42 6OU U . -9.87 22.50 -21.63
C43 6OU U . -10.84 22.98 -20.55
C10 6OU V . -7.70 9.51 -40.30
C11 6OU V . -7.15 9.50 -41.73
C12 6OU V . -8.16 9.06 -42.78
C13 6OU V . -7.65 9.28 -44.20
C14 6OU V . -8.61 8.85 -45.29
C15 6OU V . -8.03 9.12 -46.67
C16 6OU V . -9.02 9.19 -47.78
O17 6OU V . -9.56 10.20 -48.19
O18 6OU V . -9.26 7.99 -48.29
C19 6OU V . -10.02 7.88 -49.48
C20 6OU V . -10.93 6.68 -49.39
C21 6OU V . -11.12 5.91 -50.68
O22 6OU V . -12.26 5.08 -50.68
P23 6OU V . -12.50 4.14 -52.00
O24 6OU V . -13.26 2.91 -51.61
O25 6OU V . -13.01 4.96 -53.15
O26 6OU V . -10.92 3.79 -52.18
C27 6OU V . -10.56 3.23 -53.44
O30 6OU V . -12.17 7.17 -48.87
C31 6OU V . -12.69 6.61 -47.78
O32 6OU V . -12.58 5.44 -47.51
C33 6OU V . -13.43 7.63 -46.96
C34 6OU V . -12.77 7.95 -45.63
C35 6OU V . -13.29 7.09 -44.48
C36 6OU V . -12.73 7.52 -43.13
C37 6OU V . -13.38 6.83 -41.95
C09 6OU W . 13.82 10.07 -42.70
C10 6OU W . 14.60 9.51 -43.88
C11 6OU W . 13.70 9.06 -45.02
C12 6OU W . 14.45 8.56 -46.24
C13 6OU W . 13.52 8.08 -47.34
C14 6OU W . 14.23 7.41 -48.51
C15 6OU W . 13.22 6.81 -49.49
C16 6OU W . 13.68 5.54 -50.13
O17 6OU W . 13.71 5.30 -51.32
O18 6OU W . 14.07 4.68 -49.20
C19 6OU W . 14.76 3.50 -49.58
C20 6OU W . 14.20 2.34 -48.78
C21 6OU W . 13.41 1.31 -49.58
O22 6OU W . 14.16 0.67 -50.58
P23 6OU W . 14.03 1.22 -52.12
O24 6OU W . 15.30 1.91 -52.52
O25 6OU W . 12.73 1.94 -52.33
O26 6OU W . 13.98 -0.28 -52.78
C27 6OU W . 14.10 -0.32 -54.19
C28 6OU W . 13.82 -1.71 -54.71
N29 6OU W . 14.72 -2.70 -54.16
O30 6OU W . 13.41 2.92 -47.73
C31 6OU W . 13.68 2.63 -46.46
O32 6OU W . 14.34 1.68 -46.12
C33 6OU W . 13.06 3.64 -45.53
C34 6OU W . 13.67 3.64 -44.14
C35 6OU W . 13.27 4.87 -43.34
C36 6OU W . 13.93 4.94 -41.97
C33 6OU X . 14.74 -5.84 -44.15
C34 6OU X . 14.51 -4.49 -43.50
C35 6OU X . 13.85 -4.62 -42.12
C36 6OU X . 13.66 -3.28 -41.44
C37 6OU X . 13.04 -3.39 -40.06
C38 6OU X . 12.75 -2.03 -39.43
C39 6OU X . 11.84 -2.11 -38.20
C40 6OU X . 11.15 -0.82 -37.94
C41 6OU X . 11.24 -0.04 -36.85
C42 6OU X . 12.04 -0.29 -35.61
C43 6OU X . 11.23 -0.02 -34.34
C33 6OU Y . -43.62 -5.80 -14.04
C34 6OU Y . -42.50 -6.23 -14.97
C35 6OU Y . -42.19 -5.19 -16.03
C36 6OU Y . -41.08 -5.62 -16.98
C37 6OU Y . -40.81 -4.62 -18.09
C38 6OU Y . -39.97 -3.43 -17.66
C39 6OU Y . -38.86 -3.79 -16.66
C40 6OU Y . -37.98 -2.61 -16.37
C41 6OU Y . -37.26 -1.89 -17.24
C42 6OU Y . -36.38 -0.72 -16.96
C43 6OU Y . -34.94 -0.96 -17.41
C20 6OU Z . -13.15 -2.19 -44.92
C21 6OU Z . -14.39 -2.76 -45.59
O22 6OU Z . -14.31 -4.13 -45.87
P23 6OU Z . -13.65 -4.57 -47.31
O24 6OU Z . -13.79 -6.06 -47.50
O25 6OU Z . -12.31 -3.95 -47.50
O26 6OU Z . -14.78 -3.79 -48.21
C27 6OU Z . -14.53 -3.77 -49.60
C28 6OU Z . -15.77 -4.09 -50.39
N29 6OU Z . -15.79 -5.48 -50.83
O30 6OU Z . -13.34 -2.06 -43.50
C31 6OU Z . -12.80 -2.96 -42.68
O32 6OU Z . -12.38 -4.02 -43.05
C33 6OU Z . -12.78 -2.46 -41.26
C34 6OU Z . -12.11 -3.41 -40.29
C35 6OU Z . -12.09 -2.89 -38.86
C36 6OU Z . -12.19 -1.37 -38.75
C37 6OU Z . -12.49 -0.89 -37.34
C38 6OU Z . -11.56 -1.48 -36.30
C39 6OU Z . -11.93 -1.08 -34.87
C40 6OU Z . -11.06 -1.74 -33.85
C33 6OU AA . -26.95 -1.54 -32.47
C34 6OU AA . -26.00 -2.72 -32.51
C35 6OU AA . -25.78 -3.31 -31.11
C36 6OU AA . -24.94 -4.57 -31.13
C37 6OU AA . -24.59 -5.10 -29.75
C38 6OU AA . -23.96 -4.02 -28.86
C39 6OU AA . -23.34 -4.57 -27.58
C40 6OU AA . -22.58 -3.53 -26.84
C41 6OU AA . -22.65 -3.24 -25.53
C42 6OU AA . -23.50 -3.91 -24.49
C43 6OU AA . -22.66 -4.55 -23.39
C33 6OU BA . -14.40 2.97 -46.11
C34 6OU BA . -13.26 2.54 -45.21
C35 6OU BA . -13.73 2.20 -43.80
C36 6OU BA . -12.60 1.74 -42.90
C37 6OU BA . -13.04 1.33 -41.50
C38 6OU BA . -13.64 2.48 -40.69
C39 6OU BA . -13.56 2.23 -39.19
C40 6OU BA . -14.06 3.40 -38.39
C41 6OU BA . -14.82 3.38 -37.31
C42 6OU BA . -15.37 2.19 -36.59
C43 6OU BA . -14.82 2.08 -35.16
C33 6OU CA . -14.25 5.33 -31.27
C34 6OU CA . -13.88 5.88 -29.90
C35 6OU CA . -13.81 7.40 -29.89
C36 6OU CA . -13.43 7.97 -28.52
C37 6OU CA . -13.38 9.49 -28.50
C38 6OU CA . -12.90 10.08 -27.18
C39 6OU CA . -12.70 9.07 -26.06
C40 6OU CA . -11.95 9.66 -24.91
C41 6OU CA . -12.36 9.80 -23.65
C42 6OU CA . -13.69 9.40 -23.06
C43 6OU CA . -13.50 8.64 -21.75
C33 6OU DA . -32.00 -12.41 -12.06
C34 6OU DA . -32.79 -12.05 -10.81
C35 6OU DA . -33.83 -13.10 -10.46
C36 6OU DA . -34.71 -12.71 -9.28
C37 6OU DA . -34.34 -13.40 -7.98
C38 6OU DA . -33.13 -12.79 -7.29
C39 6OU DA . -32.71 -13.55 -6.03
C40 6OU DA . -31.55 -12.91 -5.34
C41 6OU DA . -31.54 -12.33 -4.13
C42 6OU DA . -30.38 -11.70 -3.44
C43 6OU DA . -30.25 -12.18 -2.00
C10 6OU EA . -28.50 -17.84 -25.37
C11 6OU EA . -29.20 -17.77 -26.72
C12 6OU EA . -29.36 -19.12 -27.42
C13 6OU EA . -30.25 -19.03 -28.65
C14 6OU EA . -30.44 -20.35 -29.38
C15 6OU EA . -31.36 -20.18 -30.58
C16 6OU EA . -31.99 -21.44 -31.09
O17 6OU EA . -33.06 -21.87 -30.75
O18 6OU EA . -31.20 -22.04 -31.97
C19 6OU EA . -31.71 -23.13 -32.72
C20 6OU EA . -30.63 -24.17 -32.87
C21 6OU EA . -30.61 -24.90 -34.20
O22 6OU EA . -29.90 -26.12 -34.18
P23 6OU EA . -29.75 -26.92 -35.60
O24 6OU EA . -28.50 -27.73 -35.59
O25 6OU EA . -31.04 -27.59 -35.96
O26 6OU EA . -29.53 -25.56 -36.48
C27 6OU EA . -29.68 -25.72 -37.89
O30 6OU EA . -30.80 -25.09 -31.77
C31 6OU EA . -29.77 -25.34 -30.97
O32 6OU EA . -28.62 -25.36 -31.34
C33 6OU EA . -30.25 -25.59 -29.57
C34 6OU EA . -29.85 -24.50 -28.57
C35 6OU EA . -28.54 -24.79 -27.86
C36 6OU EA . -28.23 -23.77 -26.78
C37 6OU EA . -27.04 -24.15 -25.91
C10 6OU FA . 2.52 -37.72 -18.57
C11 6OU FA . 1.77 -38.78 -19.38
C12 6OU FA . 2.59 -39.38 -20.52
C13 6OU FA . 1.90 -40.59 -21.15
C14 6OU FA . 2.67 -41.23 -22.29
C15 6OU FA . 1.91 -42.42 -22.85
C16 6OU FA . 2.74 -43.40 -23.62
O17 6OU FA . 3.28 -44.38 -23.17
O18 6OU FA . 2.82 -43.05 -24.90
C19 6OU FA . 3.39 -43.96 -25.83
C20 6OU FA . 4.22 -43.20 -26.82
C21 6OU FA . 4.18 -43.72 -28.25
O22 6OU FA . 5.25 -43.28 -29.05
P23 6OU FA . 5.23 -43.73 -30.63
O24 6OU FA . 5.95 -42.70 -31.45
O25 6OU FA . 5.62 -45.17 -30.77
O26 6OU FA . 3.62 -43.54 -30.79
C27 6OU FA . 3.04 -44.14 -31.94
O30 6OU FA . 5.56 -43.18 -26.30
C31 6OU FA . 6.19 -42.02 -26.14
O32 6OU FA . 6.03 -41.07 -26.86
C33 6OU FA . 7.11 -42.08 -24.95
C34 6OU FA . 6.67 -41.21 -23.79
C35 6OU FA . 7.28 -39.81 -23.82
C36 6OU FA . 6.94 -39.00 -22.57
C37 6OU FA . 7.71 -37.70 -22.48
C09 6OU GA . -30.05 1.61 -34.78
C10 6OU GA . -30.15 1.87 -36.28
C11 6OU GA . -30.35 0.59 -37.08
C12 6OU GA . -30.52 0.83 -38.58
C13 6OU GA . -30.66 -0.48 -39.36
C14 6OU GA . -30.67 -0.30 -40.87
C15 6OU GA . -30.65 -1.65 -41.58
C16 6OU GA . -29.86 -1.65 -42.86
O17 6OU GA . -30.25 -2.04 -43.93
O18 6OU GA . -28.65 -1.17 -42.64
C19 6OU GA . -27.81 -0.86 -43.74
C20 6OU GA . -26.42 -1.35 -43.44
C21 6OU GA . -25.93 -2.52 -44.28
O22 6OU GA . -25.88 -2.24 -45.66
P23 6OU GA . -27.13 -2.74 -46.60
O24 6OU GA . -27.92 -1.55 -47.06
O25 6OU GA . -27.86 -3.88 -45.97
O26 6OU GA . -26.16 -3.27 -47.82
C27 6OU GA . -26.83 -3.60 -49.02
C28 6OU GA . -25.89 -4.28 -49.99
N29 6OU GA . -24.75 -3.46 -50.33
O30 6OU GA . -26.40 -1.65 -42.04
C31 6OU GA . -25.51 -1.06 -41.25
O32 6OU GA . -24.51 -0.52 -41.65
C33 6OU GA . -25.91 -1.17 -39.80
C34 6OU GA . -25.22 -0.17 -38.89
C35 6OU GA . -25.88 -0.07 -37.53
C36 6OU GA . -25.25 0.98 -36.63
C33 6OU HA . -17.01 -0.94 -43.71
C34 6OU HA . -17.86 -0.70 -42.47
C35 6OU HA . -17.06 -0.92 -41.18
C36 6OU HA . -17.87 -0.63 -39.93
C37 6OU HA . -17.09 -0.81 -38.65
C38 6OU HA . -17.95 -0.63 -37.40
C39 6OU HA . -17.27 -1.11 -36.12
C40 6OU HA . -18.26 -1.44 -35.05
C41 6OU HA . -18.39 -0.88 -33.84
C42 6OU HA . -17.55 0.21 -33.24
C43 6OU HA . -17.14 -0.11 -31.80
C33 6OU IA . -2.30 -46.11 1.63
C34 6OU IA . -2.39 -45.42 0.28
C35 6OU IA . -3.82 -45.27 -0.21
C36 6OU IA . -3.92 -44.61 -1.57
C37 6OU IA . -5.34 -44.51 -2.10
C38 6OU IA . -6.14 -43.37 -1.50
C39 6OU IA . -5.33 -42.10 -1.26
C40 6OU IA . -6.20 -40.96 -0.79
C41 6OU IA . -7.25 -40.43 -1.42
C42 6OU IA . -8.11 -39.31 -0.96
C43 6OU IA . -8.12 -38.15 -1.96
C20 6OU JA . -20.73 -26.52 -32.59
C21 6OU JA . -20.59 -27.99 -32.96
O22 6OU JA . -19.54 -28.25 -33.86
P23 6OU JA . -19.88 -28.16 -35.46
O24 6OU JA . -18.69 -28.63 -36.26
O25 6OU JA . -20.50 -26.85 -35.81
O26 6OU JA . -21.01 -29.35 -35.42
C27 6OU JA . -21.72 -29.54 -36.62
C28 6OU JA . -21.85 -31.00 -36.96
N29 6OU JA . -20.87 -31.41 -37.96
O30 6OU JA . -20.13 -26.23 -31.32
C31 6OU JA . -18.94 -25.64 -31.27
O32 6OU JA . -18.20 -25.56 -32.22
C33 6OU JA . -18.66 -25.09 -29.90
C34 6OU JA . -17.35 -24.34 -29.80
C35 6OU JA . -17.08 -23.79 -28.41
C36 6OU JA . -18.34 -23.57 -27.58
C37 6OU JA . -18.05 -23.32 -26.11
C38 6OU JA . -17.01 -22.24 -25.87
C39 6OU JA . -16.64 -22.08 -24.39
C40 6OU JA . -15.55 -21.07 -24.19
C33 6OU KA . -15.13 -35.43 -17.27
C34 6OU KA . -14.12 -34.78 -18.19
C35 6OU KA . -12.92 -34.25 -17.42
C36 6OU KA . -11.82 -33.71 -18.33
C37 6OU KA . -10.68 -33.05 -17.58
C38 6OU KA . -11.16 -32.00 -16.58
C39 6OU KA . -10.03 -31.12 -16.03
C40 6OU KA . -10.56 -29.99 -15.22
C41 6OU KA . -10.15 -29.60 -14.01
C42 6OU KA . -9.06 -30.20 -13.17
C43 6OU KA . -7.94 -29.20 -12.88
C33 6OU LA . -25.79 -27.10 -30.70
C34 6OU LA . -24.97 -25.83 -30.58
C35 6OU LA . -23.97 -25.90 -29.43
C36 6OU LA . -23.11 -24.65 -29.33
C37 6OU LA . -22.06 -24.71 -28.24
C38 6OU LA . -22.65 -24.80 -26.83
C39 6OU LA . -21.68 -24.31 -25.76
C40 6OU LA . -22.30 -24.32 -24.39
C41 6OU LA . -21.74 -24.70 -23.24
C42 6OU LA . -20.35 -25.20 -23.02
C43 6OU LA . -19.53 -24.28 -22.11
C33 6OU MA . -20.40 -21.94 -17.66
C34 6OU MA . -20.17 -21.07 -16.43
C35 6OU MA . -21.48 -20.72 -15.74
C36 6OU MA . -21.29 -19.84 -14.51
C37 6OU MA . -22.60 -19.51 -13.80
C38 6OU MA . -22.44 -18.54 -12.63
C39 6OU MA . -21.00 -18.19 -12.26
C40 6OU MA . -20.93 -17.03 -11.33
C41 6OU MA . -20.42 -17.00 -10.09
C42 6OU MA . -19.79 -18.13 -9.33
C43 6OU MA . -18.47 -17.70 -8.69
C33 6OU NA . 4.48 -35.88 -4.02
C34 6OU NA . 4.79 -36.16 -2.57
C35 6OU NA . 5.87 -37.22 -2.40
C36 6OU NA . 6.11 -37.60 -0.95
C37 6OU NA . 7.37 -36.99 -0.35
C38 6OU NA . 7.20 -35.54 0.06
C39 6OU NA . 8.48 -34.90 0.57
C40 6OU NA . 8.29 -33.48 1.01
C41 6OU NA . 8.39 -32.99 2.25
C42 6OU NA . 8.20 -31.57 2.69
C43 6OU NA . 9.34 -31.10 3.59
#